data_5HBP
# 
_entry.id   5HBP 
# 
_audit_conform.dict_name       mmcif_pdbx.dic 
_audit_conform.dict_version    5.397 
_audit_conform.dict_location   http://mmcif.pdb.org/dictionaries/ascii/mmcif_pdbx.dic 
# 
loop_
_database_2.database_id 
_database_2.database_code 
_database_2.pdbx_database_accession 
_database_2.pdbx_DOI 
PDB   5HBP         pdb_00005hbp 10.2210/pdb5hbp/pdb 
WWPDB D_1000216795 ?            ?                   
# 
loop_
_pdbx_audit_revision_history.ordinal 
_pdbx_audit_revision_history.data_content_type 
_pdbx_audit_revision_history.major_revision 
_pdbx_audit_revision_history.minor_revision 
_pdbx_audit_revision_history.revision_date 
1 'Structure model' 1 0 2016-08-10 
2 'Structure model' 1 1 2016-09-28 
3 'Structure model' 1 2 2021-09-08 
4 'Structure model' 1 3 2024-01-10 
5 'Structure model' 1 4 2024-10-16 
# 
_pdbx_audit_revision_details.ordinal             1 
_pdbx_audit_revision_details.revision_ordinal    1 
_pdbx_audit_revision_details.data_content_type   'Structure model' 
_pdbx_audit_revision_details.provider            repository 
_pdbx_audit_revision_details.type                'Initial release' 
_pdbx_audit_revision_details.description         ? 
_pdbx_audit_revision_details.details             ? 
# 
loop_
_pdbx_audit_revision_group.ordinal 
_pdbx_audit_revision_group.revision_ordinal 
_pdbx_audit_revision_group.data_content_type 
_pdbx_audit_revision_group.group 
1 2 'Structure model' 'Database references'    
2 3 'Structure model' 'Database references'    
3 3 'Structure model' 'Derived calculations'   
4 4 'Structure model' 'Data collection'        
5 4 'Structure model' 'Refinement description' 
6 5 'Structure model' 'Structure summary'      
# 
loop_
_pdbx_audit_revision_category.ordinal 
_pdbx_audit_revision_category.revision_ordinal 
_pdbx_audit_revision_category.data_content_type 
_pdbx_audit_revision_category.category 
1 3 'Structure model' database_2                    
2 3 'Structure model' struct_conn                   
3 3 'Structure model' struct_ref_seq_dif            
4 4 'Structure model' chem_comp_atom                
5 4 'Structure model' chem_comp_bond                
6 4 'Structure model' pdbx_initial_refinement_model 
7 5 'Structure model' pdbx_entry_details            
8 5 'Structure model' pdbx_modification_feature     
# 
loop_
_pdbx_audit_revision_item.ordinal 
_pdbx_audit_revision_item.revision_ordinal 
_pdbx_audit_revision_item.data_content_type 
_pdbx_audit_revision_item.item 
1 3 'Structure model' '_database_2.pdbx_DOI'                
2 3 'Structure model' '_database_2.pdbx_database_accession' 
3 3 'Structure model' '_struct_conn.pdbx_leaving_atom_flag' 
4 3 'Structure model' '_struct_ref_seq_dif.details'         
# 
_pdbx_database_status.status_code                     REL 
_pdbx_database_status.status_code_sf                  REL 
_pdbx_database_status.status_code_mr                  ? 
_pdbx_database_status.entry_id                        5HBP 
_pdbx_database_status.recvd_initial_deposition_date   2016-01-01 
_pdbx_database_status.SG_entry                        N 
_pdbx_database_status.deposit_site                    RCSB 
_pdbx_database_status.process_site                    PDBE 
_pdbx_database_status.status_code_cs                  ? 
_pdbx_database_status.methods_development_category    ? 
_pdbx_database_status.pdb_format_compatible           Y 
_pdbx_database_status.status_code_nmr_data            ? 
# 
loop_
_audit_author.name 
_audit_author.pdbx_ordinal 
'Eichmann, C.'    1 
'Tzitzilonis, C.' 2 
'Nakamura, T.'    3 
'Kwiatkowski, W.' 4 
'Maslennikov, I.' 5 
'Choe, S.'        6 
'Lipton, S.A.'    7 
'Riek, R.'        8 
# 
_citation.abstract                  ? 
_citation.abstract_id_CAS           ? 
_citation.book_id_ISBN              ? 
_citation.book_publisher            ? 
_citation.book_publisher_city       ? 
_citation.book_title                ? 
_citation.coordinate_linkage        ? 
_citation.country                   UK 
_citation.database_id_Medline       ? 
_citation.details                   ? 
_citation.id                        primary 
_citation.journal_abbrev            J.Mol.Biol. 
_citation.journal_id_ASTM           JMOBAK 
_citation.journal_id_CSD            0070 
_citation.journal_id_ISSN           1089-8638 
_citation.journal_full              ? 
_citation.journal_issue             ? 
_citation.journal_volume            428 
_citation.language                  ? 
_citation.page_first                3737 
_citation.page_last                 3751 
_citation.title                     'S-Nitrosylation Induces Structural and Dynamical Changes in a Rhodanese Family Protein.' 
_citation.year                      2016 
_citation.database_id_CSD           ? 
_citation.pdbx_database_id_DOI      10.1016/j.jmb.2016.07.010 
_citation.pdbx_database_id_PubMed   27473602 
_citation.unpublished_flag          ? 
# 
loop_
_citation_author.citation_id 
_citation_author.name 
_citation_author.ordinal 
_citation_author.identifier_ORCID 
primary 'Eichmann, C.'    1 ? 
primary 'Tzitzilonis, C.' 2 ? 
primary 'Nakamura, T.'    3 ? 
primary 'Kwiatkowski, W.' 4 ? 
primary 'Maslennikov, I.' 5 ? 
primary 'Choe, S.'        6 ? 
primary 'Lipton, S.A.'    7 ? 
primary 'Riek, R.'        8 ? 
# 
loop_
_entity.id 
_entity.type 
_entity.src_method 
_entity.pdbx_description 
_entity.formula_weight 
_entity.pdbx_number_of_molecules 
_entity.pdbx_ec 
_entity.pdbx_mutation 
_entity.pdbx_fragment 
_entity.details 
1 polymer man 'Inner membrane protein YgaP' 14075.828 1   ? ? ? ? 
2 water   nat water                         18.015    147 ? ? ? ? 
# 
_entity_poly.entity_id                      1 
_entity_poly.type                           'polypeptide(L)' 
_entity_poly.nstd_linkage                   no 
_entity_poly.nstd_monomer                   yes 
_entity_poly.pdbx_seq_one_letter_code       
;MKSSHHHHHHENLYFQSNAALTTISPHDAQELIARGAKLIDIRDADEYLREHIPEADLAPLSVLEQSGLPAKLRHEQIIF
H(SNC)QAGKRTSNNADKLAAIAAPAEIFLLEDGIDGWKKAGLPVAVNKSQ
;
_entity_poly.pdbx_seq_one_letter_code_can   
;MKSSHHHHHHENLYFQSNAALTTISPHDAQELIARGAKLIDIRDADEYLREHIPEADLAPLSVLEQSGLPAKLRHEQIIF
HCQAGKRTSNNADKLAAIAAPAEIFLLEDGIDGWKKAGLPVAVNKSQ
;
_entity_poly.pdbx_strand_id                 A 
_entity_poly.pdbx_target_identifier         ? 
# 
_pdbx_entity_nonpoly.entity_id   2 
_pdbx_entity_nonpoly.name        water 
_pdbx_entity_nonpoly.comp_id     HOH 
# 
loop_
_entity_poly_seq.entity_id 
_entity_poly_seq.num 
_entity_poly_seq.mon_id 
_entity_poly_seq.hetero 
1 1   MET n 
1 2   LYS n 
1 3   SER n 
1 4   SER n 
1 5   HIS n 
1 6   HIS n 
1 7   HIS n 
1 8   HIS n 
1 9   HIS n 
1 10  HIS n 
1 11  GLU n 
1 12  ASN n 
1 13  LEU n 
1 14  TYR n 
1 15  PHE n 
1 16  GLN n 
1 17  SER n 
1 18  ASN n 
1 19  ALA n 
1 20  ALA n 
1 21  LEU n 
1 22  THR n 
1 23  THR n 
1 24  ILE n 
1 25  SER n 
1 26  PRO n 
1 27  HIS n 
1 28  ASP n 
1 29  ALA n 
1 30  GLN n 
1 31  GLU n 
1 32  LEU n 
1 33  ILE n 
1 34  ALA n 
1 35  ARG n 
1 36  GLY n 
1 37  ALA n 
1 38  LYS n 
1 39  LEU n 
1 40  ILE n 
1 41  ASP n 
1 42  ILE n 
1 43  ARG n 
1 44  ASP n 
1 45  ALA n 
1 46  ASP n 
1 47  GLU n 
1 48  TYR n 
1 49  LEU n 
1 50  ARG n 
1 51  GLU n 
1 52  HIS n 
1 53  ILE n 
1 54  PRO n 
1 55  GLU n 
1 56  ALA n 
1 57  ASP n 
1 58  LEU n 
1 59  ALA n 
1 60  PRO n 
1 61  LEU n 
1 62  SER n 
1 63  VAL n 
1 64  LEU n 
1 65  GLU n 
1 66  GLN n 
1 67  SER n 
1 68  GLY n 
1 69  LEU n 
1 70  PRO n 
1 71  ALA n 
1 72  LYS n 
1 73  LEU n 
1 74  ARG n 
1 75  HIS n 
1 76  GLU n 
1 77  GLN n 
1 78  ILE n 
1 79  ILE n 
1 80  PHE n 
1 81  HIS n 
1 82  SNC y 
1 82  CSS y 
1 83  GLN n 
1 84  ALA n 
1 85  GLY n 
1 86  LYS n 
1 87  ARG n 
1 88  THR n 
1 89  SER n 
1 90  ASN n 
1 91  ASN n 
1 92  ALA n 
1 93  ASP n 
1 94  LYS n 
1 95  LEU n 
1 96  ALA n 
1 97  ALA n 
1 98  ILE n 
1 99  ALA n 
1 100 ALA n 
1 101 PRO n 
1 102 ALA n 
1 103 GLU n 
1 104 ILE n 
1 105 PHE n 
1 106 LEU n 
1 107 LEU n 
1 108 GLU n 
1 109 ASP n 
1 110 GLY n 
1 111 ILE n 
1 112 ASP n 
1 113 GLY n 
1 114 TRP n 
1 115 LYS n 
1 116 LYS n 
1 117 ALA n 
1 118 GLY n 
1 119 LEU n 
1 120 PRO n 
1 121 VAL n 
1 122 ALA n 
1 123 VAL n 
1 124 ASN n 
1 125 LYS n 
1 126 SER n 
1 127 GLN n 
# 
_entity_src_gen.entity_id                          1 
_entity_src_gen.pdbx_src_id                        1 
_entity_src_gen.pdbx_alt_source_flag               sample 
_entity_src_gen.pdbx_seq_type                      'Biological sequence' 
_entity_src_gen.pdbx_beg_seq_num                   1 
_entity_src_gen.pdbx_end_seq_num                   127 
_entity_src_gen.gene_src_common_name               ? 
_entity_src_gen.gene_src_genus                     ? 
_entity_src_gen.pdbx_gene_src_gene                 'ygaP, b2668, JW2643' 
_entity_src_gen.gene_src_species                   ? 
_entity_src_gen.gene_src_strain                    ? 
_entity_src_gen.gene_src_tissue                    ? 
_entity_src_gen.gene_src_tissue_fraction           ? 
_entity_src_gen.gene_src_details                   ? 
_entity_src_gen.pdbx_gene_src_fragment             ? 
_entity_src_gen.pdbx_gene_src_scientific_name      'Escherichia coli' 
_entity_src_gen.pdbx_gene_src_ncbi_taxonomy_id     562 
_entity_src_gen.pdbx_gene_src_variant              ? 
_entity_src_gen.pdbx_gene_src_cell_line            ? 
_entity_src_gen.pdbx_gene_src_atcc                 ? 
_entity_src_gen.pdbx_gene_src_organ                ? 
_entity_src_gen.pdbx_gene_src_organelle            ? 
_entity_src_gen.pdbx_gene_src_cell                 ? 
_entity_src_gen.pdbx_gene_src_cellular_location    ? 
_entity_src_gen.host_org_common_name               ? 
_entity_src_gen.pdbx_host_org_scientific_name      'Escherichia coli BL21(DE3)' 
_entity_src_gen.pdbx_host_org_ncbi_taxonomy_id     469008 
_entity_src_gen.host_org_genus                     ? 
_entity_src_gen.pdbx_host_org_gene                 ? 
_entity_src_gen.pdbx_host_org_organ                ? 
_entity_src_gen.host_org_species                   ? 
_entity_src_gen.pdbx_host_org_tissue               ? 
_entity_src_gen.pdbx_host_org_tissue_fraction      ? 
_entity_src_gen.pdbx_host_org_strain               ? 
_entity_src_gen.pdbx_host_org_variant              Star 
_entity_src_gen.pdbx_host_org_cell_line            ? 
_entity_src_gen.pdbx_host_org_atcc                 ? 
_entity_src_gen.pdbx_host_org_culture_collection   ? 
_entity_src_gen.pdbx_host_org_cell                 ? 
_entity_src_gen.pdbx_host_org_organelle            ? 
_entity_src_gen.pdbx_host_org_cellular_location    ? 
_entity_src_gen.pdbx_host_org_vector_type          ? 
_entity_src_gen.pdbx_host_org_vector               ? 
_entity_src_gen.host_org_details                   ? 
_entity_src_gen.expression_system_id               ? 
_entity_src_gen.plasmid_name                       ? 
_entity_src_gen.plasmid_details                    ? 
_entity_src_gen.pdbx_description                   ? 
# 
loop_
_chem_comp.id 
_chem_comp.type 
_chem_comp.mon_nstd_flag 
_chem_comp.name 
_chem_comp.pdbx_synonyms 
_chem_comp.formula 
_chem_comp.formula_weight 
ALA 'L-peptide linking' y ALANINE            ? 'C3 H7 N O2'     89.093  
ARG 'L-peptide linking' y ARGININE           ? 'C6 H15 N4 O2 1' 175.209 
ASN 'L-peptide linking' y ASPARAGINE         ? 'C4 H8 N2 O3'    132.118 
ASP 'L-peptide linking' y 'ASPARTIC ACID'    ? 'C4 H7 N O4'     133.103 
CSS 'L-peptide linking' n S-MERCAPTOCYSTEINE ? 'C3 H7 N O2 S2'  153.223 
CYS 'L-peptide linking' y CYSTEINE           ? 'C3 H7 N O2 S'   121.158 
GLN 'L-peptide linking' y GLUTAMINE          ? 'C5 H10 N2 O3'   146.144 
GLU 'L-peptide linking' y 'GLUTAMIC ACID'    ? 'C5 H9 N O4'     147.129 
GLY 'peptide linking'   y GLYCINE            ? 'C2 H5 N O2'     75.067  
HIS 'L-peptide linking' y HISTIDINE          ? 'C6 H10 N3 O2 1' 156.162 
HOH non-polymer         . WATER              ? 'H2 O'           18.015  
ILE 'L-peptide linking' y ISOLEUCINE         ? 'C6 H13 N O2'    131.173 
LEU 'L-peptide linking' y LEUCINE            ? 'C6 H13 N O2'    131.173 
LYS 'L-peptide linking' y LYSINE             ? 'C6 H15 N2 O2 1' 147.195 
MET 'L-peptide linking' y METHIONINE         ? 'C5 H11 N O2 S'  149.211 
PHE 'L-peptide linking' y PHENYLALANINE      ? 'C9 H11 N O2'    165.189 
PRO 'L-peptide linking' y PROLINE            ? 'C5 H9 N O2'     115.130 
SER 'L-peptide linking' y SERINE             ? 'C3 H7 N O3'     105.093 
SNC 'L-peptide linking' n S-NITROSO-CYSTEINE ? 'C3 H6 N2 O3 S'  150.156 
THR 'L-peptide linking' y THREONINE          ? 'C4 H9 N O3'     119.119 
TRP 'L-peptide linking' y TRYPTOPHAN         ? 'C11 H12 N2 O2'  204.225 
TYR 'L-peptide linking' y TYROSINE           ? 'C9 H11 N O3'    181.189 
VAL 'L-peptide linking' y VALINE             ? 'C5 H11 N O2'    117.146 
# 
loop_
_pdbx_poly_seq_scheme.asym_id 
_pdbx_poly_seq_scheme.entity_id 
_pdbx_poly_seq_scheme.seq_id 
_pdbx_poly_seq_scheme.mon_id 
_pdbx_poly_seq_scheme.ndb_seq_num 
_pdbx_poly_seq_scheme.pdb_seq_num 
_pdbx_poly_seq_scheme.auth_seq_num 
_pdbx_poly_seq_scheme.pdb_mon_id 
_pdbx_poly_seq_scheme.auth_mon_id 
_pdbx_poly_seq_scheme.pdb_strand_id 
_pdbx_poly_seq_scheme.pdb_ins_code 
_pdbx_poly_seq_scheme.hetero 
A 1 1   MET 1   -18 ?   ?   ?   A . n 
A 1 2   LYS 2   -17 ?   ?   ?   A . n 
A 1 3   SER 3   -16 ?   ?   ?   A . n 
A 1 4   SER 4   -15 ?   ?   ?   A . n 
A 1 5   HIS 5   -14 ?   ?   ?   A . n 
A 1 6   HIS 6   -13 ?   ?   ?   A . n 
A 1 7   HIS 7   -12 ?   ?   ?   A . n 
A 1 8   HIS 8   -11 ?   ?   ?   A . n 
A 1 9   HIS 9   -10 ?   ?   ?   A . n 
A 1 10  HIS 10  -9  ?   ?   ?   A . n 
A 1 11  GLU 11  -8  ?   ?   ?   A . n 
A 1 12  ASN 12  -7  ?   ?   ?   A . n 
A 1 13  LEU 13  -6  ?   ?   ?   A . n 
A 1 14  TYR 14  -5  ?   ?   ?   A . n 
A 1 15  PHE 15  -4  ?   ?   ?   A . n 
A 1 16  GLN 16  -3  ?   ?   ?   A . n 
A 1 17  SER 17  -2  ?   ?   ?   A . n 
A 1 18  ASN 18  -1  ?   ?   ?   A . n 
A 1 19  ALA 19  0   ?   ?   ?   A . n 
A 1 20  ALA 20  1   ?   ?   ?   A . n 
A 1 21  LEU 21  2   ?   ?   ?   A . n 
A 1 22  THR 22  3   3   THR THR A . n 
A 1 23  THR 23  4   4   THR THR A . n 
A 1 24  ILE 24  5   5   ILE ILE A . n 
A 1 25  SER 25  6   6   SER SER A . n 
A 1 26  PRO 26  7   7   PRO PRO A . n 
A 1 27  HIS 27  8   8   HIS HIS A . n 
A 1 28  ASP 28  9   9   ASP ASP A . n 
A 1 29  ALA 29  10  10  ALA ALA A . n 
A 1 30  GLN 30  11  11  GLN GLN A . n 
A 1 31  GLU 31  12  12  GLU GLU A . n 
A 1 32  LEU 32  13  13  LEU LEU A . n 
A 1 33  ILE 33  14  14  ILE ILE A . n 
A 1 34  ALA 34  15  15  ALA ALA A . n 
A 1 35  ARG 35  16  16  ARG ARG A . n 
A 1 36  GLY 36  17  17  GLY GLY A . n 
A 1 37  ALA 37  18  18  ALA ALA A . n 
A 1 38  LYS 38  19  19  LYS LYS A . n 
A 1 39  LEU 39  20  20  LEU LEU A . n 
A 1 40  ILE 40  21  21  ILE ILE A . n 
A 1 41  ASP 41  22  22  ASP ASP A . n 
A 1 42  ILE 42  23  23  ILE ILE A . n 
A 1 43  ARG 43  24  24  ARG ARG A . n 
A 1 44  ASP 44  25  25  ASP ASP A . n 
A 1 45  ALA 45  26  26  ALA ALA A . n 
A 1 46  ASP 46  27  27  ASP ASP A . n 
A 1 47  GLU 47  28  28  GLU GLU A . n 
A 1 48  TYR 48  29  29  TYR TYR A . n 
A 1 49  LEU 49  30  30  LEU LEU A . n 
A 1 50  ARG 50  31  31  ARG ARG A . n 
A 1 51  GLU 51  32  32  GLU GLU A . n 
A 1 52  HIS 52  33  33  HIS HIS A . n 
A 1 53  ILE 53  34  34  ILE ILE A . n 
A 1 54  PRO 54  35  35  PRO PRO A . n 
A 1 55  GLU 55  36  36  GLU GLU A . n 
A 1 56  ALA 56  37  37  ALA ALA A . n 
A 1 57  ASP 57  38  38  ASP ASP A . n 
A 1 58  LEU 58  39  39  LEU LEU A . n 
A 1 59  ALA 59  40  40  ALA ALA A . n 
A 1 60  PRO 60  41  41  PRO PRO A . n 
A 1 61  LEU 61  42  42  LEU LEU A . n 
A 1 62  SER 62  43  43  SER SER A . n 
A 1 63  VAL 63  44  44  VAL VAL A . n 
A 1 64  LEU 64  45  45  LEU LEU A . n 
A 1 65  GLU 65  46  46  GLU GLU A . n 
A 1 66  GLN 66  47  47  GLN GLN A . n 
A 1 67  SER 67  48  48  SER SER A . n 
A 1 68  GLY 68  49  49  GLY GLY A . n 
A 1 69  LEU 69  50  50  LEU LEU A . n 
A 1 70  PRO 70  51  51  PRO PRO A . n 
A 1 71  ALA 71  52  52  ALA ALA A . n 
A 1 72  LYS 72  53  53  LYS LYS A . n 
A 1 73  LEU 73  54  54  LEU LEU A . n 
A 1 74  ARG 74  55  55  ARG ARG A . n 
A 1 75  HIS 75  56  56  HIS HIS A . n 
A 1 76  GLU 76  57  57  GLU GLU A . n 
A 1 77  GLN 77  58  58  GLN GLN A . n 
A 1 78  ILE 78  59  59  ILE ILE A . n 
A 1 79  ILE 79  60  60  ILE ILE A . n 
A 1 80  PHE 80  61  61  PHE PHE A . n 
A 1 81  HIS 81  62  62  HIS HIS A . n 
A 1 82  SNC 82  63  63  SNC SNC A . y 
A 1 82  CSS 82  63  63  CSS CSS A . y 
A 1 83  GLN 83  64  64  GLN GLN A . n 
A 1 84  ALA 84  65  65  ALA ALA A . n 
A 1 85  GLY 85  66  66  GLY GLY A . n 
A 1 86  LYS 86  67  67  LYS LYS A . n 
A 1 87  ARG 87  68  68  ARG ARG A . n 
A 1 88  THR 88  69  69  THR THR A . n 
A 1 89  SER 89  70  70  SER SER A . n 
A 1 90  ASN 90  71  71  ASN ASN A . n 
A 1 91  ASN 91  72  72  ASN ASN A . n 
A 1 92  ALA 92  73  73  ALA ALA A . n 
A 1 93  ASP 93  74  74  ASP ASP A . n 
A 1 94  LYS 94  75  75  LYS LYS A . n 
A 1 95  LEU 95  76  76  LEU LEU A . n 
A 1 96  ALA 96  77  77  ALA ALA A . n 
A 1 97  ALA 97  78  78  ALA ALA A . n 
A 1 98  ILE 98  79  79  ILE ILE A . n 
A 1 99  ALA 99  80  80  ALA ALA A . n 
A 1 100 ALA 100 81  81  ALA ALA A . n 
A 1 101 PRO 101 82  82  PRO PRO A . n 
A 1 102 ALA 102 83  83  ALA ALA A . n 
A 1 103 GLU 103 84  84  GLU GLU A . n 
A 1 104 ILE 104 85  85  ILE ILE A . n 
A 1 105 PHE 105 86  86  PHE PHE A . n 
A 1 106 LEU 106 87  87  LEU LEU A . n 
A 1 107 LEU 107 88  88  LEU LEU A . n 
A 1 108 GLU 108 89  89  GLU GLU A . n 
A 1 109 ASP 109 90  90  ASP ASP A . n 
A 1 110 GLY 110 91  91  GLY GLY A . n 
A 1 111 ILE 111 92  92  ILE ILE A . n 
A 1 112 ASP 112 93  93  ASP ASP A . n 
A 1 113 GLY 113 94  94  GLY GLY A . n 
A 1 114 TRP 114 95  95  TRP TRP A . n 
A 1 115 LYS 115 96  96  LYS LYS A . n 
A 1 116 LYS 116 97  97  LYS LYS A . n 
A 1 117 ALA 117 98  98  ALA ALA A . n 
A 1 118 GLY 118 99  99  GLY GLY A . n 
A 1 119 LEU 119 100 100 LEU LEU A . n 
A 1 120 PRO 120 101 101 PRO PRO A . n 
A 1 121 VAL 121 102 102 VAL VAL A . n 
A 1 122 ALA 122 103 103 ALA ALA A . n 
A 1 123 VAL 123 104 104 VAL VAL A . n 
A 1 124 ASN 124 105 105 ASN ASN A . n 
A 1 125 LYS 125 106 ?   ?   ?   A . n 
A 1 126 SER 126 107 ?   ?   ?   A . n 
A 1 127 GLN 127 108 ?   ?   ?   A . n 
# 
loop_
_pdbx_nonpoly_scheme.asym_id 
_pdbx_nonpoly_scheme.entity_id 
_pdbx_nonpoly_scheme.mon_id 
_pdbx_nonpoly_scheme.ndb_seq_num 
_pdbx_nonpoly_scheme.pdb_seq_num 
_pdbx_nonpoly_scheme.auth_seq_num 
_pdbx_nonpoly_scheme.pdb_mon_id 
_pdbx_nonpoly_scheme.auth_mon_id 
_pdbx_nonpoly_scheme.pdb_strand_id 
_pdbx_nonpoly_scheme.pdb_ins_code 
B 2 HOH 1   201 209 HOH HOH A . 
B 2 HOH 2   202 204 HOH HOH A . 
B 2 HOH 3   203 165 HOH HOH A . 
B 2 HOH 4   204 99  HOH HOH A . 
B 2 HOH 5   205 186 HOH HOH A . 
B 2 HOH 6   206 123 HOH HOH A . 
B 2 HOH 7   207 61  HOH HOH A . 
B 2 HOH 8   208 116 HOH HOH A . 
B 2 HOH 9   209 18  HOH HOH A . 
B 2 HOH 10  210 157 HOH HOH A . 
B 2 HOH 11  211 212 HOH HOH A . 
B 2 HOH 12  212 47  HOH HOH A . 
B 2 HOH 13  213 34  HOH HOH A . 
B 2 HOH 14  214 71  HOH HOH A . 
B 2 HOH 15  215 89  HOH HOH A . 
B 2 HOH 16  216 86  HOH HOH A . 
B 2 HOH 17  217 23  HOH HOH A . 
B 2 HOH 18  218 92  HOH HOH A . 
B 2 HOH 19  219 52  HOH HOH A . 
B 2 HOH 20  220 110 HOH HOH A . 
B 2 HOH 21  221 152 HOH HOH A . 
B 2 HOH 22  222 162 HOH HOH A . 
B 2 HOH 23  223 19  HOH HOH A . 
B 2 HOH 24  224 198 HOH HOH A . 
B 2 HOH 25  225 96  HOH HOH A . 
B 2 HOH 26  226 5   HOH HOH A . 
B 2 HOH 27  227 9   HOH HOH A . 
B 2 HOH 28  228 10  HOH HOH A . 
B 2 HOH 29  229 11  HOH HOH A . 
B 2 HOH 30  230 17  HOH HOH A . 
B 2 HOH 31  231 39  HOH HOH A . 
B 2 HOH 32  232 12  HOH HOH A . 
B 2 HOH 33  233 6   HOH HOH A . 
B 2 HOH 34  234 20  HOH HOH A . 
B 2 HOH 35  235 27  HOH HOH A . 
B 2 HOH 36  236 73  HOH HOH A . 
B 2 HOH 37  237 57  HOH HOH A . 
B 2 HOH 38  238 173 HOH HOH A . 
B 2 HOH 39  239 65  HOH HOH A . 
B 2 HOH 40  240 105 HOH HOH A . 
B 2 HOH 41  241 70  HOH HOH A . 
B 2 HOH 42  242 49  HOH HOH A . 
B 2 HOH 43  243 26  HOH HOH A . 
B 2 HOH 44  244 103 HOH HOH A . 
B 2 HOH 45  245 4   HOH HOH A . 
B 2 HOH 46  246 13  HOH HOH A . 
B 2 HOH 47  247 16  HOH HOH A . 
B 2 HOH 48  248 59  HOH HOH A . 
B 2 HOH 49  249 78  HOH HOH A . 
B 2 HOH 50  250 85  HOH HOH A . 
B 2 HOH 51  251 30  HOH HOH A . 
B 2 HOH 52  252 2   HOH HOH A . 
B 2 HOH 53  253 41  HOH HOH A . 
B 2 HOH 54  254 200 HOH HOH A . 
B 2 HOH 55  255 53  HOH HOH A . 
B 2 HOH 56  256 58  HOH HOH A . 
B 2 HOH 57  257 7   HOH HOH A . 
B 2 HOH 58  258 46  HOH HOH A . 
B 2 HOH 59  259 185 HOH HOH A . 
B 2 HOH 60  260 1   HOH HOH A . 
B 2 HOH 61  261 50  HOH HOH A . 
B 2 HOH 62  262 95  HOH HOH A . 
B 2 HOH 63  263 31  HOH HOH A . 
B 2 HOH 64  264 21  HOH HOH A . 
B 2 HOH 65  265 32  HOH HOH A . 
B 2 HOH 66  266 22  HOH HOH A . 
B 2 HOH 67  267 43  HOH HOH A . 
B 2 HOH 68  268 114 HOH HOH A . 
B 2 HOH 69  269 122 HOH HOH A . 
B 2 HOH 70  270 205 HOH HOH A . 
B 2 HOH 71  271 67  HOH HOH A . 
B 2 HOH 72  272 63  HOH HOH A . 
B 2 HOH 73  273 25  HOH HOH A . 
B 2 HOH 74  274 83  HOH HOH A . 
B 2 HOH 75  275 180 HOH HOH A . 
B 2 HOH 76  276 51  HOH HOH A . 
B 2 HOH 77  277 24  HOH HOH A . 
B 2 HOH 78  278 195 HOH HOH A . 
B 2 HOH 79  279 113 HOH HOH A . 
B 2 HOH 80  280 37  HOH HOH A . 
B 2 HOH 81  281 8   HOH HOH A . 
B 2 HOH 82  282 54  HOH HOH A . 
B 2 HOH 83  283 36  HOH HOH A . 
B 2 HOH 84  284 154 HOH HOH A . 
B 2 HOH 85  285 179 HOH HOH A . 
B 2 HOH 86  286 98  HOH HOH A . 
B 2 HOH 87  287 108 HOH HOH A . 
B 2 HOH 88  288 44  HOH HOH A . 
B 2 HOH 89  289 55  HOH HOH A . 
B 2 HOH 90  290 74  HOH HOH A . 
B 2 HOH 91  291 139 HOH HOH A . 
B 2 HOH 92  292 127 HOH HOH A . 
B 2 HOH 93  293 38  HOH HOH A . 
B 2 HOH 94  294 29  HOH HOH A . 
B 2 HOH 95  295 111 HOH HOH A . 
B 2 HOH 96  296 35  HOH HOH A . 
B 2 HOH 97  297 90  HOH HOH A . 
B 2 HOH 98  298 93  HOH HOH A . 
B 2 HOH 99  299 45  HOH HOH A . 
B 2 HOH 100 300 213 HOH HOH A . 
B 2 HOH 101 301 64  HOH HOH A . 
B 2 HOH 102 302 84  HOH HOH A . 
B 2 HOH 103 303 211 HOH HOH A . 
B 2 HOH 104 304 112 HOH HOH A . 
B 2 HOH 105 305 40  HOH HOH A . 
B 2 HOH 106 306 75  HOH HOH A . 
B 2 HOH 107 307 28  HOH HOH A . 
B 2 HOH 108 308 72  HOH HOH A . 
B 2 HOH 109 309 146 HOH HOH A . 
B 2 HOH 110 310 15  HOH HOH A . 
B 2 HOH 111 311 167 HOH HOH A . 
B 2 HOH 112 312 14  HOH HOH A . 
B 2 HOH 113 313 33  HOH HOH A . 
B 2 HOH 114 314 3   HOH HOH A . 
B 2 HOH 115 315 102 HOH HOH A . 
B 2 HOH 116 316 126 HOH HOH A . 
B 2 HOH 117 317 88  HOH HOH A . 
B 2 HOH 118 318 97  HOH HOH A . 
B 2 HOH 119 319 118 HOH HOH A . 
B 2 HOH 120 320 66  HOH HOH A . 
B 2 HOH 121 321 48  HOH HOH A . 
B 2 HOH 122 322 148 HOH HOH A . 
B 2 HOH 123 323 210 HOH HOH A . 
B 2 HOH 124 324 144 HOH HOH A . 
B 2 HOH 125 325 106 HOH HOH A . 
B 2 HOH 126 326 131 HOH HOH A . 
B 2 HOH 127 327 91  HOH HOH A . 
B 2 HOH 128 328 81  HOH HOH A . 
B 2 HOH 129 329 115 HOH HOH A . 
B 2 HOH 130 330 56  HOH HOH A . 
B 2 HOH 131 331 149 HOH HOH A . 
B 2 HOH 132 332 80  HOH HOH A . 
B 2 HOH 133 333 82  HOH HOH A . 
B 2 HOH 134 334 197 HOH HOH A . 
B 2 HOH 135 335 87  HOH HOH A . 
B 2 HOH 136 336 94  HOH HOH A . 
B 2 HOH 137 337 189 HOH HOH A . 
B 2 HOH 138 338 143 HOH HOH A . 
B 2 HOH 139 339 172 HOH HOH A . 
B 2 HOH 140 340 164 HOH HOH A . 
B 2 HOH 141 341 166 HOH HOH A . 
B 2 HOH 142 342 77  HOH HOH A . 
B 2 HOH 143 343 42  HOH HOH A . 
B 2 HOH 144 344 120 HOH HOH A . 
B 2 HOH 145 345 150 HOH HOH A . 
B 2 HOH 146 346 153 HOH HOH A . 
B 2 HOH 147 347 101 HOH HOH A . 
# 
loop_
_software.citation_id 
_software.classification 
_software.compiler_name 
_software.compiler_version 
_software.contact_author 
_software.contact_author_email 
_software.date 
_software.description 
_software.dependencies 
_software.hardware 
_software.language 
_software.location 
_software.mods 
_software.name 
_software.os 
_software.os_version 
_software.type 
_software.version 
_software.pdbx_ordinal 
? refinement       ? ? ? ? ? ? ? ? ? ? ? REFMAC   ? ? ? 5.8.0135 1 
? 'data reduction' ? ? ? ? ? ? ? ? ? ? ? HKL-2000 ? ? ? .        2 
? 'data scaling'   ? ? ? ? ? ? ? ? ? ? ? HKL-2000 ? ? ? .        3 
? phasing          ? ? ? ? ? ? ? ? ? ? ? MOLREP   ? ? ? .        4 
# 
_cell.angle_alpha                  90.00 
_cell.angle_alpha_esd              ? 
_cell.angle_beta                   90.00 
_cell.angle_beta_esd               ? 
_cell.angle_gamma                  120.00 
_cell.angle_gamma_esd              ? 
_cell.entry_id                     5HBP 
_cell.details                      ? 
_cell.formula_units_Z              ? 
_cell.length_a                     43.872 
_cell.length_a_esd                 ? 
_cell.length_b                     43.872 
_cell.length_b_esd                 ? 
_cell.length_c                     52.640 
_cell.length_c_esd                 ? 
_cell.volume                       ? 
_cell.volume_esd                   ? 
_cell.Z_PDB                        3 
_cell.reciprocal_angle_alpha       ? 
_cell.reciprocal_angle_beta        ? 
_cell.reciprocal_angle_gamma       ? 
_cell.reciprocal_angle_alpha_esd   ? 
_cell.reciprocal_angle_beta_esd    ? 
_cell.reciprocal_angle_gamma_esd   ? 
_cell.reciprocal_length_a          ? 
_cell.reciprocal_length_b          ? 
_cell.reciprocal_length_c          ? 
_cell.reciprocal_length_a_esd      ? 
_cell.reciprocal_length_b_esd      ? 
_cell.reciprocal_length_c_esd      ? 
_cell.pdbx_unique_axis             ? 
# 
_symmetry.entry_id                         5HBP 
_symmetry.cell_setting                     ? 
_symmetry.Int_Tables_number                144 
_symmetry.space_group_name_Hall            ? 
_symmetry.space_group_name_H-M             'P 31' 
_symmetry.pdbx_full_space_group_name_H-M   ? 
# 
_exptl.absorpt_coefficient_mu     ? 
_exptl.absorpt_correction_T_max   ? 
_exptl.absorpt_correction_T_min   ? 
_exptl.absorpt_correction_type    ? 
_exptl.absorpt_process_details    ? 
_exptl.entry_id                   5HBP 
_exptl.crystals_number            ? 
_exptl.details                    ? 
_exptl.method                     'X-RAY DIFFRACTION' 
_exptl.method_details             ? 
# 
_exptl_crystal.colour                      ? 
_exptl_crystal.density_diffrn              ? 
_exptl_crystal.density_Matthews            2.08 
_exptl_crystal.density_method              ? 
_exptl_crystal.density_percent_sol         40.93 
_exptl_crystal.description                 ? 
_exptl_crystal.F_000                       ? 
_exptl_crystal.id                          1 
_exptl_crystal.preparation                 ? 
_exptl_crystal.size_max                    ? 
_exptl_crystal.size_mid                    ? 
_exptl_crystal.size_min                    ? 
_exptl_crystal.size_rad                    ? 
_exptl_crystal.colour_lustre               ? 
_exptl_crystal.colour_modifier             ? 
_exptl_crystal.colour_primary              ? 
_exptl_crystal.density_meas                ? 
_exptl_crystal.density_meas_esd            ? 
_exptl_crystal.density_meas_gt             ? 
_exptl_crystal.density_meas_lt             ? 
_exptl_crystal.density_meas_temp           ? 
_exptl_crystal.density_meas_temp_esd       ? 
_exptl_crystal.density_meas_temp_gt        ? 
_exptl_crystal.density_meas_temp_lt        ? 
_exptl_crystal.pdbx_crystal_image_url      ? 
_exptl_crystal.pdbx_crystal_image_format   ? 
_exptl_crystal.pdbx_mosaicity              ? 
_exptl_crystal.pdbx_mosaicity_esd          ? 
# 
_exptl_crystal_grow.apparatus       ? 
_exptl_crystal_grow.atmosphere      ? 
_exptl_crystal_grow.crystal_id      1 
_exptl_crystal_grow.details         ? 
_exptl_crystal_grow.method          'VAPOR DIFFUSION, HANGING DROP' 
_exptl_crystal_grow.method_ref      ? 
_exptl_crystal_grow.pH              8.5 
_exptl_crystal_grow.pressure        ? 
_exptl_crystal_grow.pressure_esd    ? 
_exptl_crystal_grow.seeding         ? 
_exptl_crystal_grow.seeding_ref     ? 
_exptl_crystal_grow.temp            295 
_exptl_crystal_grow.temp_details    ? 
_exptl_crystal_grow.temp_esd        ? 
_exptl_crystal_grow.time            ? 
_exptl_crystal_grow.pdbx_details    '0.2 M sodium acetate in 0.1 M Tris HCl pH 8.5, and 30% PEG 4000' 
_exptl_crystal_grow.pdbx_pH_range   ? 
# 
_diffrn.ambient_environment    ? 
_diffrn.ambient_temp           100 
_diffrn.ambient_temp_details   ? 
_diffrn.ambient_temp_esd       ? 
_diffrn.crystal_id             1 
_diffrn.crystal_support        ? 
_diffrn.crystal_treatment      ? 
_diffrn.details                ? 
_diffrn.id                     1 
_diffrn.ambient_pressure       ? 
_diffrn.ambient_pressure_esd   ? 
_diffrn.ambient_pressure_gt    ? 
_diffrn.ambient_pressure_lt    ? 
_diffrn.ambient_temp_gt        ? 
_diffrn.ambient_temp_lt        ? 
# 
_diffrn_detector.details                      ? 
_diffrn_detector.detector                     CCD 
_diffrn_detector.diffrn_id                    1 
_diffrn_detector.type                         'ADSC QUANTUM 315r' 
_diffrn_detector.area_resol_mean              ? 
_diffrn_detector.dtime                        ? 
_diffrn_detector.pdbx_frames_total            ? 
_diffrn_detector.pdbx_collection_time_total   ? 
_diffrn_detector.pdbx_collection_date         2013-05-29 
# 
_diffrn_radiation.collimation                      ? 
_diffrn_radiation.diffrn_id                        1 
_diffrn_radiation.filter_edge                      ? 
_diffrn_radiation.inhomogeneity                    ? 
_diffrn_radiation.monochromator                    ? 
_diffrn_radiation.polarisn_norm                    ? 
_diffrn_radiation.polarisn_ratio                   ? 
_diffrn_radiation.probe                            ? 
_diffrn_radiation.type                             ? 
_diffrn_radiation.xray_symbol                      ? 
_diffrn_radiation.wavelength_id                    1 
_diffrn_radiation.pdbx_monochromatic_or_laue_m_l   M 
_diffrn_radiation.pdbx_wavelength_list             ? 
_diffrn_radiation.pdbx_wavelength                  ? 
_diffrn_radiation.pdbx_diffrn_protocol             'SINGLE WAVELENGTH' 
_diffrn_radiation.pdbx_analyzer                    ? 
_diffrn_radiation.pdbx_scattering_type             x-ray 
# 
_diffrn_radiation_wavelength.id           1 
_diffrn_radiation_wavelength.wavelength   1.127 
_diffrn_radiation_wavelength.wt           1.0 
# 
_diffrn_source.current                     ? 
_diffrn_source.details                     ? 
_diffrn_source.diffrn_id                   1 
_diffrn_source.power                       ? 
_diffrn_source.size                        ? 
_diffrn_source.source                      SYNCHROTRON 
_diffrn_source.target                      ? 
_diffrn_source.type                        'SSRL BEAMLINE BL12-2' 
_diffrn_source.voltage                     ? 
_diffrn_source.take-off_angle              ? 
_diffrn_source.pdbx_wavelength_list        1.127 
_diffrn_source.pdbx_wavelength             ? 
_diffrn_source.pdbx_synchrotron_beamline   BL12-2 
_diffrn_source.pdbx_synchrotron_site       SSRL 
# 
_reflns.B_iso_Wilson_estimate            ? 
_reflns.entry_id                         5HBP 
_reflns.data_reduction_details           ? 
_reflns.data_reduction_method            ? 
_reflns.d_resolution_high                1.50 
_reflns.d_resolution_low                 38.0 
_reflns.details                          ? 
_reflns.limit_h_max                      ? 
_reflns.limit_h_min                      ? 
_reflns.limit_k_max                      ? 
_reflns.limit_k_min                      ? 
_reflns.limit_l_max                      ? 
_reflns.limit_l_min                      ? 
_reflns.number_all                       ? 
_reflns.number_obs                       16889 
_reflns.observed_criterion               ? 
_reflns.observed_criterion_F_max         ? 
_reflns.observed_criterion_F_min         ? 
_reflns.observed_criterion_I_max         ? 
_reflns.observed_criterion_I_min         ? 
_reflns.observed_criterion_sigma_F       ? 
_reflns.observed_criterion_sigma_I       ? 
_reflns.percent_possible_obs             93.9 
_reflns.R_free_details                   ? 
_reflns.Rmerge_F_all                     ? 
_reflns.Rmerge_F_obs                     ? 
_reflns.Friedel_coverage                 ? 
_reflns.number_gt                        ? 
_reflns.threshold_expression             ? 
_reflns.pdbx_redundancy                  4.9 
_reflns.pdbx_Rmerge_I_obs                0.082 
_reflns.pdbx_Rmerge_I_all                ? 
_reflns.pdbx_Rsym_value                  ? 
_reflns.pdbx_netI_over_av_sigmaI         ? 
_reflns.pdbx_netI_over_sigmaI            18.7 
_reflns.pdbx_res_netI_over_av_sigmaI_2   ? 
_reflns.pdbx_res_netI_over_sigmaI_2      ? 
_reflns.pdbx_chi_squared                 ? 
_reflns.pdbx_scaling_rejects             ? 
_reflns.pdbx_d_res_high_opt              ? 
_reflns.pdbx_d_res_low_opt               ? 
_reflns.pdbx_d_res_opt_method            ? 
_reflns.phase_calculation_details        ? 
_reflns.pdbx_Rrim_I_all                  ? 
_reflns.pdbx_Rpim_I_all                  ? 
_reflns.pdbx_d_opt                       ? 
_reflns.pdbx_number_measured_all         ? 
_reflns.pdbx_diffrn_id                   1 
_reflns.pdbx_ordinal                     1 
_reflns.pdbx_CC_half                     ? 
_reflns.pdbx_R_split                     ? 
# 
_reflns_shell.Rmerge_F_all                ? 
_reflns_shell.Rmerge_F_gt                 ? 
_reflns_shell.Rmerge_F_obs                ? 
_reflns_shell.Rmerge_I_all                ? 
_reflns_shell.Rmerge_I_gt                 ? 
_reflns_shell.Rmerge_I_obs                0.49 
_reflns_shell.d_res_high                  1.50 
_reflns_shell.d_res_low                   1.53 
_reflns_shell.meanI_over_sigI_all         ? 
_reflns_shell.meanI_over_sigI_gt          ? 
_reflns_shell.meanI_over_sigI_obs         1.9 
_reflns_shell.meanI_over_uI_all           ? 
_reflns_shell.meanI_over_uI_gt            ? 
_reflns_shell.number_measured_all         ? 
_reflns_shell.number_measured_gt          ? 
_reflns_shell.number_measured_obs         ? 
_reflns_shell.number_possible             ? 
_reflns_shell.number_unique_all           ? 
_reflns_shell.number_unique_gt            ? 
_reflns_shell.number_unique_obs           ? 
_reflns_shell.pdbx_CC_half                ? 
_reflns_shell.pdbx_R_split                ? 
_reflns_shell.pdbx_Rpim_I_all             ? 
_reflns_shell.pdbx_Rrim_I_all             ? 
_reflns_shell.pdbx_Rsym_value             ? 
_reflns_shell.pdbx_chi_squared            ? 
_reflns_shell.pdbx_diffrn_id              1 
_reflns_shell.pdbx_netI_over_sigmaI_all   ? 
_reflns_shell.pdbx_netI_over_sigmaI_obs   ? 
_reflns_shell.pdbx_ordinal                1 
_reflns_shell.pdbx_redundancy             2.4 
_reflns_shell.pdbx_rejects                ? 
_reflns_shell.percent_possible_all        61.5 
_reflns_shell.percent_possible_gt         ? 
_reflns_shell.percent_possible_obs        ? 
# 
_refine.aniso_B[1][1]                            -0.00 
_refine.aniso_B[1][2]                            -0.00 
_refine.aniso_B[1][3]                            -0.00 
_refine.aniso_B[2][2]                            -0.00 
_refine.aniso_B[2][3]                            -0.00 
_refine.aniso_B[3][3]                            0.00 
_refine.B_iso_max                                ? 
_refine.B_iso_mean                               16.367 
_refine.B_iso_min                                ? 
_refine.correlation_coeff_Fo_to_Fc               0.963 
_refine.correlation_coeff_Fo_to_Fc_free          0.954 
_refine.details                                  'HYDROGENS HAVE BEEN ADDED IN THE RIDING POSITIONS' 
_refine.diff_density_max                         ? 
_refine.diff_density_max_esd                     ? 
_refine.diff_density_min                         ? 
_refine.diff_density_min_esd                     ? 
_refine.diff_density_rms                         ? 
_refine.diff_density_rms_esd                     ? 
_refine.entry_id                                 5HBP 
_refine.pdbx_refine_id                           'X-RAY DIFFRACTION' 
_refine.ls_abs_structure_details                 ? 
_refine.ls_abs_structure_Flack                   ? 
_refine.ls_abs_structure_Flack_esd               ? 
_refine.ls_abs_structure_Rogers                  ? 
_refine.ls_abs_structure_Rogers_esd              ? 
_refine.ls_d_res_high                            1.50 
_refine.ls_d_res_low                             37.99 
_refine.ls_extinction_coef                       ? 
_refine.ls_extinction_coef_esd                   ? 
_refine.ls_extinction_expression                 ? 
_refine.ls_extinction_method                     ? 
_refine.ls_goodness_of_fit_all                   ? 
_refine.ls_goodness_of_fit_all_esd               ? 
_refine.ls_goodness_of_fit_obs                   ? 
_refine.ls_goodness_of_fit_obs_esd               ? 
_refine.ls_hydrogen_treatment                    ? 
_refine.ls_matrix_type                           ? 
_refine.ls_number_constraints                    ? 
_refine.ls_number_parameters                     ? 
_refine.ls_number_reflns_all                     ? 
_refine.ls_number_reflns_obs                     15970 
_refine.ls_number_reflns_R_free                  842 
_refine.ls_number_reflns_R_work                  ? 
_refine.ls_number_restraints                     ? 
_refine.ls_percent_reflns_obs                    93.40 
_refine.ls_percent_reflns_R_free                 5.0 
_refine.ls_R_factor_all                          ? 
_refine.ls_R_factor_obs                          0.17244 
_refine.ls_R_factor_R_free                       0.18474 
_refine.ls_R_factor_R_free_error                 ? 
_refine.ls_R_factor_R_free_error_details         ? 
_refine.ls_R_factor_R_work                       0.17174 
_refine.ls_R_Fsqd_factor_obs                     ? 
_refine.ls_R_I_factor_obs                        ? 
_refine.ls_redundancy_reflns_all                 ? 
_refine.ls_redundancy_reflns_obs                 ? 
_refine.ls_restrained_S_all                      ? 
_refine.ls_restrained_S_obs                      ? 
_refine.ls_shift_over_esd_max                    ? 
_refine.ls_shift_over_esd_mean                   ? 
_refine.ls_structure_factor_coef                 ? 
_refine.ls_weighting_details                     ? 
_refine.ls_weighting_scheme                      ? 
_refine.ls_wR_factor_all                         ? 
_refine.ls_wR_factor_obs                         ? 
_refine.ls_wR_factor_R_free                      ? 
_refine.ls_wR_factor_R_work                      ? 
_refine.occupancy_max                            ? 
_refine.occupancy_min                            ? 
_refine.solvent_model_details                    MASK 
_refine.solvent_model_param_bsol                 ? 
_refine.solvent_model_param_ksol                 ? 
_refine.ls_R_factor_gt                           ? 
_refine.ls_goodness_of_fit_gt                    ? 
_refine.ls_goodness_of_fit_ref                   ? 
_refine.ls_shift_over_su_max                     ? 
_refine.ls_shift_over_su_max_lt                  ? 
_refine.ls_shift_over_su_mean                    ? 
_refine.ls_shift_over_su_mean_lt                 ? 
_refine.pdbx_ls_sigma_I                          ? 
_refine.pdbx_ls_sigma_F                          ? 
_refine.pdbx_ls_sigma_Fsqd                       ? 
_refine.pdbx_data_cutoff_high_absF               ? 
_refine.pdbx_data_cutoff_high_rms_absF           ? 
_refine.pdbx_data_cutoff_low_absF                ? 
_refine.pdbx_isotropic_thermal_model             ? 
_refine.pdbx_ls_cross_valid_method               THROUGHOUT 
_refine.pdbx_method_to_determine_struct          'MOLECULAR REPLACEMENT' 
_refine.pdbx_starting_model                      5HBL 
_refine.pdbx_stereochemistry_target_values       'MAXIMUM LIKELIHOOD' 
_refine.pdbx_R_Free_selection_details            RANDOM 
_refine.pdbx_stereochem_target_val_spec_case     ? 
_refine.pdbx_overall_ESU_R                       0.078 
_refine.pdbx_overall_ESU_R_Free                  0.072 
_refine.pdbx_solvent_vdw_probe_radii             1.20 
_refine.pdbx_solvent_ion_probe_radii             0.80 
_refine.pdbx_solvent_shrinkage_radii             0.80 
_refine.pdbx_real_space_R                        ? 
_refine.pdbx_density_correlation                 ? 
_refine.pdbx_pd_number_of_powder_patterns        ? 
_refine.pdbx_pd_number_of_points                 ? 
_refine.pdbx_pd_meas_number_of_points            ? 
_refine.pdbx_pd_proc_ls_prof_R_factor            ? 
_refine.pdbx_pd_proc_ls_prof_wR_factor           ? 
_refine.pdbx_pd_Marquardt_correlation_coeff      ? 
_refine.pdbx_pd_Fsqrd_R_factor                   ? 
_refine.pdbx_pd_ls_matrix_band_width             ? 
_refine.pdbx_overall_phase_error                 ? 
_refine.pdbx_overall_SU_R_free_Cruickshank_DPI   ? 
_refine.pdbx_overall_SU_R_free_Blow_DPI          ? 
_refine.pdbx_overall_SU_R_Blow_DPI               ? 
_refine.pdbx_TLS_residual_ADP_flag               ? 
_refine.pdbx_diffrn_id                           1 
_refine.overall_SU_B                             1.318 
_refine.overall_SU_ML                            0.049 
_refine.overall_SU_R_Cruickshank_DPI             ? 
_refine.overall_SU_R_free                        ? 
_refine.overall_FOM_free_R_set                   ? 
_refine.overall_FOM_work_R_set                   ? 
_refine.pdbx_average_fsc_overall                 ? 
_refine.pdbx_average_fsc_work                    ? 
_refine.pdbx_average_fsc_free                    ? 
# 
_refine_hist.pdbx_refine_id                   'X-RAY DIFFRACTION' 
_refine_hist.cycle_id                         1 
_refine_hist.pdbx_number_atoms_protein        787 
_refine_hist.pdbx_number_atoms_nucleic_acid   0 
_refine_hist.pdbx_number_atoms_ligand         3 
_refine_hist.number_atoms_solvent             147 
_refine_hist.number_atoms_total               937 
_refine_hist.d_res_high                       1.50 
_refine_hist.d_res_low                        37.99 
# 
loop_
_refine_ls_restr.pdbx_refine_id 
_refine_ls_restr.criterion 
_refine_ls_restr.dev_ideal 
_refine_ls_restr.dev_ideal_target 
_refine_ls_restr.number 
_refine_ls_restr.rejects 
_refine_ls_restr.type 
_refine_ls_restr.weight 
_refine_ls_restr.pdbx_restraint_function 
'X-RAY DIFFRACTION' ? 0.009  0.019  875  ? r_bond_refined_d             ? ? 
'X-RAY DIFFRACTION' ? 0.002  0.020  865  ? r_bond_other_d               ? ? 
'X-RAY DIFFRACTION' ? 1.446  1.977  1200 ? r_angle_refined_deg          ? ? 
'X-RAY DIFFRACTION' ? 0.951  3.002  2008 ? r_angle_other_deg            ? ? 
'X-RAY DIFFRACTION' ? 5.046  5.000  123  ? r_dihedral_angle_1_deg       ? ? 
'X-RAY DIFFRACTION' ? 36.543 25.349 43   ? r_dihedral_angle_2_deg       ? ? 
'X-RAY DIFFRACTION' ? 11.979 15.000 159  ? r_dihedral_angle_3_deg       ? ? 
'X-RAY DIFFRACTION' ? 14.893 15.000 6    ? r_dihedral_angle_4_deg       ? ? 
'X-RAY DIFFRACTION' ? 0.078  0.200  137  ? r_chiral_restr               ? ? 
'X-RAY DIFFRACTION' ? 0.005  0.021  1009 ? r_gen_planes_refined         ? ? 
'X-RAY DIFFRACTION' ? 0.002  0.020  185  ? r_gen_planes_other           ? ? 
'X-RAY DIFFRACTION' ? ?      ?      ?    ? r_nbd_refined                ? ? 
'X-RAY DIFFRACTION' ? ?      ?      ?    ? r_nbd_other                  ? ? 
'X-RAY DIFFRACTION' ? ?      ?      ?    ? r_nbtor_refined              ? ? 
'X-RAY DIFFRACTION' ? ?      ?      ?    ? r_nbtor_other                ? ? 
'X-RAY DIFFRACTION' ? ?      ?      ?    ? r_xyhbond_nbd_refined        ? ? 
'X-RAY DIFFRACTION' ? ?      ?      ?    ? r_xyhbond_nbd_other          ? ? 
'X-RAY DIFFRACTION' ? ?      ?      ?    ? r_metal_ion_refined          ? ? 
'X-RAY DIFFRACTION' ? ?      ?      ?    ? r_metal_ion_other            ? ? 
'X-RAY DIFFRACTION' ? ?      ?      ?    ? r_symmetry_vdw_refined       ? ? 
'X-RAY DIFFRACTION' ? ?      ?      ?    ? r_symmetry_vdw_other         ? ? 
'X-RAY DIFFRACTION' ? ?      ?      ?    ? r_symmetry_hbond_refined     ? ? 
'X-RAY DIFFRACTION' ? ?      ?      ?    ? r_symmetry_hbond_other       ? ? 
'X-RAY DIFFRACTION' ? ?      ?      ?    ? r_symmetry_metal_ion_refined ? ? 
'X-RAY DIFFRACTION' ? ?      ?      ?    ? r_symmetry_metal_ion_other   ? ? 
'X-RAY DIFFRACTION' ? 0.886  1.428  434  ? r_mcbond_it                  ? ? 
'X-RAY DIFFRACTION' ? 0.879  1.423  432  ? r_mcbond_other               ? ? 
'X-RAY DIFFRACTION' ? 1.497  2.132  544  ? r_mcangle_it                 ? ? 
'X-RAY DIFFRACTION' ? 1.496  2.135  545  ? r_mcangle_other              ? ? 
'X-RAY DIFFRACTION' ? 1.302  1.611  441  ? r_scbond_it                  ? ? 
'X-RAY DIFFRACTION' ? 1.300  1.612  442  ? r_scbond_other               ? ? 
'X-RAY DIFFRACTION' ? ?      ?      ?    ? r_scangle_it                 ? ? 
'X-RAY DIFFRACTION' ? 2.115  2.346  646  ? r_scangle_other              ? ? 
'X-RAY DIFFRACTION' ? 5.234  13.149 1104 ? r_long_range_B_refined       ? ? 
'X-RAY DIFFRACTION' ? 4.882  12.084 1028 ? r_long_range_B_other         ? ? 
'X-RAY DIFFRACTION' ? ?      ?      ?    ? r_rigid_bond_restr           ? ? 
'X-RAY DIFFRACTION' ? ?      ?      ?    ? r_sphericity_free            ? ? 
'X-RAY DIFFRACTION' ? ?      ?      ?    ? r_sphericity_bonded          ? ? 
# 
_refine_ls_shell.pdbx_refine_id                   'X-RAY DIFFRACTION' 
_refine_ls_shell.d_res_high                       1.504 
_refine_ls_shell.d_res_low                        1.543 
_refine_ls_shell.number_reflns_all                ? 
_refine_ls_shell.number_reflns_obs                ? 
_refine_ls_shell.number_reflns_R_free             38 
_refine_ls_shell.number_reflns_R_work             734 
_refine_ls_shell.percent_reflns_obs               57.91 
_refine_ls_shell.percent_reflns_R_free            ? 
_refine_ls_shell.R_factor_all                     ? 
_refine_ls_shell.R_factor_obs                     ? 
_refine_ls_shell.R_factor_R_free                  0.248 
_refine_ls_shell.R_factor_R_free_error            ? 
_refine_ls_shell.R_factor_R_work                  0.270 
_refine_ls_shell.redundancy_reflns_all            ? 
_refine_ls_shell.redundancy_reflns_obs            ? 
_refine_ls_shell.wR_factor_all                    ? 
_refine_ls_shell.wR_factor_obs                    ? 
_refine_ls_shell.wR_factor_R_free                 ? 
_refine_ls_shell.wR_factor_R_work                 ? 
_refine_ls_shell.pdbx_total_number_of_bins_used   20 
_refine_ls_shell.pdbx_phase_error                 ? 
_refine_ls_shell.pdbx_fsc_work                    ? 
_refine_ls_shell.pdbx_fsc_free                    ? 
# 
_struct.entry_id                     5HBP 
_struct.title                        'The crystal of rhodanese domain of YgaP treated with SNOC' 
_struct.pdbx_model_details           ? 
_struct.pdbx_formula_weight          ? 
_struct.pdbx_formula_weight_method   ? 
_struct.pdbx_model_type_details      ? 
_struct.pdbx_CASP_flag               ? 
# 
_struct_keywords.entry_id        5HBP 
_struct_keywords.text            'S-nitrosylation, S-sulfhydration. rhodanese, TRANSFERASE' 
_struct_keywords.pdbx_keywords   TRANSFERASE 
# 
loop_
_struct_asym.id 
_struct_asym.pdbx_blank_PDB_chainid_flag 
_struct_asym.pdbx_modified 
_struct_asym.entity_id 
_struct_asym.details 
A N N 1 ? 
B N N 2 ? 
# 
_struct_ref.id                         1 
_struct_ref.db_name                    UNP 
_struct_ref.db_code                    YGAP_ECOLI 
_struct_ref.pdbx_db_accession          P55734 
_struct_ref.pdbx_db_isoform            ? 
_struct_ref.entity_id                  1 
_struct_ref.pdbx_seq_one_letter_code   
;ALTTISPHDAQELIARGAKLIDIRDADEYLREHIPEADLAPLSVLEQSGLPAKLRHEQIIFHCQAGKRTSNNADKLAAIA
APAEIFLLEDGIDGWKKAGLPVAVNKSQ
;
_struct_ref.pdbx_align_begin           2 
# 
_struct_ref_seq.align_id                      1 
_struct_ref_seq.ref_id                        1 
_struct_ref_seq.pdbx_PDB_id_code              5HBP 
_struct_ref_seq.pdbx_strand_id                A 
_struct_ref_seq.seq_align_beg                 20 
_struct_ref_seq.pdbx_seq_align_beg_ins_code   ? 
_struct_ref_seq.seq_align_end                 127 
_struct_ref_seq.pdbx_seq_align_end_ins_code   ? 
_struct_ref_seq.pdbx_db_accession             P55734 
_struct_ref_seq.db_align_beg                  2 
_struct_ref_seq.pdbx_db_align_beg_ins_code    ? 
_struct_ref_seq.db_align_end                  109 
_struct_ref_seq.pdbx_db_align_end_ins_code    ? 
_struct_ref_seq.pdbx_auth_seq_align_beg       1 
_struct_ref_seq.pdbx_auth_seq_align_end       108 
# 
loop_
_struct_ref_seq_dif.align_id 
_struct_ref_seq_dif.pdbx_pdb_id_code 
_struct_ref_seq_dif.mon_id 
_struct_ref_seq_dif.pdbx_pdb_strand_id 
_struct_ref_seq_dif.seq_num 
_struct_ref_seq_dif.pdbx_pdb_ins_code 
_struct_ref_seq_dif.pdbx_seq_db_name 
_struct_ref_seq_dif.pdbx_seq_db_accession_code 
_struct_ref_seq_dif.db_mon_id 
_struct_ref_seq_dif.pdbx_seq_db_seq_num 
_struct_ref_seq_dif.details 
_struct_ref_seq_dif.pdbx_auth_seq_num 
_struct_ref_seq_dif.pdbx_ordinal 
1 5HBP MET A 1  ? UNP P55734 ?   ?  'initiating methionine'               -18 1  
1 5HBP LYS A 2  ? UNP P55734 ?   ?  'expression tag'                      -17 2  
1 5HBP SER A 3  ? UNP P55734 ?   ?  'expression tag'                      -16 3  
1 5HBP SER A 4  ? UNP P55734 ?   ?  'expression tag'                      -15 4  
1 5HBP HIS A 5  ? UNP P55734 ?   ?  'expression tag'                      -14 5  
1 5HBP HIS A 6  ? UNP P55734 ?   ?  'expression tag'                      -13 6  
1 5HBP HIS A 7  ? UNP P55734 ?   ?  'expression tag'                      -12 7  
1 5HBP HIS A 8  ? UNP P55734 ?   ?  'expression tag'                      -11 8  
1 5HBP HIS A 9  ? UNP P55734 ?   ?  'expression tag'                      -10 9  
1 5HBP HIS A 10 ? UNP P55734 ?   ?  'expression tag'                      -9  10 
1 5HBP GLU A 11 ? UNP P55734 ?   ?  'expression tag'                      -8  11 
1 5HBP ASN A 12 ? UNP P55734 ?   ?  'expression tag'                      -7  12 
1 5HBP LEU A 13 ? UNP P55734 ?   ?  'expression tag'                      -6  13 
1 5HBP TYR A 14 ? UNP P55734 ?   ?  'expression tag'                      -5  14 
1 5HBP PHE A 15 ? UNP P55734 ?   ?  'expression tag'                      -4  15 
1 5HBP GLN A 16 ? UNP P55734 ?   ?  'expression tag'                      -3  16 
1 5HBP SER A 17 ? UNP P55734 ?   ?  'expression tag'                      -2  17 
1 5HBP ASN A 18 ? UNP P55734 ?   ?  'expression tag'                      -1  18 
1 5HBP ALA A 19 ? UNP P55734 ?   ?  'expression tag'                      0   19 
1 5HBP SNC A 82 ? UNP P55734 CYS 64 'microheterogeneity/modified residue' 63  20 
# 
_pdbx_struct_assembly.id                   1 
_pdbx_struct_assembly.details              author_and_software_defined_assembly 
_pdbx_struct_assembly.method_details       PISA 
_pdbx_struct_assembly.oligomeric_details   monomeric 
_pdbx_struct_assembly.oligomeric_count     1 
# 
loop_
_pdbx_struct_assembly_prop.biol_id 
_pdbx_struct_assembly_prop.type 
_pdbx_struct_assembly_prop.value 
_pdbx_struct_assembly_prop.details 
1 'ABSA (A^2)' 0    ? 
1 MORE         0    ? 
1 'SSA (A^2)'  5570 ? 
# 
_pdbx_struct_assembly_gen.assembly_id       1 
_pdbx_struct_assembly_gen.oper_expression   1 
_pdbx_struct_assembly_gen.asym_id_list      A,B 
# 
_pdbx_struct_oper_list.id                   1 
_pdbx_struct_oper_list.type                 'identity operation' 
_pdbx_struct_oper_list.name                 1_555 
_pdbx_struct_oper_list.symmetry_operation   x,y,z 
_pdbx_struct_oper_list.matrix[1][1]         1.0000000000 
_pdbx_struct_oper_list.matrix[1][2]         0.0000000000 
_pdbx_struct_oper_list.matrix[1][3]         0.0000000000 
_pdbx_struct_oper_list.vector[1]            0.0000000000 
_pdbx_struct_oper_list.matrix[2][1]         0.0000000000 
_pdbx_struct_oper_list.matrix[2][2]         1.0000000000 
_pdbx_struct_oper_list.matrix[2][3]         0.0000000000 
_pdbx_struct_oper_list.vector[2]            0.0000000000 
_pdbx_struct_oper_list.matrix[3][1]         0.0000000000 
_pdbx_struct_oper_list.matrix[3][2]         0.0000000000 
_pdbx_struct_oper_list.matrix[3][3]         1.0000000000 
_pdbx_struct_oper_list.vector[3]            0.0000000000 
# 
loop_
_struct_conf.conf_type_id 
_struct_conf.id 
_struct_conf.pdbx_PDB_helix_id 
_struct_conf.beg_label_comp_id 
_struct_conf.beg_label_asym_id 
_struct_conf.beg_label_seq_id 
_struct_conf.pdbx_beg_PDB_ins_code 
_struct_conf.end_label_comp_id 
_struct_conf.end_label_asym_id 
_struct_conf.end_label_seq_id 
_struct_conf.pdbx_end_PDB_ins_code 
_struct_conf.beg_auth_comp_id 
_struct_conf.beg_auth_asym_id 
_struct_conf.beg_auth_seq_id 
_struct_conf.end_auth_comp_id 
_struct_conf.end_auth_asym_id 
_struct_conf.end_auth_seq_id 
_struct_conf.pdbx_PDB_helix_class 
_struct_conf.details 
_struct_conf.pdbx_PDB_helix_length 
HELX_P HELX_P1 AA1 SER A 25  ? ARG A 35  ? SER A 6  ARG A 16 1 ? 11 
HELX_P HELX_P2 AA2 ASP A 44  ? ARG A 50  ? ASP A 25 ARG A 31 1 ? 7  
HELX_P HELX_P3 AA3 PRO A 60  ? GLY A 68  ? PRO A 41 GLY A 49 1 ? 9  
HELX_P HELX_P4 AA4 PRO A 70  ? ARG A 74  ? PRO A 51 ARG A 55 5 ? 5  
HELX_P HELX_P5 AA5 GLY A 85  ? ASN A 91  ? GLY A 66 ASN A 72 1 ? 7  
HELX_P HELX_P6 AA6 ASN A 91  ? ALA A 99  ? ASN A 72 ALA A 80 1 ? 9  
HELX_P HELX_P7 AA7 ASP A 109 ? ALA A 117 ? ASP A 90 ALA A 98 1 ? 9  
# 
_struct_conf_type.id          HELX_P 
_struct_conf_type.criteria    ? 
_struct_conf_type.reference   ? 
# 
loop_
_struct_conn.id 
_struct_conn.conn_type_id 
_struct_conn.pdbx_leaving_atom_flag 
_struct_conn.pdbx_PDB_id 
_struct_conn.ptnr1_label_asym_id 
_struct_conn.ptnr1_label_comp_id 
_struct_conn.ptnr1_label_seq_id 
_struct_conn.ptnr1_label_atom_id 
_struct_conn.pdbx_ptnr1_label_alt_id 
_struct_conn.pdbx_ptnr1_PDB_ins_code 
_struct_conn.pdbx_ptnr1_standard_comp_id 
_struct_conn.ptnr1_symmetry 
_struct_conn.ptnr2_label_asym_id 
_struct_conn.ptnr2_label_comp_id 
_struct_conn.ptnr2_label_seq_id 
_struct_conn.ptnr2_label_atom_id 
_struct_conn.pdbx_ptnr2_label_alt_id 
_struct_conn.pdbx_ptnr2_PDB_ins_code 
_struct_conn.ptnr1_auth_asym_id 
_struct_conn.ptnr1_auth_comp_id 
_struct_conn.ptnr1_auth_seq_id 
_struct_conn.ptnr2_auth_asym_id 
_struct_conn.ptnr2_auth_comp_id 
_struct_conn.ptnr2_auth_seq_id 
_struct_conn.ptnr2_symmetry 
_struct_conn.pdbx_ptnr3_label_atom_id 
_struct_conn.pdbx_ptnr3_label_seq_id 
_struct_conn.pdbx_ptnr3_label_comp_id 
_struct_conn.pdbx_ptnr3_label_asym_id 
_struct_conn.pdbx_ptnr3_label_alt_id 
_struct_conn.pdbx_ptnr3_PDB_ins_code 
_struct_conn.details 
_struct_conn.pdbx_dist_value 
_struct_conn.pdbx_value_order 
_struct_conn.pdbx_role 
covale1 covale both ? A HIS 81 C ? ? ? 1_555 A SNC 82 N A ? A HIS 62 A SNC 63 1_555 ? ? ? ? ? ? ? 1.320 ? ? 
covale2 covale both ? A HIS 81 C ? ? ? 1_555 A CSS 82 N B ? A HIS 62 A CSS 63 1_555 ? ? ? ? ? ? ? 1.320 ? ? 
covale3 covale both ? A SNC 82 C A ? ? 1_555 A GLN 83 N ? ? A SNC 63 A GLN 64 1_555 ? ? ? ? ? ? ? 1.338 ? ? 
covale4 covale both ? A CSS 82 C B ? ? 1_555 A GLN 83 N ? ? A CSS 63 A GLN 64 1_555 ? ? ? ? ? ? ? 1.338 ? ? 
# 
_struct_conn_type.id          covale 
_struct_conn_type.criteria    ? 
_struct_conn_type.reference   ? 
# 
loop_
_pdbx_modification_feature.ordinal 
_pdbx_modification_feature.label_comp_id 
_pdbx_modification_feature.label_asym_id 
_pdbx_modification_feature.label_seq_id 
_pdbx_modification_feature.label_alt_id 
_pdbx_modification_feature.modified_residue_label_comp_id 
_pdbx_modification_feature.modified_residue_label_asym_id 
_pdbx_modification_feature.modified_residue_label_seq_id 
_pdbx_modification_feature.modified_residue_label_alt_id 
_pdbx_modification_feature.auth_comp_id 
_pdbx_modification_feature.auth_asym_id 
_pdbx_modification_feature.auth_seq_id 
_pdbx_modification_feature.PDB_ins_code 
_pdbx_modification_feature.symmetry 
_pdbx_modification_feature.modified_residue_auth_comp_id 
_pdbx_modification_feature.modified_residue_auth_asym_id 
_pdbx_modification_feature.modified_residue_auth_seq_id 
_pdbx_modification_feature.modified_residue_PDB_ins_code 
_pdbx_modification_feature.modified_residue_symmetry 
_pdbx_modification_feature.comp_id_linking_atom 
_pdbx_modification_feature.modified_residue_id_linking_atom 
_pdbx_modification_feature.modified_residue_id 
_pdbx_modification_feature.ref_pcm_id 
_pdbx_modification_feature.ref_comp_id 
_pdbx_modification_feature.type 
_pdbx_modification_feature.category 
1 SNC A 82 A . . . . SNC A 63 ? 1_555 . . . . . . . CYS 1 SNC Nitrosylation 'Named protein modification' 
2 CSS A 82 B . . . . CSS A 63 ? 1_555 . . . . . . . CYS 1 CSS Sulfhydration 'Named protein modification' 
# 
_struct_mon_prot_cis.pdbx_id                1 
_struct_mon_prot_cis.label_comp_id          ALA 
_struct_mon_prot_cis.label_seq_id           100 
_struct_mon_prot_cis.label_asym_id          A 
_struct_mon_prot_cis.label_alt_id           . 
_struct_mon_prot_cis.pdbx_PDB_ins_code      ? 
_struct_mon_prot_cis.auth_comp_id           ALA 
_struct_mon_prot_cis.auth_seq_id            81 
_struct_mon_prot_cis.auth_asym_id           A 
_struct_mon_prot_cis.pdbx_label_comp_id_2   PRO 
_struct_mon_prot_cis.pdbx_label_seq_id_2    101 
_struct_mon_prot_cis.pdbx_label_asym_id_2   A 
_struct_mon_prot_cis.pdbx_PDB_ins_code_2    ? 
_struct_mon_prot_cis.pdbx_auth_comp_id_2    PRO 
_struct_mon_prot_cis.pdbx_auth_seq_id_2     82 
_struct_mon_prot_cis.pdbx_auth_asym_id_2    A 
_struct_mon_prot_cis.pdbx_PDB_model_num     1 
_struct_mon_prot_cis.pdbx_omega_angle       8.95 
# 
loop_
_struct_sheet.id 
_struct_sheet.type 
_struct_sheet.number_strands 
_struct_sheet.details 
AA1 ? 5 ? 
AA2 ? 2 ? 
# 
loop_
_struct_sheet_order.sheet_id 
_struct_sheet_order.range_id_1 
_struct_sheet_order.range_id_2 
_struct_sheet_order.offset 
_struct_sheet_order.sense 
AA1 1 2 ? parallel      
AA1 2 3 ? parallel      
AA1 3 4 ? parallel      
AA1 4 5 ? parallel      
AA2 1 2 ? anti-parallel 
# 
loop_
_struct_sheet_range.sheet_id 
_struct_sheet_range.id 
_struct_sheet_range.beg_label_comp_id 
_struct_sheet_range.beg_label_asym_id 
_struct_sheet_range.beg_label_seq_id 
_struct_sheet_range.pdbx_beg_PDB_ins_code 
_struct_sheet_range.end_label_comp_id 
_struct_sheet_range.end_label_asym_id 
_struct_sheet_range.end_label_seq_id 
_struct_sheet_range.pdbx_end_PDB_ins_code 
_struct_sheet_range.beg_auth_comp_id 
_struct_sheet_range.beg_auth_asym_id 
_struct_sheet_range.beg_auth_seq_id 
_struct_sheet_range.end_auth_comp_id 
_struct_sheet_range.end_auth_asym_id 
_struct_sheet_range.end_auth_seq_id 
AA1 1 THR A 23  ? ILE A 24  ? THR A 4   ILE A 5   
AA1 2 GLU A 103 ? LEU A 107 ? GLU A 84  LEU A 88  
AA1 3 GLN A 77  ? HIS A 81  ? GLN A 58  HIS A 62  
AA1 4 LYS A 38  ? ASP A 41  ? LYS A 19  ASP A 22  
AA1 5 ASP A 57  ? LEU A 58  ? ASP A 38  LEU A 39  
AA2 1 GLU A 51  ? HIS A 52  ? GLU A 32  HIS A 33  
AA2 2 ALA A 122 ? VAL A 123 ? ALA A 103 VAL A 104 
# 
loop_
_pdbx_struct_sheet_hbond.sheet_id 
_pdbx_struct_sheet_hbond.range_id_1 
_pdbx_struct_sheet_hbond.range_id_2 
_pdbx_struct_sheet_hbond.range_1_label_atom_id 
_pdbx_struct_sheet_hbond.range_1_label_comp_id 
_pdbx_struct_sheet_hbond.range_1_label_asym_id 
_pdbx_struct_sheet_hbond.range_1_label_seq_id 
_pdbx_struct_sheet_hbond.range_1_PDB_ins_code 
_pdbx_struct_sheet_hbond.range_1_auth_atom_id 
_pdbx_struct_sheet_hbond.range_1_auth_comp_id 
_pdbx_struct_sheet_hbond.range_1_auth_asym_id 
_pdbx_struct_sheet_hbond.range_1_auth_seq_id 
_pdbx_struct_sheet_hbond.range_2_label_atom_id 
_pdbx_struct_sheet_hbond.range_2_label_comp_id 
_pdbx_struct_sheet_hbond.range_2_label_asym_id 
_pdbx_struct_sheet_hbond.range_2_label_seq_id 
_pdbx_struct_sheet_hbond.range_2_PDB_ins_code 
_pdbx_struct_sheet_hbond.range_2_auth_atom_id 
_pdbx_struct_sheet_hbond.range_2_auth_comp_id 
_pdbx_struct_sheet_hbond.range_2_auth_asym_id 
_pdbx_struct_sheet_hbond.range_2_auth_seq_id 
AA1 1 2 N ILE A 24  ? N ILE A 5  O LEU A 106 ? O LEU A 87  
AA1 2 3 O LEU A 107 ? O LEU A 88 N PHE A 80  ? N PHE A 61  
AA1 3 4 O ILE A 79  ? O ILE A 60 N ILE A 40  ? N ILE A 21  
AA1 4 5 N LEU A 39  ? N LEU A 20 O ASP A 57  ? O ASP A 38  
AA2 1 2 N HIS A 52  ? N HIS A 33 O ALA A 122 ? O ALA A 103 
# 
_pdbx_entry_details.entry_id                   5HBP 
_pdbx_entry_details.compound_details           ? 
_pdbx_entry_details.source_details             ? 
_pdbx_entry_details.nonpolymer_details         ? 
_pdbx_entry_details.sequence_details           ? 
_pdbx_entry_details.has_ligand_of_interest     ? 
_pdbx_entry_details.has_protein_modification   Y 
# 
loop_
_pdbx_validate_torsion.id 
_pdbx_validate_torsion.PDB_model_num 
_pdbx_validate_torsion.auth_comp_id 
_pdbx_validate_torsion.auth_asym_id 
_pdbx_validate_torsion.auth_seq_id 
_pdbx_validate_torsion.PDB_ins_code 
_pdbx_validate_torsion.label_alt_id 
_pdbx_validate_torsion.phi 
_pdbx_validate_torsion.psi 
1 1 SNC A 63 ? A -135.12 -146.52 
2 1 CSS A 63 ? B -132.59 -149.29 
# 
_pdbx_struct_mod_residue.id               1 
_pdbx_struct_mod_residue.label_asym_id    A 
_pdbx_struct_mod_residue.label_comp_id    SNC 
_pdbx_struct_mod_residue.label_seq_id     82 
_pdbx_struct_mod_residue.auth_asym_id     A 
_pdbx_struct_mod_residue.auth_comp_id     SNC 
_pdbx_struct_mod_residue.auth_seq_id      63 
_pdbx_struct_mod_residue.PDB_ins_code     ? 
_pdbx_struct_mod_residue.parent_comp_id   CYS 
_pdbx_struct_mod_residue.details          'modified residue' 
# 
loop_
_pdbx_unobs_or_zero_occ_residues.id 
_pdbx_unobs_or_zero_occ_residues.PDB_model_num 
_pdbx_unobs_or_zero_occ_residues.polymer_flag 
_pdbx_unobs_or_zero_occ_residues.occupancy_flag 
_pdbx_unobs_or_zero_occ_residues.auth_asym_id 
_pdbx_unobs_or_zero_occ_residues.auth_comp_id 
_pdbx_unobs_or_zero_occ_residues.auth_seq_id 
_pdbx_unobs_or_zero_occ_residues.PDB_ins_code 
_pdbx_unobs_or_zero_occ_residues.label_asym_id 
_pdbx_unobs_or_zero_occ_residues.label_comp_id 
_pdbx_unobs_or_zero_occ_residues.label_seq_id 
1  1 Y 1 A MET -18 ? A MET 1   
2  1 Y 1 A LYS -17 ? A LYS 2   
3  1 Y 1 A SER -16 ? A SER 3   
4  1 Y 1 A SER -15 ? A SER 4   
5  1 Y 1 A HIS -14 ? A HIS 5   
6  1 Y 1 A HIS -13 ? A HIS 6   
7  1 Y 1 A HIS -12 ? A HIS 7   
8  1 Y 1 A HIS -11 ? A HIS 8   
9  1 Y 1 A HIS -10 ? A HIS 9   
10 1 Y 1 A HIS -9  ? A HIS 10  
11 1 Y 1 A GLU -8  ? A GLU 11  
12 1 Y 1 A ASN -7  ? A ASN 12  
13 1 Y 1 A LEU -6  ? A LEU 13  
14 1 Y 1 A TYR -5  ? A TYR 14  
15 1 Y 1 A PHE -4  ? A PHE 15  
16 1 Y 1 A GLN -3  ? A GLN 16  
17 1 Y 1 A SER -2  ? A SER 17  
18 1 Y 1 A ASN -1  ? A ASN 18  
19 1 Y 1 A ALA 0   ? A ALA 19  
20 1 Y 1 A ALA 1   ? A ALA 20  
21 1 Y 1 A LEU 2   ? A LEU 21  
22 1 Y 1 A LYS 106 ? A LYS 125 
23 1 Y 1 A SER 107 ? A SER 126 
24 1 Y 1 A GLN 108 ? A GLN 127 
# 
loop_
_chem_comp_atom.comp_id 
_chem_comp_atom.atom_id 
_chem_comp_atom.type_symbol 
_chem_comp_atom.pdbx_aromatic_flag 
_chem_comp_atom.pdbx_stereo_config 
_chem_comp_atom.pdbx_ordinal 
ALA N    N N N 1   
ALA CA   C N S 2   
ALA C    C N N 3   
ALA O    O N N 4   
ALA CB   C N N 5   
ALA OXT  O N N 6   
ALA H    H N N 7   
ALA H2   H N N 8   
ALA HA   H N N 9   
ALA HB1  H N N 10  
ALA HB2  H N N 11  
ALA HB3  H N N 12  
ALA HXT  H N N 13  
ARG N    N N N 14  
ARG CA   C N S 15  
ARG C    C N N 16  
ARG O    O N N 17  
ARG CB   C N N 18  
ARG CG   C N N 19  
ARG CD   C N N 20  
ARG NE   N N N 21  
ARG CZ   C N N 22  
ARG NH1  N N N 23  
ARG NH2  N N N 24  
ARG OXT  O N N 25  
ARG H    H N N 26  
ARG H2   H N N 27  
ARG HA   H N N 28  
ARG HB2  H N N 29  
ARG HB3  H N N 30  
ARG HG2  H N N 31  
ARG HG3  H N N 32  
ARG HD2  H N N 33  
ARG HD3  H N N 34  
ARG HE   H N N 35  
ARG HH11 H N N 36  
ARG HH12 H N N 37  
ARG HH21 H N N 38  
ARG HH22 H N N 39  
ARG HXT  H N N 40  
ASN N    N N N 41  
ASN CA   C N S 42  
ASN C    C N N 43  
ASN O    O N N 44  
ASN CB   C N N 45  
ASN CG   C N N 46  
ASN OD1  O N N 47  
ASN ND2  N N N 48  
ASN OXT  O N N 49  
ASN H    H N N 50  
ASN H2   H N N 51  
ASN HA   H N N 52  
ASN HB2  H N N 53  
ASN HB3  H N N 54  
ASN HD21 H N N 55  
ASN HD22 H N N 56  
ASN HXT  H N N 57  
ASP N    N N N 58  
ASP CA   C N S 59  
ASP C    C N N 60  
ASP O    O N N 61  
ASP CB   C N N 62  
ASP CG   C N N 63  
ASP OD1  O N N 64  
ASP OD2  O N N 65  
ASP OXT  O N N 66  
ASP H    H N N 67  
ASP H2   H N N 68  
ASP HA   H N N 69  
ASP HB2  H N N 70  
ASP HB3  H N N 71  
ASP HD2  H N N 72  
ASP HXT  H N N 73  
CSS N    N N N 74  
CSS CA   C N R 75  
CSS CB   C N N 76  
CSS SG   S N N 77  
CSS SD   S N N 78  
CSS C    C N N 79  
CSS O    O N N 80  
CSS OXT  O N N 81  
CSS H    H N N 82  
CSS H2   H N N 83  
CSS HA   H N N 84  
CSS HB2  H N N 85  
CSS HB3  H N N 86  
CSS HD   H N N 87  
CSS HXT  H N N 88  
CYS N    N N N 89  
CYS CA   C N R 90  
CYS C    C N N 91  
CYS O    O N N 92  
CYS CB   C N N 93  
CYS SG   S N N 94  
CYS OXT  O N N 95  
CYS H    H N N 96  
CYS H2   H N N 97  
CYS HA   H N N 98  
CYS HB2  H N N 99  
CYS HB3  H N N 100 
CYS HG   H N N 101 
CYS HXT  H N N 102 
GLN N    N N N 103 
GLN CA   C N S 104 
GLN C    C N N 105 
GLN O    O N N 106 
GLN CB   C N N 107 
GLN CG   C N N 108 
GLN CD   C N N 109 
GLN OE1  O N N 110 
GLN NE2  N N N 111 
GLN OXT  O N N 112 
GLN H    H N N 113 
GLN H2   H N N 114 
GLN HA   H N N 115 
GLN HB2  H N N 116 
GLN HB3  H N N 117 
GLN HG2  H N N 118 
GLN HG3  H N N 119 
GLN HE21 H N N 120 
GLN HE22 H N N 121 
GLN HXT  H N N 122 
GLU N    N N N 123 
GLU CA   C N S 124 
GLU C    C N N 125 
GLU O    O N N 126 
GLU CB   C N N 127 
GLU CG   C N N 128 
GLU CD   C N N 129 
GLU OE1  O N N 130 
GLU OE2  O N N 131 
GLU OXT  O N N 132 
GLU H    H N N 133 
GLU H2   H N N 134 
GLU HA   H N N 135 
GLU HB2  H N N 136 
GLU HB3  H N N 137 
GLU HG2  H N N 138 
GLU HG3  H N N 139 
GLU HE2  H N N 140 
GLU HXT  H N N 141 
GLY N    N N N 142 
GLY CA   C N N 143 
GLY C    C N N 144 
GLY O    O N N 145 
GLY OXT  O N N 146 
GLY H    H N N 147 
GLY H2   H N N 148 
GLY HA2  H N N 149 
GLY HA3  H N N 150 
GLY HXT  H N N 151 
HIS N    N N N 152 
HIS CA   C N S 153 
HIS C    C N N 154 
HIS O    O N N 155 
HIS CB   C N N 156 
HIS CG   C Y N 157 
HIS ND1  N Y N 158 
HIS CD2  C Y N 159 
HIS CE1  C Y N 160 
HIS NE2  N Y N 161 
HIS OXT  O N N 162 
HIS H    H N N 163 
HIS H2   H N N 164 
HIS HA   H N N 165 
HIS HB2  H N N 166 
HIS HB3  H N N 167 
HIS HD1  H N N 168 
HIS HD2  H N N 169 
HIS HE1  H N N 170 
HIS HE2  H N N 171 
HIS HXT  H N N 172 
HOH O    O N N 173 
HOH H1   H N N 174 
HOH H2   H N N 175 
ILE N    N N N 176 
ILE CA   C N S 177 
ILE C    C N N 178 
ILE O    O N N 179 
ILE CB   C N S 180 
ILE CG1  C N N 181 
ILE CG2  C N N 182 
ILE CD1  C N N 183 
ILE OXT  O N N 184 
ILE H    H N N 185 
ILE H2   H N N 186 
ILE HA   H N N 187 
ILE HB   H N N 188 
ILE HG12 H N N 189 
ILE HG13 H N N 190 
ILE HG21 H N N 191 
ILE HG22 H N N 192 
ILE HG23 H N N 193 
ILE HD11 H N N 194 
ILE HD12 H N N 195 
ILE HD13 H N N 196 
ILE HXT  H N N 197 
LEU N    N N N 198 
LEU CA   C N S 199 
LEU C    C N N 200 
LEU O    O N N 201 
LEU CB   C N N 202 
LEU CG   C N N 203 
LEU CD1  C N N 204 
LEU CD2  C N N 205 
LEU OXT  O N N 206 
LEU H    H N N 207 
LEU H2   H N N 208 
LEU HA   H N N 209 
LEU HB2  H N N 210 
LEU HB3  H N N 211 
LEU HG   H N N 212 
LEU HD11 H N N 213 
LEU HD12 H N N 214 
LEU HD13 H N N 215 
LEU HD21 H N N 216 
LEU HD22 H N N 217 
LEU HD23 H N N 218 
LEU HXT  H N N 219 
LYS N    N N N 220 
LYS CA   C N S 221 
LYS C    C N N 222 
LYS O    O N N 223 
LYS CB   C N N 224 
LYS CG   C N N 225 
LYS CD   C N N 226 
LYS CE   C N N 227 
LYS NZ   N N N 228 
LYS OXT  O N N 229 
LYS H    H N N 230 
LYS H2   H N N 231 
LYS HA   H N N 232 
LYS HB2  H N N 233 
LYS HB3  H N N 234 
LYS HG2  H N N 235 
LYS HG3  H N N 236 
LYS HD2  H N N 237 
LYS HD3  H N N 238 
LYS HE2  H N N 239 
LYS HE3  H N N 240 
LYS HZ1  H N N 241 
LYS HZ2  H N N 242 
LYS HZ3  H N N 243 
LYS HXT  H N N 244 
MET N    N N N 245 
MET CA   C N S 246 
MET C    C N N 247 
MET O    O N N 248 
MET CB   C N N 249 
MET CG   C N N 250 
MET SD   S N N 251 
MET CE   C N N 252 
MET OXT  O N N 253 
MET H    H N N 254 
MET H2   H N N 255 
MET HA   H N N 256 
MET HB2  H N N 257 
MET HB3  H N N 258 
MET HG2  H N N 259 
MET HG3  H N N 260 
MET HE1  H N N 261 
MET HE2  H N N 262 
MET HE3  H N N 263 
MET HXT  H N N 264 
PHE N    N N N 265 
PHE CA   C N S 266 
PHE C    C N N 267 
PHE O    O N N 268 
PHE CB   C N N 269 
PHE CG   C Y N 270 
PHE CD1  C Y N 271 
PHE CD2  C Y N 272 
PHE CE1  C Y N 273 
PHE CE2  C Y N 274 
PHE CZ   C Y N 275 
PHE OXT  O N N 276 
PHE H    H N N 277 
PHE H2   H N N 278 
PHE HA   H N N 279 
PHE HB2  H N N 280 
PHE HB3  H N N 281 
PHE HD1  H N N 282 
PHE HD2  H N N 283 
PHE HE1  H N N 284 
PHE HE2  H N N 285 
PHE HZ   H N N 286 
PHE HXT  H N N 287 
PRO N    N N N 288 
PRO CA   C N S 289 
PRO C    C N N 290 
PRO O    O N N 291 
PRO CB   C N N 292 
PRO CG   C N N 293 
PRO CD   C N N 294 
PRO OXT  O N N 295 
PRO H    H N N 296 
PRO HA   H N N 297 
PRO HB2  H N N 298 
PRO HB3  H N N 299 
PRO HG2  H N N 300 
PRO HG3  H N N 301 
PRO HD2  H N N 302 
PRO HD3  H N N 303 
PRO HXT  H N N 304 
SER N    N N N 305 
SER CA   C N S 306 
SER C    C N N 307 
SER O    O N N 308 
SER CB   C N N 309 
SER OG   O N N 310 
SER OXT  O N N 311 
SER H    H N N 312 
SER H2   H N N 313 
SER HA   H N N 314 
SER HB2  H N N 315 
SER HB3  H N N 316 
SER HG   H N N 317 
SER HXT  H N N 318 
SNC N    N N N 319 
SNC CA   C N R 320 
SNC CB   C N N 321 
SNC SG   S N N 322 
SNC ND   N N N 323 
SNC OE   O N N 324 
SNC C    C N N 325 
SNC O    O N N 326 
SNC OXT  O N N 327 
SNC H    H N N 328 
SNC H2   H N N 329 
SNC HA   H N N 330 
SNC HB2  H N N 331 
SNC HB3  H N N 332 
SNC HXT  H N N 333 
THR N    N N N 334 
THR CA   C N S 335 
THR C    C N N 336 
THR O    O N N 337 
THR CB   C N R 338 
THR OG1  O N N 339 
THR CG2  C N N 340 
THR OXT  O N N 341 
THR H    H N N 342 
THR H2   H N N 343 
THR HA   H N N 344 
THR HB   H N N 345 
THR HG1  H N N 346 
THR HG21 H N N 347 
THR HG22 H N N 348 
THR HG23 H N N 349 
THR HXT  H N N 350 
TRP N    N N N 351 
TRP CA   C N S 352 
TRP C    C N N 353 
TRP O    O N N 354 
TRP CB   C N N 355 
TRP CG   C Y N 356 
TRP CD1  C Y N 357 
TRP CD2  C Y N 358 
TRP NE1  N Y N 359 
TRP CE2  C Y N 360 
TRP CE3  C Y N 361 
TRP CZ2  C Y N 362 
TRP CZ3  C Y N 363 
TRP CH2  C Y N 364 
TRP OXT  O N N 365 
TRP H    H N N 366 
TRP H2   H N N 367 
TRP HA   H N N 368 
TRP HB2  H N N 369 
TRP HB3  H N N 370 
TRP HD1  H N N 371 
TRP HE1  H N N 372 
TRP HE3  H N N 373 
TRP HZ2  H N N 374 
TRP HZ3  H N N 375 
TRP HH2  H N N 376 
TRP HXT  H N N 377 
TYR N    N N N 378 
TYR CA   C N S 379 
TYR C    C N N 380 
TYR O    O N N 381 
TYR CB   C N N 382 
TYR CG   C Y N 383 
TYR CD1  C Y N 384 
TYR CD2  C Y N 385 
TYR CE1  C Y N 386 
TYR CE2  C Y N 387 
TYR CZ   C Y N 388 
TYR OH   O N N 389 
TYR OXT  O N N 390 
TYR H    H N N 391 
TYR H2   H N N 392 
TYR HA   H N N 393 
TYR HB2  H N N 394 
TYR HB3  H N N 395 
TYR HD1  H N N 396 
TYR HD2  H N N 397 
TYR HE1  H N N 398 
TYR HE2  H N N 399 
TYR HH   H N N 400 
TYR HXT  H N N 401 
VAL N    N N N 402 
VAL CA   C N S 403 
VAL C    C N N 404 
VAL O    O N N 405 
VAL CB   C N N 406 
VAL CG1  C N N 407 
VAL CG2  C N N 408 
VAL OXT  O N N 409 
VAL H    H N N 410 
VAL H2   H N N 411 
VAL HA   H N N 412 
VAL HB   H N N 413 
VAL HG11 H N N 414 
VAL HG12 H N N 415 
VAL HG13 H N N 416 
VAL HG21 H N N 417 
VAL HG22 H N N 418 
VAL HG23 H N N 419 
VAL HXT  H N N 420 
# 
loop_
_chem_comp_bond.comp_id 
_chem_comp_bond.atom_id_1 
_chem_comp_bond.atom_id_2 
_chem_comp_bond.value_order 
_chem_comp_bond.pdbx_aromatic_flag 
_chem_comp_bond.pdbx_stereo_config 
_chem_comp_bond.pdbx_ordinal 
ALA N   CA   sing N N 1   
ALA N   H    sing N N 2   
ALA N   H2   sing N N 3   
ALA CA  C    sing N N 4   
ALA CA  CB   sing N N 5   
ALA CA  HA   sing N N 6   
ALA C   O    doub N N 7   
ALA C   OXT  sing N N 8   
ALA CB  HB1  sing N N 9   
ALA CB  HB2  sing N N 10  
ALA CB  HB3  sing N N 11  
ALA OXT HXT  sing N N 12  
ARG N   CA   sing N N 13  
ARG N   H    sing N N 14  
ARG N   H2   sing N N 15  
ARG CA  C    sing N N 16  
ARG CA  CB   sing N N 17  
ARG CA  HA   sing N N 18  
ARG C   O    doub N N 19  
ARG C   OXT  sing N N 20  
ARG CB  CG   sing N N 21  
ARG CB  HB2  sing N N 22  
ARG CB  HB3  sing N N 23  
ARG CG  CD   sing N N 24  
ARG CG  HG2  sing N N 25  
ARG CG  HG3  sing N N 26  
ARG CD  NE   sing N N 27  
ARG CD  HD2  sing N N 28  
ARG CD  HD3  sing N N 29  
ARG NE  CZ   sing N N 30  
ARG NE  HE   sing N N 31  
ARG CZ  NH1  sing N N 32  
ARG CZ  NH2  doub N N 33  
ARG NH1 HH11 sing N N 34  
ARG NH1 HH12 sing N N 35  
ARG NH2 HH21 sing N N 36  
ARG NH2 HH22 sing N N 37  
ARG OXT HXT  sing N N 38  
ASN N   CA   sing N N 39  
ASN N   H    sing N N 40  
ASN N   H2   sing N N 41  
ASN CA  C    sing N N 42  
ASN CA  CB   sing N N 43  
ASN CA  HA   sing N N 44  
ASN C   O    doub N N 45  
ASN C   OXT  sing N N 46  
ASN CB  CG   sing N N 47  
ASN CB  HB2  sing N N 48  
ASN CB  HB3  sing N N 49  
ASN CG  OD1  doub N N 50  
ASN CG  ND2  sing N N 51  
ASN ND2 HD21 sing N N 52  
ASN ND2 HD22 sing N N 53  
ASN OXT HXT  sing N N 54  
ASP N   CA   sing N N 55  
ASP N   H    sing N N 56  
ASP N   H2   sing N N 57  
ASP CA  C    sing N N 58  
ASP CA  CB   sing N N 59  
ASP CA  HA   sing N N 60  
ASP C   O    doub N N 61  
ASP C   OXT  sing N N 62  
ASP CB  CG   sing N N 63  
ASP CB  HB2  sing N N 64  
ASP CB  HB3  sing N N 65  
ASP CG  OD1  doub N N 66  
ASP CG  OD2  sing N N 67  
ASP OD2 HD2  sing N N 68  
ASP OXT HXT  sing N N 69  
CSS N   CA   sing N N 70  
CSS N   H    sing N N 71  
CSS N   H2   sing N N 72  
CSS CA  CB   sing N N 73  
CSS CA  C    sing N N 74  
CSS CA  HA   sing N N 75  
CSS CB  SG   sing N N 76  
CSS CB  HB2  sing N N 77  
CSS CB  HB3  sing N N 78  
CSS SG  SD   sing N N 79  
CSS SD  HD   sing N N 80  
CSS C   O    doub N N 81  
CSS C   OXT  sing N N 82  
CSS OXT HXT  sing N N 83  
CYS N   CA   sing N N 84  
CYS N   H    sing N N 85  
CYS N   H2   sing N N 86  
CYS CA  C    sing N N 87  
CYS CA  CB   sing N N 88  
CYS CA  HA   sing N N 89  
CYS C   O    doub N N 90  
CYS C   OXT  sing N N 91  
CYS CB  SG   sing N N 92  
CYS CB  HB2  sing N N 93  
CYS CB  HB3  sing N N 94  
CYS SG  HG   sing N N 95  
CYS OXT HXT  sing N N 96  
GLN N   CA   sing N N 97  
GLN N   H    sing N N 98  
GLN N   H2   sing N N 99  
GLN CA  C    sing N N 100 
GLN CA  CB   sing N N 101 
GLN CA  HA   sing N N 102 
GLN C   O    doub N N 103 
GLN C   OXT  sing N N 104 
GLN CB  CG   sing N N 105 
GLN CB  HB2  sing N N 106 
GLN CB  HB3  sing N N 107 
GLN CG  CD   sing N N 108 
GLN CG  HG2  sing N N 109 
GLN CG  HG3  sing N N 110 
GLN CD  OE1  doub N N 111 
GLN CD  NE2  sing N N 112 
GLN NE2 HE21 sing N N 113 
GLN NE2 HE22 sing N N 114 
GLN OXT HXT  sing N N 115 
GLU N   CA   sing N N 116 
GLU N   H    sing N N 117 
GLU N   H2   sing N N 118 
GLU CA  C    sing N N 119 
GLU CA  CB   sing N N 120 
GLU CA  HA   sing N N 121 
GLU C   O    doub N N 122 
GLU C   OXT  sing N N 123 
GLU CB  CG   sing N N 124 
GLU CB  HB2  sing N N 125 
GLU CB  HB3  sing N N 126 
GLU CG  CD   sing N N 127 
GLU CG  HG2  sing N N 128 
GLU CG  HG3  sing N N 129 
GLU CD  OE1  doub N N 130 
GLU CD  OE2  sing N N 131 
GLU OE2 HE2  sing N N 132 
GLU OXT HXT  sing N N 133 
GLY N   CA   sing N N 134 
GLY N   H    sing N N 135 
GLY N   H2   sing N N 136 
GLY CA  C    sing N N 137 
GLY CA  HA2  sing N N 138 
GLY CA  HA3  sing N N 139 
GLY C   O    doub N N 140 
GLY C   OXT  sing N N 141 
GLY OXT HXT  sing N N 142 
HIS N   CA   sing N N 143 
HIS N   H    sing N N 144 
HIS N   H2   sing N N 145 
HIS CA  C    sing N N 146 
HIS CA  CB   sing N N 147 
HIS CA  HA   sing N N 148 
HIS C   O    doub N N 149 
HIS C   OXT  sing N N 150 
HIS CB  CG   sing N N 151 
HIS CB  HB2  sing N N 152 
HIS CB  HB3  sing N N 153 
HIS CG  ND1  sing Y N 154 
HIS CG  CD2  doub Y N 155 
HIS ND1 CE1  doub Y N 156 
HIS ND1 HD1  sing N N 157 
HIS CD2 NE2  sing Y N 158 
HIS CD2 HD2  sing N N 159 
HIS CE1 NE2  sing Y N 160 
HIS CE1 HE1  sing N N 161 
HIS NE2 HE2  sing N N 162 
HIS OXT HXT  sing N N 163 
HOH O   H1   sing N N 164 
HOH O   H2   sing N N 165 
ILE N   CA   sing N N 166 
ILE N   H    sing N N 167 
ILE N   H2   sing N N 168 
ILE CA  C    sing N N 169 
ILE CA  CB   sing N N 170 
ILE CA  HA   sing N N 171 
ILE C   O    doub N N 172 
ILE C   OXT  sing N N 173 
ILE CB  CG1  sing N N 174 
ILE CB  CG2  sing N N 175 
ILE CB  HB   sing N N 176 
ILE CG1 CD1  sing N N 177 
ILE CG1 HG12 sing N N 178 
ILE CG1 HG13 sing N N 179 
ILE CG2 HG21 sing N N 180 
ILE CG2 HG22 sing N N 181 
ILE CG2 HG23 sing N N 182 
ILE CD1 HD11 sing N N 183 
ILE CD1 HD12 sing N N 184 
ILE CD1 HD13 sing N N 185 
ILE OXT HXT  sing N N 186 
LEU N   CA   sing N N 187 
LEU N   H    sing N N 188 
LEU N   H2   sing N N 189 
LEU CA  C    sing N N 190 
LEU CA  CB   sing N N 191 
LEU CA  HA   sing N N 192 
LEU C   O    doub N N 193 
LEU C   OXT  sing N N 194 
LEU CB  CG   sing N N 195 
LEU CB  HB2  sing N N 196 
LEU CB  HB3  sing N N 197 
LEU CG  CD1  sing N N 198 
LEU CG  CD2  sing N N 199 
LEU CG  HG   sing N N 200 
LEU CD1 HD11 sing N N 201 
LEU CD1 HD12 sing N N 202 
LEU CD1 HD13 sing N N 203 
LEU CD2 HD21 sing N N 204 
LEU CD2 HD22 sing N N 205 
LEU CD2 HD23 sing N N 206 
LEU OXT HXT  sing N N 207 
LYS N   CA   sing N N 208 
LYS N   H    sing N N 209 
LYS N   H2   sing N N 210 
LYS CA  C    sing N N 211 
LYS CA  CB   sing N N 212 
LYS CA  HA   sing N N 213 
LYS C   O    doub N N 214 
LYS C   OXT  sing N N 215 
LYS CB  CG   sing N N 216 
LYS CB  HB2  sing N N 217 
LYS CB  HB3  sing N N 218 
LYS CG  CD   sing N N 219 
LYS CG  HG2  sing N N 220 
LYS CG  HG3  sing N N 221 
LYS CD  CE   sing N N 222 
LYS CD  HD2  sing N N 223 
LYS CD  HD3  sing N N 224 
LYS CE  NZ   sing N N 225 
LYS CE  HE2  sing N N 226 
LYS CE  HE3  sing N N 227 
LYS NZ  HZ1  sing N N 228 
LYS NZ  HZ2  sing N N 229 
LYS NZ  HZ3  sing N N 230 
LYS OXT HXT  sing N N 231 
MET N   CA   sing N N 232 
MET N   H    sing N N 233 
MET N   H2   sing N N 234 
MET CA  C    sing N N 235 
MET CA  CB   sing N N 236 
MET CA  HA   sing N N 237 
MET C   O    doub N N 238 
MET C   OXT  sing N N 239 
MET CB  CG   sing N N 240 
MET CB  HB2  sing N N 241 
MET CB  HB3  sing N N 242 
MET CG  SD   sing N N 243 
MET CG  HG2  sing N N 244 
MET CG  HG3  sing N N 245 
MET SD  CE   sing N N 246 
MET CE  HE1  sing N N 247 
MET CE  HE2  sing N N 248 
MET CE  HE3  sing N N 249 
MET OXT HXT  sing N N 250 
PHE N   CA   sing N N 251 
PHE N   H    sing N N 252 
PHE N   H2   sing N N 253 
PHE CA  C    sing N N 254 
PHE CA  CB   sing N N 255 
PHE CA  HA   sing N N 256 
PHE C   O    doub N N 257 
PHE C   OXT  sing N N 258 
PHE CB  CG   sing N N 259 
PHE CB  HB2  sing N N 260 
PHE CB  HB3  sing N N 261 
PHE CG  CD1  doub Y N 262 
PHE CG  CD2  sing Y N 263 
PHE CD1 CE1  sing Y N 264 
PHE CD1 HD1  sing N N 265 
PHE CD2 CE2  doub Y N 266 
PHE CD2 HD2  sing N N 267 
PHE CE1 CZ   doub Y N 268 
PHE CE1 HE1  sing N N 269 
PHE CE2 CZ   sing Y N 270 
PHE CE2 HE2  sing N N 271 
PHE CZ  HZ   sing N N 272 
PHE OXT HXT  sing N N 273 
PRO N   CA   sing N N 274 
PRO N   CD   sing N N 275 
PRO N   H    sing N N 276 
PRO CA  C    sing N N 277 
PRO CA  CB   sing N N 278 
PRO CA  HA   sing N N 279 
PRO C   O    doub N N 280 
PRO C   OXT  sing N N 281 
PRO CB  CG   sing N N 282 
PRO CB  HB2  sing N N 283 
PRO CB  HB3  sing N N 284 
PRO CG  CD   sing N N 285 
PRO CG  HG2  sing N N 286 
PRO CG  HG3  sing N N 287 
PRO CD  HD2  sing N N 288 
PRO CD  HD3  sing N N 289 
PRO OXT HXT  sing N N 290 
SER N   CA   sing N N 291 
SER N   H    sing N N 292 
SER N   H2   sing N N 293 
SER CA  C    sing N N 294 
SER CA  CB   sing N N 295 
SER CA  HA   sing N N 296 
SER C   O    doub N N 297 
SER C   OXT  sing N N 298 
SER CB  OG   sing N N 299 
SER CB  HB2  sing N N 300 
SER CB  HB3  sing N N 301 
SER OG  HG   sing N N 302 
SER OXT HXT  sing N N 303 
SNC N   CA   sing N N 304 
SNC N   H    sing N N 305 
SNC N   H2   sing N N 306 
SNC CA  CB   sing N N 307 
SNC CA  C    sing N N 308 
SNC CA  HA   sing N N 309 
SNC CB  SG   sing N N 310 
SNC CB  HB2  sing N N 311 
SNC CB  HB3  sing N N 312 
SNC SG  ND   sing N N 313 
SNC ND  OE   doub N N 314 
SNC C   O    doub N N 315 
SNC C   OXT  sing N N 316 
SNC OXT HXT  sing N N 317 
THR N   CA   sing N N 318 
THR N   H    sing N N 319 
THR N   H2   sing N N 320 
THR CA  C    sing N N 321 
THR CA  CB   sing N N 322 
THR CA  HA   sing N N 323 
THR C   O    doub N N 324 
THR C   OXT  sing N N 325 
THR CB  OG1  sing N N 326 
THR CB  CG2  sing N N 327 
THR CB  HB   sing N N 328 
THR OG1 HG1  sing N N 329 
THR CG2 HG21 sing N N 330 
THR CG2 HG22 sing N N 331 
THR CG2 HG23 sing N N 332 
THR OXT HXT  sing N N 333 
TRP N   CA   sing N N 334 
TRP N   H    sing N N 335 
TRP N   H2   sing N N 336 
TRP CA  C    sing N N 337 
TRP CA  CB   sing N N 338 
TRP CA  HA   sing N N 339 
TRP C   O    doub N N 340 
TRP C   OXT  sing N N 341 
TRP CB  CG   sing N N 342 
TRP CB  HB2  sing N N 343 
TRP CB  HB3  sing N N 344 
TRP CG  CD1  doub Y N 345 
TRP CG  CD2  sing Y N 346 
TRP CD1 NE1  sing Y N 347 
TRP CD1 HD1  sing N N 348 
TRP CD2 CE2  doub Y N 349 
TRP CD2 CE3  sing Y N 350 
TRP NE1 CE2  sing Y N 351 
TRP NE1 HE1  sing N N 352 
TRP CE2 CZ2  sing Y N 353 
TRP CE3 CZ3  doub Y N 354 
TRP CE3 HE3  sing N N 355 
TRP CZ2 CH2  doub Y N 356 
TRP CZ2 HZ2  sing N N 357 
TRP CZ3 CH2  sing Y N 358 
TRP CZ3 HZ3  sing N N 359 
TRP CH2 HH2  sing N N 360 
TRP OXT HXT  sing N N 361 
TYR N   CA   sing N N 362 
TYR N   H    sing N N 363 
TYR N   H2   sing N N 364 
TYR CA  C    sing N N 365 
TYR CA  CB   sing N N 366 
TYR CA  HA   sing N N 367 
TYR C   O    doub N N 368 
TYR C   OXT  sing N N 369 
TYR CB  CG   sing N N 370 
TYR CB  HB2  sing N N 371 
TYR CB  HB3  sing N N 372 
TYR CG  CD1  doub Y N 373 
TYR CG  CD2  sing Y N 374 
TYR CD1 CE1  sing Y N 375 
TYR CD1 HD1  sing N N 376 
TYR CD2 CE2  doub Y N 377 
TYR CD2 HD2  sing N N 378 
TYR CE1 CZ   doub Y N 379 
TYR CE1 HE1  sing N N 380 
TYR CE2 CZ   sing Y N 381 
TYR CE2 HE2  sing N N 382 
TYR CZ  OH   sing N N 383 
TYR OH  HH   sing N N 384 
TYR OXT HXT  sing N N 385 
VAL N   CA   sing N N 386 
VAL N   H    sing N N 387 
VAL N   H2   sing N N 388 
VAL CA  C    sing N N 389 
VAL CA  CB   sing N N 390 
VAL CA  HA   sing N N 391 
VAL C   O    doub N N 392 
VAL C   OXT  sing N N 393 
VAL CB  CG1  sing N N 394 
VAL CB  CG2  sing N N 395 
VAL CB  HB   sing N N 396 
VAL CG1 HG11 sing N N 397 
VAL CG1 HG12 sing N N 398 
VAL CG1 HG13 sing N N 399 
VAL CG2 HG21 sing N N 400 
VAL CG2 HG22 sing N N 401 
VAL CG2 HG23 sing N N 402 
VAL OXT HXT  sing N N 403 
# 
_pdbx_initial_refinement_model.id               1 
_pdbx_initial_refinement_model.entity_id_list   ? 
_pdbx_initial_refinement_model.type             'experimental model' 
_pdbx_initial_refinement_model.source_name      PDB 
_pdbx_initial_refinement_model.accession_code   5HBL 
_pdbx_initial_refinement_model.details          ? 
# 
_atom_sites.entry_id                    5HBP 
_atom_sites.fract_transf_matrix[1][1]   0.00271923 
_atom_sites.fract_transf_matrix[1][2]   0.00803072 
_atom_sites.fract_transf_matrix[1][3]   0.02491717 
_atom_sites.fract_transf_matrix[2][1]   0.00068609 
_atom_sites.fract_transf_matrix[2][2]   -0.01764856 
_atom_sites.fract_transf_matrix[2][3]   0.01951410 
_atom_sites.fract_transf_matrix[3][1]   0.01888700 
_atom_sites.fract_transf_matrix[3][2]   -0.00113892 
_atom_sites.fract_transf_matrix[3][3]   -0.00169408 
_atom_sites.fract_transf_vector[1]      0.009953 
_atom_sites.fract_transf_vector[2]      0.302164 
_atom_sites.fract_transf_vector[3]      -0.009657 
# 
loop_
_atom_type.symbol 
C 
N 
O 
S 
# 
loop_
_atom_site.group_PDB 
_atom_site.id 
_atom_site.type_symbol 
_atom_site.label_atom_id 
_atom_site.label_alt_id 
_atom_site.label_comp_id 
_atom_site.label_asym_id 
_atom_site.label_entity_id 
_atom_site.label_seq_id 
_atom_site.pdbx_PDB_ins_code 
_atom_site.Cartn_x 
_atom_site.Cartn_y 
_atom_site.Cartn_z 
_atom_site.occupancy 
_atom_site.B_iso_or_equiv 
_atom_site.pdbx_formal_charge 
_atom_site.auth_seq_id 
_atom_site.auth_comp_id 
_atom_site.auth_asym_id 
_atom_site.auth_atom_id 
_atom_site.pdbx_PDB_model_num 
ATOM   1    N N   . THR A 1 22  ? -8.228  1.272   9.525   1.00 29.62 ? 3   THR A N   1 
ATOM   2    C CA  . THR A 1 22  ? -8.538  -0.189  9.442   1.00 28.60 ? 3   THR A CA  1 
ATOM   3    C C   . THR A 1 22  ? -7.448  -0.986  8.719   1.00 24.74 ? 3   THR A C   1 
ATOM   4    O O   . THR A 1 22  ? -6.948  -0.583  7.658   1.00 24.25 ? 3   THR A O   1 
ATOM   5    C CB  . THR A 1 22  ? -9.898  -0.458  8.753   1.00 31.25 ? 3   THR A CB  1 
ATOM   6    O OG1 . THR A 1 22  ? -10.169 -1.863  8.715   1.00 33.79 ? 3   THR A OG1 1 
ATOM   7    C CG2 . THR A 1 22  ? -9.910  0.053   7.354   1.00 33.59 ? 3   THR A CG2 1 
ATOM   8    N N   . THR A 1 23  ? -7.094  -2.125  9.291   1.00 22.03 ? 4   THR A N   1 
ATOM   9    C CA  . THR A 1 23  ? -6.157  -3.031  8.651   1.00 20.97 ? 4   THR A CA  1 
ATOM   10   C C   . THR A 1 23  ? -6.928  -4.010  7.780   1.00 19.22 ? 4   THR A C   1 
ATOM   11   O O   . THR A 1 23  ? -8.104  -4.294  8.027   1.00 20.33 ? 4   THR A O   1 
ATOM   12   C CB  . THR A 1 23  ? -5.316  -3.810  9.658   1.00 23.61 ? 4   THR A CB  1 
ATOM   13   O OG1 . THR A 1 23  ? -6.196  -4.573  10.498  1.00 26.99 ? 4   THR A OG1 1 
ATOM   14   C CG2 . THR A 1 23  ? -4.466  -2.842  10.490  1.00 23.74 ? 4   THR A CG2 1 
ATOM   15   N N   . ILE A 1 24  ? -6.260  -4.514  6.754   1.00 16.38 ? 5   ILE A N   1 
ATOM   16   C CA  . ILE A 1 24  ? -6.875  -5.438  5.806   1.00 15.26 ? 5   ILE A CA  1 
ATOM   17   C C   . ILE A 1 24  ? -5.905  -6.587  5.564   1.00 14.70 ? 5   ILE A C   1 
ATOM   18   O O   . ILE A 1 24  ? -4.704  -6.384  5.440   1.00 13.52 ? 5   ILE A O   1 
ATOM   19   C CB  . ILE A 1 24  ? -7.297  -4.718  4.491   1.00 14.85 ? 5   ILE A CB  1 
ATOM   20   C CG1 . ILE A 1 24  ? -8.119  -5.639  3.576   1.00 15.01 ? 5   ILE A CG1 1 
ATOM   21   C CG2 . ILE A 1 24  ? -6.099  -4.136  3.746   1.00 15.48 ? 5   ILE A CG2 1 
ATOM   22   C CD1 . ILE A 1 24  ? -8.824  -4.905  2.469   1.00 15.22 ? 5   ILE A CD1 1 
ATOM   23   N N   . SER A 1 25  ? -6.429  -7.807  5.516   1.00 14.51 ? 6   SER A N   1 
ATOM   24   C CA  . SER A 1 25  ? -5.624  -8.982  5.236   1.00 14.90 ? 6   SER A CA  1 
ATOM   25   C C   . SER A 1 25  ? -5.164  -8.974  3.783   1.00 14.07 ? 6   SER A C   1 
ATOM   26   O O   . SER A 1 25  ? -5.819  -8.359  2.947   1.00 14.53 ? 6   SER A O   1 
ATOM   27   C CB  . SER A 1 25  ? -6.414  -10.261 5.506   1.00 15.04 ? 6   SER A CB  1 
ATOM   28   O OG  . SER A 1 25  ? -7.448  -10.430 4.562   1.00 16.16 ? 6   SER A OG  1 
ATOM   29   N N   . PRO A 1 26  ? -4.055  -9.668  3.472   1.00 14.28 ? 7   PRO A N   1 
ATOM   30   C CA  . PRO A 1 26  ? -3.662  -9.751  2.065   1.00 13.70 ? 7   PRO A CA  1 
ATOM   31   C C   . PRO A 1 26  ? -4.761  -10.310 1.151   1.00 14.20 ? 7   PRO A C   1 
ATOM   32   O O   . PRO A 1 26  ? -5.000  -9.766  0.090   1.00 13.23 ? 7   PRO A O   1 
ATOM   33   C CB  . PRO A 1 26  ? -2.427  -10.654 2.106   1.00 14.08 ? 7   PRO A CB  1 
ATOM   34   C CG  . PRO A 1 26  ? -1.824  -10.364 3.430   1.00 14.25 ? 7   PRO A CG  1 
ATOM   35   C CD  . PRO A 1 26  ? -3.000  -10.192 4.356   1.00 14.26 ? 7   PRO A CD  1 
ATOM   36   N N   . HIS A 1 27  ? -5.452  -11.369 1.571   1.00 15.18 ? 8   HIS A N   1 
ATOM   37   C CA  . HIS A 1 27  ? -6.517  -11.924 0.728   1.00 16.61 ? 8   HIS A CA  1 
ATOM   38   C C   . HIS A 1 27  ? -7.696  -10.969 0.553   1.00 15.93 ? 8   HIS A C   1 
ATOM   39   O O   . HIS A 1 27  ? -8.222  -10.846 -0.552  1.00 16.12 ? 8   HIS A O   1 
ATOM   40   C CB  . HIS A 1 27  ? -6.955  -13.302 1.223   1.00 17.67 ? 8   HIS A CB  1 
ATOM   41   C CG  . HIS A 1 27  ? -6.000  -14.382 0.835   1.00 20.19 ? 8   HIS A CG  1 
ATOM   42   N ND1 . HIS A 1 27  ? -4.968  -14.785 1.648   1.00 22.18 ? 8   HIS A ND1 1 
ATOM   43   C CD2 . HIS A 1 27  ? -5.893  -15.111 -0.301  1.00 21.53 ? 8   HIS A CD2 1 
ATOM   44   C CE1 . HIS A 1 27  ? -4.279  -15.737 1.042   1.00 22.35 ? 8   HIS A CE1 1 
ATOM   45   N NE2 . HIS A 1 27  ? -4.818  -15.953 -0.143  1.00 22.32 ? 8   HIS A NE2 1 
ATOM   46   N N   . ASP A 1 28  ? -8.069  -10.234 1.599   1.00 15.62 ? 9   ASP A N   1 
ATOM   47   C CA  . ASP A 1 28  ? -9.142  -9.252  1.443   1.00 15.23 ? 9   ASP A CA  1 
ATOM   48   C C   . ASP A 1 28  ? -8.696  -8.065  0.566   1.00 14.27 ? 9   ASP A C   1 
ATOM   49   O O   . ASP A 1 28  ? -9.490  -7.527  -0.217  1.00 14.67 ? 9   ASP A O   1 
ATOM   50   C CB  . ASP A 1 28  ? -9.671  -8.778  2.797   1.00 16.36 ? 9   ASP A CB  1 
ATOM   51   C CG  . ASP A 1 28  ? -10.422 -9.869  3.557   1.00 17.96 ? 9   ASP A CG  1 
ATOM   52   O OD1 . ASP A 1 28  ? -10.807 -10.913 2.970   1.00 19.51 ? 9   ASP A OD1 1 
ATOM   53   O OD2 . ASP A 1 28  ? -10.648 -9.669  4.764   1.00 19.79 ? 9   ASP A OD2 1 
ATOM   54   N N   . ALA A 1 29  ? -7.430  -7.682  0.673   1.00 13.64 ? 10  ALA A N   1 
ATOM   55   C CA  . ALA A 1 29  ? -6.870  -6.649  -0.204  1.00 13.59 ? 10  ALA A CA  1 
ATOM   56   C C   . ALA A 1 29  ? -6.936  -7.058  -1.668  1.00 14.08 ? 10  ALA A C   1 
ATOM   57   O O   . ALA A 1 29  ? -7.295  -6.256  -2.518  1.00 13.50 ? 10  ALA A O   1 
ATOM   58   C CB  . ALA A 1 29  ? -5.448  -6.333  0.193   1.00 13.38 ? 10  ALA A CB  1 
ATOM   59   N N   . GLN A 1 30  ? -6.563  -8.304  -1.959  1.00 15.28 ? 11  GLN A N   1 
ATOM   60   C CA  . GLN A 1 30  ? -6.710  -8.847  -3.311  1.00 17.16 ? 11  GLN A CA  1 
ATOM   61   C C   . GLN A 1 30  ? -8.106  -8.663  -3.883  1.00 16.99 ? 11  GLN A C   1 
ATOM   62   O O   . GLN A 1 30  ? -8.266  -8.272  -5.048  1.00 16.02 ? 11  GLN A O   1 
ATOM   63   C CB  . GLN A 1 30  ? -6.376  -10.344 -3.336  1.00 19.77 ? 11  GLN A CB  1 
ATOM   64   C CG  . GLN A 1 30  ? -4.980  -10.684 -3.772  1.00 22.51 ? 11  GLN A CG  1 
ATOM   65   C CD  . GLN A 1 30  ? -4.862  -12.141 -4.192  1.00 24.00 ? 11  GLN A CD  1 
ATOM   66   O OE1 . GLN A 1 30  ? -5.550  -13.022 -3.657  1.00 26.18 ? 11  GLN A OE1 1 
ATOM   67   N NE2 . GLN A 1 30  ? -4.000  -12.403 -5.153  1.00 25.57 ? 11  GLN A NE2 1 
ATOM   68   N N   . GLU A 1 31  ? -9.129  -8.948  -3.083  1.00 16.68 ? 12  GLU A N   1 
ATOM   69   C CA  A GLU A 1 31  ? -10.512 -8.791  -3.539  0.39 17.13 ? 12  GLU A CA  1 
ATOM   70   C CA  B GLU A 1 31  ? -10.506 -8.787  -3.549  0.61 17.45 ? 12  GLU A CA  1 
ATOM   71   C C   . GLU A 1 31  ? -10.846 -7.327  -3.840  1.00 16.01 ? 12  GLU A C   1 
ATOM   72   O O   . GLU A 1 31  ? -11.513 -7.039  -4.833  1.00 16.53 ? 12  GLU A O   1 
ATOM   73   C CB  A GLU A 1 31  ? -11.509 -9.380  -2.533  0.39 18.58 ? 12  GLU A CB  1 
ATOM   74   C CB  B GLU A 1 31  ? -11.501 -9.406  -2.567  0.61 19.53 ? 12  GLU A CB  1 
ATOM   75   C CG  A GLU A 1 31  ? -12.853 -9.737  -3.150  0.39 20.00 ? 12  GLU A CG  1 
ATOM   76   C CG  B GLU A 1 31  ? -11.405 -10.924 -2.527  0.61 21.55 ? 12  GLU A CG  1 
ATOM   77   C CD  A GLU A 1 31  ? -13.829 -10.339 -2.153  0.39 20.87 ? 12  GLU A CD  1 
ATOM   78   C CD  B GLU A 1 31  ? -12.321 -11.577 -1.506  0.61 24.00 ? 12  GLU A CD  1 
ATOM   79   O OE1 A GLU A 1 31  ? -13.449 -11.316 -1.472  0.39 22.12 ? 12  GLU A OE1 1 
ATOM   80   O OE1 B GLU A 1 31  ? -12.801 -10.893 -0.573  0.61 26.68 ? 12  GLU A OE1 1 
ATOM   81   O OE2 A GLU A 1 31  ? -14.982 -9.851  -2.067  0.39 21.30 ? 12  GLU A OE2 1 
ATOM   82   O OE2 B GLU A 1 31  ? -12.549 -12.799 -1.633  0.61 26.39 ? 12  GLU A OE2 1 
ATOM   83   N N   . LEU A 1 32  ? -10.388 -6.401  -2.991  1.00 14.15 ? 13  LEU A N   1 
ATOM   84   C CA  . LEU A 1 32  ? -10.589 -4.971  -3.268  1.00 13.10 ? 13  LEU A CA  1 
ATOM   85   C C   . LEU A 1 32  ? -9.832  -4.511  -4.520  1.00 11.65 ? 13  LEU A C   1 
ATOM   86   O O   . LEU A 1 32  ? -10.366 -3.732  -5.304  1.00 11.67 ? 13  LEU A O   1 
ATOM   87   C CB  . LEU A 1 32  ? -10.165 -4.095  -2.087  1.00 13.83 ? 13  LEU A CB  1 
ATOM   88   C CG  . LEU A 1 32  ? -11.003 -4.229  -0.805  1.00 14.92 ? 13  LEU A CG  1 
ATOM   89   C CD1 . LEU A 1 32  ? -10.608 -3.132  0.166   1.00 15.05 ? 13  LEU A CD1 1 
ATOM   90   C CD2 . LEU A 1 32  ? -12.514 -4.232  -1.020  1.00 15.79 ? 13  LEU A CD2 1 
ATOM   91   N N   . ILE A 1 33  ? -8.612  -5.012  -4.718  1.00 11.48 ? 14  ILE A N   1 
ATOM   92   C CA  . ILE A 1 33  ? -7.814  -4.679  -5.915  1.00 11.33 ? 14  ILE A CA  1 
ATOM   93   C C   . ILE A 1 33  ? -8.494  -5.183  -7.194  1.00 11.70 ? 14  ILE A C   1 
ATOM   94   O O   . ILE A 1 33  ? -8.459  -4.486  -8.219  1.00 11.43 ? 14  ILE A O   1 
ATOM   95   C CB  . ILE A 1 33  ? -6.371  -5.210  -5.783  1.00 11.83 ? 14  ILE A CB  1 
ATOM   96   C CG1 . ILE A 1 33  ? -5.639  -4.451  -4.661  1.00 11.88 ? 14  ILE A CG1 1 
ATOM   97   C CG2 . ILE A 1 33  ? -5.591  -5.063  -7.086  1.00 11.69 ? 14  ILE A CG2 1 
ATOM   98   C CD1 . ILE A 1 33  ? -4.457  -5.191  -4.075  1.00 12.06 ? 14  ILE A CD1 1 
ATOM   99   N N   . ALA A 1 34  ? -9.122  -6.363  -7.104  1.00 11.98 ? 15  ALA A N   1 
ATOM   100  C CA  . ALA A 1 34  ? -9.929  -6.887  -8.231  1.00 12.63 ? 15  ALA A CA  1 
ATOM   101  C C   . ALA A 1 34  ? -11.107 -6.002  -8.601  1.00 12.80 ? 15  ALA A C   1 
ATOM   102  O O   . ALA A 1 34  ? -11.612 -6.111  -9.719  1.00 13.38 ? 15  ALA A O   1 
ATOM   103  C CB  . ALA A 1 34  ? -10.413 -8.303  -7.939  1.00 12.65 ? 15  ALA A CB  1 
ATOM   104  N N   . ARG A 1 35  ? -11.538 -5.150  -7.660  1.00 12.88 ? 16  ARG A N   1 
ATOM   105  C CA  A ARG A 1 35  ? -12.598 -4.164  -7.864  0.48 12.88 ? 16  ARG A CA  1 
ATOM   106  C CA  B ARG A 1 35  ? -12.600 -4.163  -7.873  0.52 13.14 ? 16  ARG A CA  1 
ATOM   107  C C   . ARG A 1 35  ? -12.072 -2.730  -8.049  1.00 12.54 ? 16  ARG A C   1 
ATOM   108  O O   . ARG A 1 35  ? -12.837 -1.754  -7.930  1.00 12.85 ? 16  ARG A O   1 
ATOM   109  C CB  A ARG A 1 35  ? -13.574 -4.235  -6.683  0.48 13.59 ? 16  ARG A CB  1 
ATOM   110  C CB  B ARG A 1 35  ? -13.601 -4.213  -6.713  0.52 14.27 ? 16  ARG A CB  1 
ATOM   111  C CG  A ARG A 1 35  ? -14.298 -5.568  -6.601  0.48 13.84 ? 16  ARG A CG  1 
ATOM   112  C CG  B ARG A 1 35  ? -14.412 -5.495  -6.639  0.52 14.96 ? 16  ARG A CG  1 
ATOM   113  C CD  A ARG A 1 35  ? -14.764 -5.908  -5.194  0.48 14.02 ? 16  ARG A CD  1 
ATOM   114  C CD  B ARG A 1 35  ? -15.303 -5.484  -5.405  0.52 15.47 ? 16  ARG A CD  1 
ATOM   115  N NE  A ARG A 1 35  ? -15.589 -7.114  -5.212  0.48 14.20 ? 16  ARG A NE  1 
ATOM   116  N NE  B ARG A 1 35  ? -16.340 -6.519  -5.431  0.52 16.13 ? 16  ARG A NE  1 
ATOM   117  C CZ  A ARG A 1 35  ? -15.129 -8.361  -5.369  0.48 14.09 ? 16  ARG A CZ  1 
ATOM   118  C CZ  B ARG A 1 35  ? -17.580 -6.375  -5.914  0.52 16.90 ? 16  ARG A CZ  1 
ATOM   119  N NH1 A ARG A 1 35  ? -13.833 -8.623  -5.559  0.48 13.67 ? 16  ARG A NH1 1 
ATOM   120  N NH1 B ARG A 1 35  ? -17.994 -5.240  -6.477  0.52 16.62 ? 16  ARG A NH1 1 
ATOM   121  N NH2 A ARG A 1 35  ? -15.995 -9.366  -5.376  0.48 14.46 ? 16  ARG A NH2 1 
ATOM   122  N NH2 B ARG A 1 35  ? -18.422 -7.405  -5.848  0.52 17.65 ? 16  ARG A NH2 1 
ATOM   123  N N   . GLY A 1 36  ? -10.772 -2.592  -8.342  1.00 11.44 ? 17  GLY A N   1 
ATOM   124  C CA  . GLY A 1 36  ? -10.195 -1.312  -8.728  1.00 11.30 ? 17  GLY A CA  1 
ATOM   125  C C   . GLY A 1 36  ? -9.458  -0.548  -7.641  1.00 10.68 ? 17  GLY A C   1 
ATOM   126  O O   . GLY A 1 36  ? -8.868  0.493   -7.944  1.00 10.39 ? 17  GLY A O   1 
ATOM   127  N N   . ALA A 1 37  ? -9.451  -1.061  -6.407  1.00 10.25 ? 18  ALA A N   1 
ATOM   128  C CA  . ALA A 1 37  ? -8.760  -0.384  -5.311  1.00 10.13 ? 18  ALA A CA  1 
ATOM   129  C C   . ALA A 1 37  ? -7.296  -0.205  -5.655  1.00 10.47 ? 18  ALA A C   1 
ATOM   130  O O   . ALA A 1 37  ? -6.679  -1.099  -6.246  1.00 10.46 ? 18  ALA A O   1 
ATOM   131  C CB  . ALA A 1 37  ? -8.868  -1.175  -4.025  1.00 10.10 ? 18  ALA A CB  1 
ATOM   132  N N   . LYS A 1 38  ? -6.744  0.953   -5.303  1.00 10.73 ? 19  LYS A N   1 
ATOM   133  C CA  . LYS A 1 38  ? -5.305  1.206   -5.471  1.00 11.19 ? 19  LYS A CA  1 
ATOM   134  C C   . LYS A 1 38  ? -4.536  0.633   -4.291  1.00 10.68 ? 19  LYS A C   1 
ATOM   135  O O   . LYS A 1 38  ? -4.977  0.740   -3.147  1.00 11.25 ? 19  LYS A O   1 
ATOM   136  C CB  . LYS A 1 38  ? -5.019  2.704   -5.559  1.00 12.57 ? 19  LYS A CB  1 
ATOM   137  C CG  . LYS A 1 38  ? -5.710  3.412   -6.697  1.00 14.59 ? 19  LYS A CG  1 
ATOM   138  C CD  . LYS A 1 38  ? -5.141  3.053   -8.039  1.00 17.20 ? 19  LYS A CD  1 
ATOM   139  C CE  . LYS A 1 38  ? -5.858  3.857   -9.124  1.00 19.13 ? 19  LYS A CE  1 
ATOM   140  N NZ  . LYS A 1 38  ? -5.656  3.274   -10.464 1.00 20.79 ? 19  LYS A NZ  1 
ATOM   141  N N   . LEU A 1 39  ? -3.405  -0.014  -4.577  1.00 9.77  ? 20  LEU A N   1 
ATOM   142  C CA  . LEU A 1 39  ? -2.467  -0.503  -3.570  1.00 9.15  ? 20  LEU A CA  1 
ATOM   143  C C   . LEU A 1 39  ? -1.217  0.352   -3.723  1.00 8.92  ? 20  LEU A C   1 
ATOM   144  O O   . LEU A 1 39  ? -0.594  0.338   -4.770  1.00 9.05  ? 20  LEU A O   1 
ATOM   145  C CB  . LEU A 1 39  ? -2.140  -1.980  -3.795  1.00 9.10  ? 20  LEU A CB  1 
ATOM   146  C CG  . LEU A 1 39  ? -1.104  -2.587  -2.857  1.00 9.05  ? 20  LEU A CG  1 
ATOM   147  C CD1 . LEU A 1 39  ? -1.590  -2.638  -1.428  1.00 9.20  ? 20  LEU A CD1 1 
ATOM   148  C CD2 . LEU A 1 39  ? -0.700  -3.987  -3.347  1.00 9.53  ? 20  LEU A CD2 1 
ATOM   149  N N   . ILE A 1 40  ? -0.877  1.108   -2.682  1.00 8.80  ? 21  ILE A N   1 
ATOM   150  C CA  A ILE A 1 40  ? 0.212   2.085   -2.752  0.56 8.82  ? 21  ILE A CA  1 
ATOM   151  C CA  B ILE A 1 40  ? 0.193   2.108   -2.730  0.44 8.85  ? 21  ILE A CA  1 
ATOM   152  C C   . ILE A 1 40  ? 1.335   1.673   -1.802  1.00 8.86  ? 21  ILE A C   1 
ATOM   153  O O   . ILE A 1 40  ? 1.135   1.575   -0.596  1.00 8.71  ? 21  ILE A O   1 
ATOM   154  C CB  A ILE A 1 40  ? -0.279  3.521   -2.472  0.56 8.94  ? 21  ILE A CB  1 
ATOM   155  C CB  B ILE A 1 40  ? -0.328  3.501   -2.295  0.44 8.99  ? 21  ILE A CB  1 
ATOM   156  C CG1 A ILE A 1 40  ? -1.298  3.906   -3.548  0.56 8.93  ? 21  ILE A CG1 1 
ATOM   157  C CG1 B ILE A 1 40  ? -1.623  3.866   -3.040  0.44 8.98  ? 21  ILE A CG1 1 
ATOM   158  C CG2 A ILE A 1 40  ? 0.899   4.498   -2.439  0.56 9.09  ? 21  ILE A CG2 1 
ATOM   159  C CG2 B ILE A 1 40  ? 0.737   4.577   -2.481  0.44 9.08  ? 21  ILE A CG2 1 
ATOM   160  C CD1 A ILE A 1 40  ? -2.048  5.183   -3.286  0.56 9.01  ? 21  ILE A CD1 1 
ATOM   161  C CD1 B ILE A 1 40  ? -1.487  4.018   -4.540  0.44 9.06  ? 21  ILE A CD1 1 
ATOM   162  N N   . ASP A 1 41  ? 2.505   1.413   -2.386  1.00 8.63  ? 22  ASP A N   1 
ATOM   163  C CA  . ASP A 1 41  ? 3.740   1.085   -1.668  1.00 8.82  ? 22  ASP A CA  1 
ATOM   164  C C   . ASP A 1 41  ? 4.399   2.401   -1.265  1.00 9.02  ? 22  ASP A C   1 
ATOM   165  O O   . ASP A 1 41  ? 4.767   3.187   -2.125  1.00 9.18  ? 22  ASP A O   1 
ATOM   166  C CB  . ASP A 1 41  ? 4.640   0.269   -2.614  1.00 8.89  ? 22  ASP A CB  1 
ATOM   167  C CG  . ASP A 1 41  ? 5.885   -0.310  -1.948  1.00 9.06  ? 22  ASP A CG  1 
ATOM   168  O OD1 . ASP A 1 41  ? 6.263   0.076   -0.822  1.00 9.44  ? 22  ASP A OD1 1 
ATOM   169  O OD2 . ASP A 1 41  ? 6.528   -1.142  -2.635  1.00 10.00 ? 22  ASP A OD2 1 
ATOM   170  N N   . ILE A 1 42  ? 4.534   2.625   0.044   1.00 9.20  ? 23  ILE A N   1 
ATOM   171  C CA  . ILE A 1 42  ? 5.098   3.875   0.574   1.00 9.80  ? 23  ILE A CA  1 
ATOM   172  C C   . ILE A 1 42  ? 6.598   3.780   0.892   1.00 10.07 ? 23  ILE A C   1 
ATOM   173  O O   . ILE A 1 42  ? 7.181   4.723   1.445   1.00 10.64 ? 23  ILE A O   1 
ATOM   174  C CB  . ILE A 1 42  ? 4.308   4.443   1.771   1.00 10.32 ? 23  ILE A CB  1 
ATOM   175  C CG1 . ILE A 1 42  ? 4.386   3.530   3.008   1.00 10.84 ? 23  ILE A CG1 1 
ATOM   176  C CG2 . ILE A 1 42  ? 2.864   4.677   1.341   1.00 10.44 ? 23  ILE A CG2 1 
ATOM   177  C CD1 . ILE A 1 42  ? 3.801   4.147   4.260   1.00 11.44 ? 23  ILE A CD1 1 
ATOM   178  N N   . ARG A 1 43  ? 7.216   2.647   0.558   1.00 10.22 ? 24  ARG A N   1 
ATOM   179  C CA  . ARG A 1 43  ? 8.657   2.485   0.697   1.00 10.57 ? 24  ARG A CA  1 
ATOM   180  C C   . ARG A 1 43  ? 9.438   3.314   -0.347  1.00 11.00 ? 24  ARG A C   1 
ATOM   181  O O   . ARG A 1 43  ? 8.862   3.985   -1.200  1.00 10.88 ? 24  ARG A O   1 
ATOM   182  C CB  . ARG A 1 43  ? 9.018   0.997   0.593   1.00 10.60 ? 24  ARG A CB  1 
ATOM   183  C CG  . ARG A 1 43  ? 8.359   0.144   1.676   1.00 10.77 ? 24  ARG A CG  1 
ATOM   184  C CD  . ARG A 1 43  ? 8.696   -1.323  1.522   1.00 10.85 ? 24  ARG A CD  1 
ATOM   185  N NE  . ARG A 1 43  ? 8.283   -1.775  0.205   1.00 10.59 ? 24  ARG A NE  1 
ATOM   186  C CZ  . ARG A 1 43  ? 8.739   -2.825  -0.462  1.00 11.21 ? 24  ARG A CZ  1 
ATOM   187  N NH1 . ARG A 1 43  ? 9.642   -3.654  0.067   1.00 11.71 ? 24  ARG A NH1 1 
ATOM   188  N NH2 . ARG A 1 43  ? 8.300   -3.039  -1.694  1.00 11.65 ? 24  ARG A NH2 1 
ATOM   189  N N   . ASP A 1 44  ? 10.764  3.299   -0.250  1.00 11.57 ? 25  ASP A N   1 
ATOM   190  C CA  . ASP A 1 44  ? 11.625  3.961   -1.248  1.00 12.35 ? 25  ASP A CA  1 
ATOM   191  C C   . ASP A 1 44  ? 11.805  3.113   -2.500  1.00 11.50 ? 25  ASP A C   1 
ATOM   192  O O   . ASP A 1 44  ? 11.598  1.904   -2.498  1.00 11.77 ? 25  ASP A O   1 
ATOM   193  C CB  . ASP A 1 44  ? 13.010  4.269   -0.639  1.00 13.92 ? 25  ASP A CB  1 
ATOM   194  C CG  . ASP A 1 44  ? 12.976  5.373   0.404   1.00 15.58 ? 25  ASP A CG  1 
ATOM   195  O OD1 . ASP A 1 44  ? 11.978  6.118   0.520   1.00 15.74 ? 25  ASP A OD1 1 
ATOM   196  O OD2 . ASP A 1 44  ? 14.014  5.520   1.111   1.00 19.84 ? 25  ASP A OD2 1 
ATOM   197  N N   . ALA A 1 45  ? 12.252  3.744   -3.586  1.00 11.25 ? 26  ALA A N   1 
ATOM   198  C CA  . ALA A 1 45  ? 12.440  3.060   -4.849  1.00 11.51 ? 26  ALA A CA  1 
ATOM   199  C C   . ALA A 1 45  ? 13.429  1.901   -4.772  1.00 11.86 ? 26  ALA A C   1 
ATOM   200  O O   . ALA A 1 45  ? 13.224  0.890   -5.446  1.00 12.29 ? 26  ALA A O   1 
ATOM   201  C CB  . ALA A 1 45  ? 12.904  4.029   -5.921  1.00 11.45 ? 26  ALA A CB  1 
ATOM   202  N N   . ASP A 1 46  ? 14.510  2.048   -4.003  1.00 12.66 ? 27  ASP A N   1 
ATOM   203  C CA  . ASP A 1 46  ? 15.490  0.957   -3.918  1.00 13.24 ? 27  ASP A CA  1 
ATOM   204  C C   . ASP A 1 46  ? 14.886  -0.300  -3.301  1.00 13.08 ? 27  ASP A C   1 
ATOM   205  O O   . ASP A 1 46  ? 15.095  -1.395  -3.816  1.00 13.15 ? 27  ASP A O   1 
ATOM   206  C CB  . ASP A 1 46  ? 16.801  1.366   -3.221  1.00 14.71 ? 27  ASP A CB  1 
ATOM   207  C CG  . ASP A 1 46  ? 16.650  1.692   -1.754  1.00 15.79 ? 27  ASP A CG  1 
ATOM   208  O OD1 . ASP A 1 46  ? 15.590  2.129   -1.261  1.00 14.92 ? 27  ASP A OD1 1 
ATOM   209  O OD2 . ASP A 1 46  ? 17.678  1.571   -1.046  1.00 19.42 ? 27  ASP A OD2 1 
ATOM   210  N N   . GLU A 1 47  ? 14.064  -0.108  -2.282  1.00 12.94 ? 28  GLU A N   1 
ATOM   211  C CA  . GLU A 1 47  ? 13.324  -1.217  -1.635  1.00 13.25 ? 28  GLU A CA  1 
ATOM   212  C C   . GLU A 1 47  ? 12.319  -1.843  -2.605  1.00 13.09 ? 28  GLU A C   1 
ATOM   213  O O   . GLU A 1 47  ? 12.216  -3.055  -2.744  1.00 12.21 ? 28  GLU A O   1 
ATOM   214  C CB  . GLU A 1 47  ? 12.591  -0.710  -0.403  1.00 14.20 ? 28  GLU A CB  1 
ATOM   215  C CG  . GLU A 1 47  ? 13.498  -0.153  0.698   1.00 15.89 ? 28  GLU A CG  1 
ATOM   216  C CD  . GLU A 1 47  ? 12.700  0.502   1.803   1.00 17.90 ? 28  GLU A CD  1 
ATOM   217  O OE1 . GLU A 1 47  ? 12.259  1.659   1.670   1.00 18.31 ? 28  GLU A OE1 1 
ATOM   218  O OE2 . GLU A 1 47  ? 12.517  -0.146  2.843   1.00 21.61 ? 28  GLU A OE2 1 
ATOM   219  N N   . TYR A 1 48  ? 11.552  -0.997  -3.289  1.00 11.96 ? 29  TYR A N   1 
ATOM   220  C CA  . TYR A 1 48  ? 10.597  -1.463  -4.284  1.00 11.52 ? 29  TYR A CA  1 
ATOM   221  C C   . TYR A 1 48  ? 11.259  -2.288  -5.389  1.00 12.07 ? 29  TYR A C   1 
ATOM   222  O O   . TYR A 1 48  ? 10.761  -3.348  -5.761  1.00 12.04 ? 29  TYR A O   1 
ATOM   223  C CB  . TYR A 1 48  ? 9.855   -0.247  -4.873  1.00 11.07 ? 29  TYR A CB  1 
ATOM   224  C CG  . TYR A 1 48  ? 8.949   -0.560  -6.037  1.00 10.76 ? 29  TYR A CG  1 
ATOM   225  C CD1 . TYR A 1 48  ? 9.437   -0.586  -7.323  1.00 10.98 ? 29  TYR A CD1 1 
ATOM   226  C CD2 . TYR A 1 48  ? 7.597   -0.864  -5.847  1.00 10.95 ? 29  TYR A CD2 1 
ATOM   227  C CE1 . TYR A 1 48  ? 8.624   -0.870  -8.399  1.00 11.22 ? 29  TYR A CE1 1 
ATOM   228  C CE2 . TYR A 1 48  ? 6.768   -1.151  -6.923  1.00 11.50 ? 29  TYR A CE2 1 
ATOM   229  C CZ  . TYR A 1 48  ? 7.301   -1.170  -8.192  1.00 11.54 ? 29  TYR A CZ  1 
ATOM   230  O OH  . TYR A 1 48  ? 6.521   -1.467  -9.264  1.00 13.79 ? 29  TYR A OH  1 
ATOM   231  N N   . LEU A 1 49  ? 12.388  -1.801  -5.905  1.00 12.25 ? 30  LEU A N   1 
ATOM   232  C CA  . LEU A 1 49  ? 13.064  -2.466  -7.005  1.00 12.54 ? 30  LEU A CA  1 
ATOM   233  C C   . LEU A 1 49  ? 13.588  -3.828  -6.576  1.00 13.40 ? 30  LEU A C   1 
ATOM   234  O O   . LEU A 1 49  ? 13.559  -4.758  -7.376  1.00 13.46 ? 30  LEU A O   1 
ATOM   235  C CB  . LEU A 1 49  ? 14.178  -1.600  -7.604  1.00 12.93 ? 30  LEU A CB  1 
ATOM   236  C CG  . LEU A 1 49  ? 13.656  -0.445  -8.478  1.00 13.72 ? 30  LEU A CG  1 
ATOM   237  C CD1 . LEU A 1 49  ? 14.754  0.572   -8.744  1.00 14.21 ? 30  LEU A CD1 1 
ATOM   238  C CD2 . LEU A 1 49  ? 13.048  -0.897  -9.798  1.00 13.52 ? 30  LEU A CD2 1 
ATOM   239  N N   . ARG A 1 50  ? 14.012  -3.938  -5.323  1.00 14.12 ? 31  ARG A N   1 
ATOM   240  C CA  . ARG A 1 50  ? 14.493  -5.232  -4.782  1.00 14.97 ? 31  ARG A CA  1 
ATOM   241  C C   . ARG A 1 50  ? 13.376  -6.278  -4.692  1.00 14.70 ? 31  ARG A C   1 
ATOM   242  O O   . ARG A 1 50  ? 13.580  -7.438  -5.042  1.00 15.00 ? 31  ARG A O   1 
ATOM   243  C CB  . ARG A 1 50  ? 15.159  -5.054  -3.422  1.00 17.10 ? 31  ARG A CB  1 
ATOM   244  C CG  . ARG A 1 50  ? 16.562  -4.453  -3.474  1.00 19.57 ? 31  ARG A CG  1 
ATOM   245  C CD  . ARG A 1 50  ? 17.328  -4.612  -2.167  1.00 22.94 ? 31  ARG A CD  1 
ATOM   246  N NE  . ARG A 1 50  ? 16.764  -3.862  -1.041  1.00 24.69 ? 31  ARG A NE  1 
ATOM   247  C CZ  . ARG A 1 50  ? 17.082  -2.611  -0.686  1.00 26.63 ? 31  ARG A CZ  1 
ATOM   248  N NH1 . ARG A 1 50  ? 17.977  -1.894  -1.368  1.00 28.79 ? 31  ARG A NH1 1 
ATOM   249  N NH2 . ARG A 1 50  ? 16.494  -2.064  0.376   1.00 27.07 ? 31  ARG A NH2 1 
ATOM   250  N N   . GLU A 1 51  ? 12.196  -5.862  -4.248  1.00 13.46 ? 32  GLU A N   1 
ATOM   251  C CA  . GLU A 1 51  ? 11.048  -6.763  -4.108  1.00 12.87 ? 32  GLU A CA  1 
ATOM   252  C C   . GLU A 1 51  ? 9.769   -5.956  -3.901  1.00 11.51 ? 32  GLU A C   1 
ATOM   253  O O   . GLU A 1 51  ? 9.705   -5.140  -3.000  1.00 11.50 ? 32  GLU A O   1 
ATOM   254  C CB  . GLU A 1 51  ? 11.249  -7.695  -2.905  1.00 13.37 ? 32  GLU A CB  1 
ATOM   255  C CG  . GLU A 1 51  ? 10.125  -8.709  -2.712  1.00 14.17 ? 32  GLU A CG  1 
ATOM   256  C CD  . GLU A 1 51  ? 10.434  -9.683  -1.594  1.00 15.30 ? 32  GLU A CD  1 
ATOM   257  O OE1 . GLU A 1 51  ? 10.454  -9.255  -0.428  1.00 16.48 ? 32  GLU A OE1 1 
ATOM   258  O OE2 . GLU A 1 51  ? 10.665  -10.876 -1.894  1.00 16.89 ? 32  GLU A OE2 1 
ATOM   259  N N   . HIS A 1 52  ? 8.770   -6.216  -4.733  1.00 10.75 ? 33  HIS A N   1 
ATOM   260  C CA  . HIS A 1 52  ? 7.477   -5.494  -4.645  1.00 10.62 ? 33  HIS A CA  1 
ATOM   261  C C   . HIS A 1 52  ? 6.302   -6.376  -5.017  1.00 10.35 ? 33  HIS A C   1 
ATOM   262  O O   . HIS A 1 52  ? 6.457   -7.487  -5.530  1.00 10.33 ? 33  HIS A O   1 
ATOM   263  C CB  . HIS A 1 52  ? 7.503   -4.231  -5.538  1.00 10.69 ? 33  HIS A CB  1 
ATOM   264  C CG  . HIS A 1 52  ? 7.695   -4.511  -6.986  1.00 10.91 ? 33  HIS A CG  1 
ATOM   265  N ND1 . HIS A 1 52  ? 8.928   -4.475  -7.593  1.00 11.69 ? 33  HIS A ND1 1 
ATOM   266  C CD2 . HIS A 1 52  ? 6.802   -4.822  -7.954  1.00 11.64 ? 33  HIS A CD2 1 
ATOM   267  C CE1 . HIS A 1 52  ? 8.785   -4.762  -8.873  1.00 11.83 ? 33  HIS A CE1 1 
ATOM   268  N NE2 . HIS A 1 52  ? 7.505   -4.971  -9.119  1.00 12.58 ? 33  HIS A NE2 1 
ATOM   269  N N   . ILE A 1 53  ? 5.114   -5.856  -4.739  1.00 10.04 ? 34  ILE A N   1 
ATOM   270  C CA  . ILE A 1 53  ? 3.859   -6.476  -5.122  1.00 10.41 ? 34  ILE A CA  1 
ATOM   271  C C   . ILE A 1 53  ? 3.526   -5.987  -6.537  1.00 11.23 ? 34  ILE A C   1 
ATOM   272  O O   . ILE A 1 53  ? 3.422   -4.779  -6.756  1.00 10.40 ? 34  ILE A O   1 
ATOM   273  C CB  . ILE A 1 53  ? 2.751   -6.113  -4.115  1.00 10.35 ? 34  ILE A CB  1 
ATOM   274  C CG1 . ILE A 1 53  ? 3.103   -6.660  -2.727  1.00 10.26 ? 34  ILE A CG1 1 
ATOM   275  C CG2 . ILE A 1 53  ? 1.421   -6.685  -4.570  1.00 10.60 ? 34  ILE A CG2 1 
ATOM   276  C CD1 . ILE A 1 53  ? 2.225   -6.151  -1.604  1.00 10.27 ? 34  ILE A CD1 1 
ATOM   277  N N   . PRO A 1 54  ? 3.326   -6.903  -7.502  1.00 11.85 ? 35  PRO A N   1 
ATOM   278  C CA  . PRO A 1 54  ? 3.094   -6.452  -8.893  1.00 12.48 ? 35  PRO A CA  1 
ATOM   279  C C   . PRO A 1 54  ? 1.946   -5.450  -9.091  1.00 12.67 ? 35  PRO A C   1 
ATOM   280  O O   . PRO A 1 54  ? 2.067   -4.525  -9.919  1.00 12.60 ? 35  PRO A O   1 
ATOM   281  C CB  . PRO A 1 54  ? 2.802   -7.765  -9.630  1.00 13.30 ? 35  PRO A CB  1 
ATOM   282  C CG  . PRO A 1 54  ? 3.539   -8.796  -8.845  1.00 13.57 ? 35  PRO A CG  1 
ATOM   283  C CD  . PRO A 1 54  ? 3.430   -8.378  -7.416  1.00 13.13 ? 35  PRO A CD  1 
ATOM   284  N N   . GLU A 1 55  ? 0.891   -5.600  -8.299  1.00 12.94 ? 36  GLU A N   1 
ATOM   285  C CA  A GLU A 1 55  ? -0.281  -4.721  -8.380  0.90 14.16 ? 36  GLU A CA  1 
ATOM   286  C CA  B GLU A 1 55  ? -0.287  -4.727  -8.384  0.10 12.93 ? 36  GLU A CA  1 
ATOM   287  C C   . GLU A 1 55  ? -0.060  -3.345  -7.779  1.00 13.10 ? 36  GLU A C   1 
ATOM   288  O O   . GLU A 1 55  ? -0.876  -2.448  -7.996  1.00 13.53 ? 36  GLU A O   1 
ATOM   289  C CB  A GLU A 1 55  ? -1.468  -5.382  -7.683  0.90 15.93 ? 36  GLU A CB  1 
ATOM   290  C CB  B GLU A 1 55  ? -1.503  -5.344  -7.676  0.10 12.97 ? 36  GLU A CB  1 
ATOM   291  C CG  A GLU A 1 55  ? -1.948  -6.667  -8.365  0.90 17.82 ? 36  GLU A CG  1 
ATOM   292  C CG  B GLU A 1 55  ? -1.931  -6.717  -8.163  0.10 12.96 ? 36  GLU A CG  1 
ATOM   293  C CD  A GLU A 1 55  ? -1.306  -7.969  -7.877  0.90 19.24 ? 36  GLU A CD  1 
ATOM   294  C CD  B GLU A 1 55  ? -1.554  -7.813  -7.190  0.10 12.93 ? 36  GLU A CD  1 
ATOM   295  O OE1 A GLU A 1 55  ? -0.184  -7.973  -7.321  0.90 18.23 ? 36  GLU A OE1 1 
ATOM   296  O OE1 B GLU A 1 55  ? -2.444  -8.587  -6.778  0.10 12.80 ? 36  GLU A OE1 1 
ATOM   297  O OE2 A GLU A 1 55  ? -1.952  -9.030  -8.075  0.90 22.98 ? 36  GLU A OE2 1 
ATOM   298  O OE2 B GLU A 1 55  ? -0.365  -7.885  -6.826  0.10 12.88 ? 36  GLU A OE2 1 
ATOM   299  N N   . ALA A 1 56  ? 1.002   -3.169  -7.001  1.00 11.76 ? 37  ALA A N   1 
ATOM   300  C CA  . ALA A 1 56  ? 1.195   -1.908  -6.289  1.00 10.93 ? 37  ALA A CA  1 
ATOM   301  C C   . ALA A 1 56  ? 1.694   -0.781  -7.181  1.00 10.89 ? 37  ALA A C   1 
ATOM   302  O O   . ALA A 1 56  ? 2.358   -1.019  -8.178  1.00 10.87 ? 37  ALA A O   1 
ATOM   303  C CB  . ALA A 1 56  ? 2.151   -2.090  -5.126  1.00 11.32 ? 37  ALA A CB  1 
ATOM   304  N N   . ASP A 1 57  ? 1.332   0.448   -6.796  1.00 10.01 ? 38  ASP A N   1 
ATOM   305  C CA  . ASP A 1 57  ? 1.902   1.678   -7.335  1.00 10.30 ? 38  ASP A CA  1 
ATOM   306  C C   . ASP A 1 57  ? 2.840   2.287   -6.283  1.00 10.03 ? 38  ASP A C   1 
ATOM   307  O O   . ASP A 1 57  ? 2.468   2.434   -5.129  1.00 10.20 ? 38  ASP A O   1 
ATOM   308  C CB  . ASP A 1 57  ? 0.806   2.678   -7.663  1.00 11.02 ? 38  ASP A CB  1 
ATOM   309  C CG  . ASP A 1 57  ? -0.074  2.223   -8.802  1.00 12.20 ? 38  ASP A CG  1 
ATOM   310  O OD1 . ASP A 1 57  ? 0.453   2.130   -9.936  1.00 13.70 ? 38  ASP A OD1 1 
ATOM   311  O OD2 . ASP A 1 57  ? -1.277  1.996   -8.567  1.00 13.63 ? 38  ASP A OD2 1 
ATOM   312  N N   . LEU A 1 58  ? 4.073   2.600   -6.681  1.00 9.68  ? 39  LEU A N   1 
ATOM   313  C CA  . LEU A 1 58  ? 5.038   3.180   -5.774  1.00 9.42  ? 39  LEU A CA  1 
ATOM   314  C C   . LEU A 1 58  ? 4.775   4.682   -5.550  1.00 9.18  ? 39  LEU A C   1 
ATOM   315  O O   . LEU A 1 58  ? 4.620   5.449   -6.501  1.00 9.53  ? 39  LEU A O   1 
ATOM   316  C CB  . LEU A 1 58  ? 6.451   2.986   -6.322  1.00 9.50  ? 39  LEU A CB  1 
ATOM   317  C CG  . LEU A 1 58  ? 7.603   3.514   -5.459  1.00 9.90  ? 39  LEU A CG  1 
ATOM   318  C CD1 . LEU A 1 58  ? 7.636   2.874   -4.085  1.00 10.20 ? 39  LEU A CD1 1 
ATOM   319  C CD2 . LEU A 1 58  ? 8.922   3.293   -6.183  1.00 10.19 ? 39  LEU A CD2 1 
ATOM   320  N N   . ALA A 1 59  ? 4.763   5.095   -4.286  1.00 9.17  ? 40  ALA A N   1 
ATOM   321  C CA  . ALA A 1 59  ? 4.694   6.517   -3.926  1.00 9.34  ? 40  ALA A CA  1 
ATOM   322  C C   . ALA A 1 59  ? 5.316   6.677   -2.549  1.00 9.59  ? 40  ALA A C   1 
ATOM   323  O O   . ALA A 1 59  ? 4.637   6.509   -1.538  1.00 9.36  ? 40  ALA A O   1 
ATOM   324  C CB  . ALA A 1 59  ? 3.262   7.024   -3.958  1.00 9.48  ? 40  ALA A CB  1 
ATOM   325  N N   . PRO A 1 60  ? 6.643   6.962   -2.496  1.00 9.98  ? 41  PRO A N   1 
ATOM   326  C CA  . PRO A 1 60  ? 7.299   7.008   -1.199  1.00 10.43 ? 41  PRO A CA  1 
ATOM   327  C C   . PRO A 1 60  ? 6.634   8.002   -0.248  1.00 10.67 ? 41  PRO A C   1 
ATOM   328  O O   . PRO A 1 60  ? 6.206   9.069   -0.689  1.00 10.38 ? 41  PRO A O   1 
ATOM   329  C CB  . PRO A 1 60  ? 8.717   7.468   -1.545  1.00 10.59 ? 41  PRO A CB  1 
ATOM   330  C CG  . PRO A 1 60  ? 8.952   6.988   -2.926  1.00 10.71 ? 41  PRO A CG  1 
ATOM   331  C CD  . PRO A 1 60  ? 7.608   7.169   -3.596  1.00 10.25 ? 41  PRO A CD  1 
ATOM   332  N N   . LEU A 1 61  ? 6.542   7.644   1.033   1.00 10.96 ? 42  LEU A N   1 
ATOM   333  C CA  . LEU A 1 61  ? 5.887   8.508   2.026   1.00 11.87 ? 42  LEU A CA  1 
ATOM   334  C C   . LEU A 1 61  ? 6.387   9.945   1.997   1.00 12.32 ? 42  LEU A C   1 
ATOM   335  O O   . LEU A 1 61  ? 5.588   10.878  2.073   1.00 11.46 ? 42  LEU A O   1 
ATOM   336  C CB  . LEU A 1 61  ? 6.024   7.944   3.433   1.00 12.13 ? 42  LEU A CB  1 
ATOM   337  C CG  . LEU A 1 61  ? 5.325   8.734   4.547   1.00 13.00 ? 42  LEU A CG  1 
ATOM   338  C CD1 . LEU A 1 61  ? 3.827   8.886   4.260   1.00 13.12 ? 42  LEU A CD1 1 
ATOM   339  C CD2 . LEU A 1 61  ? 5.552   8.072   5.901   1.00 14.04 ? 42  LEU A CD2 1 
ATOM   340  N N   . SER A 1 62  ? 7.698   10.132  1.860   1.00 13.21 ? 43  SER A N   1 
ATOM   341  C CA  . SER A 1 62  ? 8.269   11.487  1.882   1.00 14.39 ? 43  SER A CA  1 
ATOM   342  C C   . SER A 1 62  ? 7.745   12.356  0.735   1.00 14.14 ? 43  SER A C   1 
ATOM   343  O O   . SER A 1 62  ? 7.490   13.549  0.915   1.00 14.79 ? 43  SER A O   1 
ATOM   344  C CB  . SER A 1 62  ? 9.809   11.437  1.880   1.00 14.58 ? 43  SER A CB  1 
ATOM   345  O OG  . SER A 1 62  ? 10.314  10.781  0.736   1.00 16.13 ? 43  SER A OG  1 
ATOM   346  N N   . VAL A 1 63  ? 7.527   11.735  -0.420  1.00 13.66 ? 44  VAL A N   1 
ATOM   347  C CA  . VAL A 1 63  ? 7.011   12.427  -1.588  1.00 13.99 ? 44  VAL A CA  1 
ATOM   348  C C   . VAL A 1 63  ? 5.543   12.768  -1.345  1.00 13.70 ? 44  VAL A C   1 
ATOM   349  O O   . VAL A 1 63  ? 5.108   13.880  -1.616  1.00 13.78 ? 44  VAL A O   1 
ATOM   350  C CB  . VAL A 1 63  ? 7.193   11.587  -2.879  1.00 14.24 ? 44  VAL A CB  1 
ATOM   351  C CG1 . VAL A 1 63  ? 6.549   12.267  -4.067  1.00 14.93 ? 44  VAL A CG1 1 
ATOM   352  C CG2 . VAL A 1 63  ? 8.672   11.344  -3.151  1.00 14.62 ? 44  VAL A CG2 1 
ATOM   353  N N   . LEU A 1 64  ? 4.783   11.813  -0.823  1.00 13.05 ? 45  LEU A N   1 
ATOM   354  C CA  . LEU A 1 64  ? 3.381   12.059  -0.472  1.00 13.00 ? 45  LEU A CA  1 
ATOM   355  C C   . LEU A 1 64  ? 3.226   13.189  0.528   1.00 13.47 ? 45  LEU A C   1 
ATOM   356  O O   . LEU A 1 64  ? 2.289   14.000  0.397   1.00 13.04 ? 45  LEU A O   1 
ATOM   357  C CB  . LEU A 1 64  ? 2.731   10.794  0.078   1.00 12.63 ? 45  LEU A CB  1 
ATOM   358  C CG  . LEU A 1 64  ? 2.596   9.623   -0.898  1.00 12.71 ? 45  LEU A CG  1 
ATOM   359  C CD1 . LEU A 1 64  ? 2.070   8.405   -0.156  1.00 13.05 ? 45  LEU A CD1 1 
ATOM   360  C CD2 . LEU A 1 64  ? 1.729   9.992   -2.089  1.00 12.49 ? 45  LEU A CD2 1 
ATOM   361  N N   . GLU A 1 65  ? 4.120   13.251  1.524   1.00 13.99 ? 46  GLU A N   1 
ATOM   362  C CA  A GLU A 1 65  ? 4.096   14.334  2.519   0.32 15.02 ? 46  GLU A CA  1 
ATOM   363  C CA  B GLU A 1 65  ? 4.082   14.339  2.514   0.68 15.08 ? 46  GLU A CA  1 
ATOM   364  C C   . GLU A 1 65  ? 4.375   15.707  1.908   1.00 15.55 ? 46  GLU A C   1 
ATOM   365  O O   . GLU A 1 65  ? 3.884   16.716  2.404   1.00 17.22 ? 46  GLU A O   1 
ATOM   366  C CB  A GLU A 1 65  ? 5.103   14.063  3.638   0.32 15.24 ? 46  GLU A CB  1 
ATOM   367  C CB  B GLU A 1 65  ? 5.045   14.069  3.669   0.68 15.49 ? 46  GLU A CB  1 
ATOM   368  C CG  A GLU A 1 65  ? 4.713   12.912  4.556   0.32 15.66 ? 46  GLU A CG  1 
ATOM   369  C CG  B GLU A 1 65  ? 4.614   12.927  4.570   0.68 16.28 ? 46  GLU A CG  1 
ATOM   370  C CD  A GLU A 1 65  ? 5.840   12.464  5.480   0.32 16.26 ? 46  GLU A CD  1 
ATOM   371  C CD  B GLU A 1 65  ? 5.474   12.819  5.818   0.68 17.59 ? 46  GLU A CD  1 
ATOM   372  O OE1 A GLU A 1 65  ? 5.591   11.586  6.333   0.32 16.36 ? 46  GLU A OE1 1 
ATOM   373  O OE1 B GLU A 1 65  ? 5.380   13.722  6.667   0.68 18.61 ? 46  GLU A OE1 1 
ATOM   374  O OE2 A GLU A 1 65  ? 6.969   12.987  5.369   0.32 16.94 ? 46  GLU A OE2 1 
ATOM   375  O OE2 B GLU A 1 65  ? 6.242   11.840  5.956   0.68 17.86 ? 46  GLU A OE2 1 
ATOM   376  N N   . GLN A 1 66  ? 5.161   15.749  0.843   1.00 15.80 ? 47  GLN A N   1 
ATOM   377  C CA  . GLN A 1 66  ? 5.532   17.013  0.198   1.00 17.34 ? 47  GLN A CA  1 
ATOM   378  C C   . GLN A 1 66  ? 4.475   17.483  -0.783  1.00 17.10 ? 47  GLN A C   1 
ATOM   379  O O   . GLN A 1 66  ? 3.985   18.616  -0.675  1.00 17.86 ? 47  GLN A O   1 
ATOM   380  C CB  . GLN A 1 66  ? 6.890   16.860  -0.491  1.00 19.14 ? 47  GLN A CB  1 
ATOM   381  C CG  . GLN A 1 66  ? 7.436   18.105  -1.193  1.00 21.00 ? 47  GLN A CG  1 
ATOM   382  C CD  . GLN A 1 66  ? 7.581   19.307  -0.277  1.00 24.04 ? 47  GLN A CD  1 
ATOM   383  O OE1 . GLN A 1 66  ? 8.111   19.204  0.837   1.00 26.77 ? 47  GLN A OE1 1 
ATOM   384  N NE2 . GLN A 1 66  ? 7.121   20.461  -0.747  1.00 26.03 ? 47  GLN A NE2 1 
ATOM   385  N N   . SER A 1 67  ? 4.106   16.625  -1.737  1.00 16.26 ? 48  SER A N   1 
ATOM   386  C CA  . SER A 1 67  ? 3.270   17.027  -2.872  1.00 16.30 ? 48  SER A CA  1 
ATOM   387  C C   . SER A 1 67  ? 1.899   16.340  -2.960  1.00 15.35 ? 48  SER A C   1 
ATOM   388  O O   . SER A 1 67  ? 1.119   16.643  -3.875  1.00 16.49 ? 48  SER A O   1 
ATOM   389  C CB  . SER A 1 67  ? 4.042   16.849  -4.181  1.00 17.27 ? 48  SER A CB  1 
ATOM   390  O OG  . SER A 1 67  ? 4.512   15.518  -4.315  1.00 19.56 ? 48  SER A OG  1 
ATOM   391  N N   . GLY A 1 68  ? 1.597   15.459  -2.012  1.00 14.03 ? 49  GLY A N   1 
ATOM   392  C CA  . GLY A 1 68  ? 0.285   14.837  -1.922  1.00 14.07 ? 49  GLY A CA  1 
ATOM   393  C C   . GLY A 1 68  ? 0.139   13.649  -2.850  1.00 13.49 ? 49  GLY A C   1 
ATOM   394  O O   . GLY A 1 68  ? 1.059   13.288  -3.592  1.00 13.75 ? 49  GLY A O   1 
ATOM   395  N N   . LEU A 1 69  ? -1.038  13.045  -2.797  1.00 13.72 ? 50  LEU A N   1 
ATOM   396  C CA  . LEU A 1 69  ? -1.340  11.900  -3.625  1.00 13.61 ? 50  LEU A CA  1 
ATOM   397  C C   . LEU A 1 69  ? -1.700  12.404  -5.007  1.00 13.62 ? 50  LEU A C   1 
ATOM   398  O O   . LEU A 1 69  ? -2.641  13.179  -5.132  1.00 15.22 ? 50  LEU A O   1 
ATOM   399  C CB  . LEU A 1 69  ? -2.518  11.139  -3.022  1.00 14.09 ? 50  LEU A CB  1 
ATOM   400  C CG  . LEU A 1 69  ? -2.836  9.767   -3.584  1.00 14.19 ? 50  LEU A CG  1 
ATOM   401  C CD1 . LEU A 1 69  ? -1.685  8.783   -3.434  1.00 13.98 ? 50  LEU A CD1 1 
ATOM   402  C CD2 . LEU A 1 69  ? -4.052  9.203   -2.859  1.00 15.14 ? 50  LEU A CD2 1 
ATOM   403  N N   . PRO A 1 70  ? -0.980  11.988  -6.065  1.00 14.35 ? 51  PRO A N   1 
ATOM   404  C CA  . PRO A 1 70  ? -1.426  12.471  -7.385  1.00 14.30 ? 51  PRO A CA  1 
ATOM   405  C C   . PRO A 1 70  ? -2.767  11.898  -7.820  1.00 13.78 ? 51  PRO A C   1 
ATOM   406  O O   . PRO A 1 70  ? -3.177  10.823  -7.368  1.00 12.80 ? 51  PRO A O   1 
ATOM   407  C CB  . PRO A 1 70  ? -0.326  12.024  -8.351  1.00 15.00 ? 51  PRO A CB  1 
ATOM   408  C CG  . PRO A 1 70  ? 0.524   11.089  -7.602  1.00 15.65 ? 51  PRO A CG  1 
ATOM   409  C CD  . PRO A 1 70  ? 0.180   11.093  -6.146  1.00 15.23 ? 51  PRO A CD  1 
ATOM   410  N N   . ALA A 1 71  ? -3.453  12.623  -8.702  1.00 14.70 ? 52  ALA A N   1 
ATOM   411  C CA  . ALA A 1 71  ? -4.775  12.233  -9.149  1.00 15.09 ? 52  ALA A CA  1 
ATOM   412  C C   . ALA A 1 71  ? -4.836  10.824  -9.718  1.00 14.95 ? 52  ALA A C   1 
ATOM   413  O O   . ALA A 1 71  ? -5.829  10.138  -9.524  1.00 15.46 ? 52  ALA A O   1 
ATOM   414  C CB  . ALA A 1 71  ? -5.306  13.224  -10.176 1.00 15.89 ? 52  ALA A CB  1 
ATOM   415  N N   . LYS A 1 72  ? -3.772  10.381  -10.391 1.00 14.53 ? 53  LYS A N   1 
ATOM   416  C CA  . LYS A 1 72  ? -3.768  9.050   -11.007 1.00 14.50 ? 53  LYS A CA  1 
ATOM   417  C C   . LYS A 1 72  ? -3.821  7.912   -9.986  1.00 13.67 ? 53  LYS A C   1 
ATOM   418  O O   . LYS A 1 72  ? -4.183  6.779   -10.338 1.00 13.59 ? 53  LYS A O   1 
ATOM   419  C CB  . LYS A 1 72  ? -2.573  8.871   -11.956 1.00 16.41 ? 53  LYS A CB  1 
ATOM   420  C CG  . LYS A 1 72  ? -1.206  8.819   -11.274 1.00 18.66 ? 53  LYS A CG  1 
ATOM   421  C CD  . LYS A 1 72  ? -0.113  8.236   -12.168 1.00 21.87 ? 53  LYS A CD  1 
ATOM   422  C CE  . LYS A 1 72  ? 1.188   8.046   -11.399 1.00 24.13 ? 53  LYS A CE  1 
ATOM   423  N NZ  . LYS A 1 72  ? 2.243   7.317   -12.172 1.00 25.93 ? 53  LYS A NZ  1 
ATOM   424  N N   . LEU A 1 73  ? -3.461  8.210   -8.732  1.00 12.45 ? 54  LEU A N   1 
ATOM   425  C CA  . LEU A 1 73  ? -3.468  7.222   -7.660  1.00 12.47 ? 54  LEU A CA  1 
ATOM   426  C C   . LEU A 1 73  ? -4.669  7.355   -6.720  1.00 12.72 ? 54  LEU A C   1 
ATOM   427  O O   . LEU A 1 73  ? -4.723  6.663   -5.700  1.00 13.61 ? 54  LEU A O   1 
ATOM   428  C CB  . LEU A 1 73  ? -2.153  7.302   -6.869  1.00 12.62 ? 54  LEU A CB  1 
ATOM   429  C CG  . LEU A 1 73  ? -0.890  6.962   -7.659  1.00 12.77 ? 54  LEU A CG  1 
ATOM   430  C CD1 . LEU A 1 73  ? 0.313   6.938   -6.714  1.00 12.87 ? 54  LEU A CD1 1 
ATOM   431  C CD2 . LEU A 1 73  ? -1.004  5.656   -8.419  1.00 13.03 ? 54  LEU A CD2 1 
ATOM   432  N N   . ARG A 1 74  ? -5.619  8.223   -7.057  1.00 12.76 ? 55  ARG A N   1 
ATOM   433  C CA  . ARG A 1 74  ? -6.845  8.363   -6.277  1.00 13.40 ? 55  ARG A CA  1 
ATOM   434  C C   . ARG A 1 74  ? -7.909  7.391   -6.760  1.00 12.96 ? 55  ARG A C   1 
ATOM   435  O O   . ARG A 1 74  ? -7.970  7.052   -7.932  1.00 14.01 ? 55  ARG A O   1 
ATOM   436  C CB  . ARG A 1 74  ? -7.327  9.792   -6.317  1.00 14.37 ? 55  ARG A CB  1 
ATOM   437  C CG  . ARG A 1 74  ? -6.328  10.701  -5.606  1.00 15.38 ? 55  ARG A CG  1 
ATOM   438  C CD  . ARG A 1 74  ? -7.029  11.889  -5.037  1.00 15.88 ? 55  ARG A CD  1 
ATOM   439  N NE  . ARG A 1 74  ? -6.178  12.773  -4.232  1.00 16.19 ? 55  ARG A NE  1 
ATOM   440  C CZ  . ARG A 1 74  ? -6.260  12.931  -2.906  1.00 16.33 ? 55  ARG A CZ  1 
ATOM   441  N NH1 . ARG A 1 74  ? -7.097  12.229  -2.161  1.00 16.33 ? 55  ARG A NH1 1 
ATOM   442  N NH2 . ARG A 1 74  ? -5.478  13.829  -2.314  1.00 17.15 ? 55  ARG A NH2 1 
ATOM   443  N N   . HIS A 1 75  ? -8.711  6.932   -5.820  1.00 12.54 ? 56  HIS A N   1 
ATOM   444  C CA  . HIS A 1 75  ? -9.746  5.951   -6.082  1.00 12.36 ? 56  HIS A CA  1 
ATOM   445  C C   . HIS A 1 75  ? -10.691 5.997   -4.896  1.00 12.50 ? 56  HIS A C   1 
ATOM   446  O O   . HIS A 1 75  ? -10.371 6.562   -3.860  1.00 12.55 ? 56  HIS A O   1 
ATOM   447  C CB  . HIS A 1 75  ? -9.140  4.541   -6.259  1.00 12.44 ? 56  HIS A CB  1 
ATOM   448  C CG  . HIS A 1 75  ? -10.104 3.544   -6.819  1.00 12.76 ? 56  HIS A CG  1 
ATOM   449  N ND1 . HIS A 1 75  ? -10.836 2.685   -6.030  1.00 12.47 ? 56  HIS A ND1 1 
ATOM   450  C CD2 . HIS A 1 75  ? -10.465 3.275   -8.094  1.00 13.30 ? 56  HIS A CD2 1 
ATOM   451  C CE1 . HIS A 1 75  ? -11.616 1.944   -6.790  1.00 13.19 ? 56  HIS A CE1 1 
ATOM   452  N NE2 . HIS A 1 75  ? -11.406 2.276   -8.048  1.00 13.66 ? 56  HIS A NE2 1 
ATOM   453  N N   . GLU A 1 76  ? -11.852 5.385   -5.047  1.00 12.34 ? 57  GLU A N   1 
ATOM   454  C CA  . GLU A 1 76  ? -12.788 5.204   -3.945  1.00 13.23 ? 57  GLU A CA  1 
ATOM   455  C C   . GLU A 1 76  ? -12.191 4.418   -2.760  1.00 11.82 ? 57  GLU A C   1 
ATOM   456  O O   . GLU A 1 76  ? -12.543 4.675   -1.607  1.00 12.05 ? 57  GLU A O   1 
ATOM   457  C CB  . GLU A 1 76  ? -14.058 4.493   -4.463  1.00 14.57 ? 57  GLU A CB  1 
ATOM   458  C CG  . GLU A 1 76  ? -14.929 5.309   -5.433  1.00 16.98 ? 57  GLU A CG  1 
ATOM   459  C CD  . GLU A 1 76  ? -14.324 5.562   -6.814  1.00 19.65 ? 57  GLU A CD  1 
ATOM   460  O OE1 . GLU A 1 76  ? -13.602 4.700   -7.367  1.00 20.66 ? 57  GLU A OE1 1 
ATOM   461  O OE2 . GLU A 1 76  ? -14.560 6.663   -7.373  1.00 23.20 ? 57  GLU A OE2 1 
ATOM   462  N N   . GLN A 1 77  ? -11.304 3.459   -3.067  1.00 11.00 ? 58  GLN A N   1 
ATOM   463  C CA  A GLN A 1 77  ? -10.637 2.621   -2.078  0.61 10.81 ? 58  GLN A CA  1 
ATOM   464  C CA  B GLN A 1 77  ? -10.629 2.621   -2.066  0.39 10.84 ? 58  GLN A CA  1 
ATOM   465  C C   . GLN A 1 77  ? -9.123  2.639   -2.298  1.00 10.45 ? 58  GLN A C   1 
ATOM   466  O O   . GLN A 1 77  ? -8.655  2.399   -3.406  1.00 10.28 ? 58  GLN A O   1 
ATOM   467  C CB  A GLN A 1 77  ? -11.157 1.196   -2.162  0.61 11.40 ? 58  GLN A CB  1 
ATOM   468  C CB  B GLN A 1 77  ? -11.116 1.172   -2.100  0.39 11.23 ? 58  GLN A CB  1 
ATOM   469  C CG  A GLN A 1 77  ? -12.657 1.107   -1.934  0.61 12.03 ? 58  GLN A CG  1 
ATOM   470  C CG  B GLN A 1 77  ? -12.556 0.984   -1.642  0.39 11.70 ? 58  GLN A CG  1 
ATOM   471  C CD  A GLN A 1 77  ? -13.132 -0.323  -1.816  0.61 12.69 ? 58  GLN A CD  1 
ATOM   472  C CD  B GLN A 1 77  ? -13.573 1.203   -2.749  0.39 12.18 ? 58  GLN A CD  1 
ATOM   473  O OE1 A GLN A 1 77  ? -12.865 -1.144  -2.689  0.61 14.40 ? 58  GLN A OE1 1 
ATOM   474  O OE1 B GLN A 1 77  ? -13.301 0.942   -3.913  0.39 13.11 ? 58  GLN A OE1 1 
ATOM   475  N NE2 A GLN A 1 77  ? -13.819 -0.634  -0.723  0.61 13.11 ? 58  GLN A NE2 1 
ATOM   476  N NE2 B GLN A 1 77  ? -14.758 1.674   -2.385  0.39 12.91 ? 58  GLN A NE2 1 
ATOM   477  N N   . ILE A 1 78  ? -8.377  2.946   -1.240  1.00 9.99  ? 59  ILE A N   1 
ATOM   478  C CA  . ILE A 1 78  ? -6.919  3.032   -1.272  1.00 10.21 ? 59  ILE A CA  1 
ATOM   479  C C   . ILE A 1 78  ? -6.357  2.212   -0.129  1.00 10.15 ? 59  ILE A C   1 
ATOM   480  O O   . ILE A 1 78  ? -6.772  2.356   1.024   1.00 10.98 ? 59  ILE A O   1 
ATOM   481  C CB  . ILE A 1 78  ? -6.455  4.511   -1.174  1.00 10.66 ? 59  ILE A CB  1 
ATOM   482  C CG1 . ILE A 1 78  ? -6.878  5.269   -2.436  1.00 11.04 ? 59  ILE A CG1 1 
ATOM   483  C CG2 . ILE A 1 78  ? -4.940  4.587   -0.972  1.00 10.72 ? 59  ILE A CG2 1 
ATOM   484  C CD1 . ILE A 1 78  ? -6.781  6.784   -2.370  1.00 11.92 ? 59  ILE A CD1 1 
ATOM   485  N N   . ILE A 1 79  ? -5.416  1.328   -0.452  1.00 9.85  ? 60  ILE A N   1 
ATOM   486  C CA  . ILE A 1 79  ? -4.741  0.467   0.507   1.00 9.59  ? 60  ILE A CA  1 
ATOM   487  C C   . ILE A 1 79  ? -3.266  0.878   0.487   1.00 9.40  ? 60  ILE A C   1 
ATOM   488  O O   . ILE A 1 79  ? -2.636  0.795   -0.542  1.00 10.52 ? 60  ILE A O   1 
ATOM   489  C CB  . ILE A 1 79  ? -4.820  -1.036  0.104   1.00 9.93  ? 60  ILE A CB  1 
ATOM   490  C CG1 . ILE A 1 79  ? -6.268  -1.497  -0.067  1.00 10.46 ? 60  ILE A CG1 1 
ATOM   491  C CG2 . ILE A 1 79  ? -4.107  -1.888  1.134   1.00 10.05 ? 60  ILE A CG2 1 
ATOM   492  C CD1 . ILE A 1 79  ? -6.400  -2.775  -0.893  1.00 10.95 ? 60  ILE A CD1 1 
ATOM   493  N N   . PHE A 1 80  ? -2.719  1.316   1.620   1.00 8.89  ? 61  PHE A N   1 
ATOM   494  C CA  . PHE A 1 80  ? -1.300  1.569   1.748   1.00 8.84  ? 61  PHE A CA  1 
ATOM   495  C C   . PHE A 1 80  ? -0.573  0.353   2.299   1.00 8.79  ? 61  PHE A C   1 
ATOM   496  O O   . PHE A 1 80  ? -1.126  -0.375  3.129   1.00 9.69  ? 61  PHE A O   1 
ATOM   497  C CB  . PHE A 1 80  ? -1.037  2.739   2.690   1.00 8.64  ? 61  PHE A CB  1 
ATOM   498  C CG  . PHE A 1 80  ? -1.487  4.065   2.166   1.00 8.66  ? 61  PHE A CG  1 
ATOM   499  C CD1 . PHE A 1 80  ? -0.765  4.704   1.171   1.00 8.71  ? 61  PHE A CD1 1 
ATOM   500  C CD2 . PHE A 1 80  ? -2.640  4.690   2.672   1.00 8.60  ? 61  PHE A CD2 1 
ATOM   501  C CE1 . PHE A 1 80  ? -1.152  5.941   0.697   1.00 9.02  ? 61  PHE A CE1 1 
ATOM   502  C CE2 . PHE A 1 80  ? -3.040  5.924   2.196   1.00 8.92  ? 61  PHE A CE2 1 
ATOM   503  C CZ  . PHE A 1 80  ? -2.301  6.554   1.206   1.00 8.90  ? 61  PHE A CZ  1 
ATOM   504  N N   . HIS A 1 81  ? 0.668   0.137   1.862   1.00 8.82  ? 62  HIS A N   1 
ATOM   505  C CA  . HIS A 1 81  ? 1.532   -0.856  2.508   1.00 9.13  ? 62  HIS A CA  1 
ATOM   506  C C   . HIS A 1 81  ? 2.947   -0.386  2.591   1.00 10.26 ? 62  HIS A C   1 
ATOM   507  O O   . HIS A 1 81  ? 3.398   0.460   1.824   1.00 9.79  ? 62  HIS A O   1 
ATOM   508  C CB  . HIS A 1 81  ? 1.471   -2.230  1.815   1.00 8.96  ? 62  HIS A CB  1 
ATOM   509  C CG  . HIS A 1 81  ? 2.424   -2.403  0.669   1.00 8.94  ? 62  HIS A CG  1 
ATOM   510  N ND1 . HIS A 1 81  ? 3.739   -2.780  0.842   1.00 8.86  ? 62  HIS A ND1 1 
ATOM   511  C CD2 . HIS A 1 81  ? 2.234   -2.334  -0.674  1.00 8.71  ? 62  HIS A CD2 1 
ATOM   512  C CE1 . HIS A 1 81  ? 4.332   -2.873  -0.336  1.00 9.05  ? 62  HIS A CE1 1 
ATOM   513  N NE2 . HIS A 1 81  ? 3.434   -2.623  -1.274  1.00 8.91  ? 62  HIS A NE2 1 
HETATM 514  N N   A SNC A 1 82  ? 3.651   -0.990  3.530   0.64 11.70 ? 63  SNC A N   1 
HETATM 515  C CA  A SNC A 1 82  ? 5.083   -0.786  3.650   0.64 13.30 ? 63  SNC A CA  1 
HETATM 516  C CB  A SNC A 1 82  ? 5.423   0.303   4.678   0.64 14.94 ? 63  SNC A CB  1 
HETATM 517  S SG  A SNC A 1 82  ? 5.122   -0.041  6.367   0.64 18.01 ? 63  SNC A SG  1 
HETATM 518  N ND  A SNC A 1 82  ? 3.933   -1.061  6.502   0.64 18.93 ? 63  SNC A ND  1 
HETATM 519  O OE  A SNC A 1 82  ? 4.162   -2.173  6.161   0.64 18.50 ? 63  SNC A OE  1 
HETATM 520  C C   A SNC A 1 82  ? 5.749   -2.140  3.864   0.64 12.64 ? 63  SNC A C   1 
HETATM 521  O O   A SNC A 1 82  ? 5.275   -3.129  3.295   0.64 12.03 ? 63  SNC A O   1 
HETATM 522  N N   B CSS A 1 82  ? 3.651   -0.990  3.530   0.36 11.70 ? 63  CSS A N   1 
HETATM 523  C CA  B CSS A 1 82  ? 5.056   -0.770  3.725   0.36 12.35 ? 63  CSS A CA  1 
HETATM 524  C CB  B CSS A 1 82  ? 5.205   0.132   4.936   0.36 12.87 ? 63  CSS A CB  1 
HETATM 525  S SG  B CSS A 1 82  ? 4.656   -0.701  6.384   0.36 13.51 ? 63  CSS A SG  1 
HETATM 526  S SD  B CSS A 1 82  ? 6.345   -0.467  7.402   0.36 16.51 ? 63  CSS A SD  1 
HETATM 527  C C   B CSS A 1 82  ? 5.749   -2.140  3.864   0.36 12.64 ? 63  CSS A C   1 
HETATM 528  O O   B CSS A 1 82  ? 5.275   -3.129  3.295   0.36 12.03 ? 63  CSS A O   1 
ATOM   529  N N   . GLN A 1 83  ? 6.842   -2.225  4.630   1.00 12.73 ? 64  GLN A N   1 
ATOM   530  C CA  . GLN A 1 83  ? 7.563   -3.503  4.739   1.00 13.01 ? 64  GLN A CA  1 
ATOM   531  C C   . GLN A 1 83  ? 6.868   -4.540  5.621   1.00 13.77 ? 64  GLN A C   1 
ATOM   532  O O   . GLN A 1 83  ? 6.591   -5.647  5.158   1.00 13.17 ? 64  GLN A O   1 
ATOM   533  C CB  . GLN A 1 83  ? 9.000   -3.315  5.229   1.00 13.03 ? 64  GLN A CB  1 
ATOM   534  C CG  . GLN A 1 83  ? 9.850   -4.579  5.068   1.00 13.49 ? 64  GLN A CG  1 
ATOM   535  C CD  . GLN A 1 83  ? 10.097  -4.920  3.619   1.00 13.21 ? 64  GLN A CD  1 
ATOM   536  O OE1 . GLN A 1 83  ? 10.421  -4.041  2.817   1.00 13.77 ? 64  GLN A OE1 1 
ATOM   537  N NE2 . GLN A 1 83  ? 9.960   -6.193  3.263   1.00 13.24 ? 64  GLN A NE2 1 
ATOM   538  N N   . ALA A 1 84  ? 6.618   -4.184  6.881   1.00 15.07 ? 65  ALA A N   1 
ATOM   539  C CA  . ALA A 1 84  ? 6.077   -5.129  7.885   1.00 17.02 ? 65  ALA A CA  1 
ATOM   540  C C   . ALA A 1 84  ? 4.945   -4.572  8.759   1.00 18.87 ? 65  ALA A C   1 
ATOM   541  O O   . ALA A 1 84  ? 4.645   -5.123  9.819   1.00 21.69 ? 65  ALA A O   1 
ATOM   542  C CB  . ALA A 1 84  ? 7.216   -5.658  8.756   1.00 17.30 ? 65  ALA A CB  1 
ATOM   543  N N   . GLY A 1 85  ? 4.279   -3.517  8.303   1.00 19.53 ? 66  GLY A N   1 
ATOM   544  C CA  . GLY A 1 85  ? 3.210   -2.859  9.077   1.00 22.05 ? 66  GLY A CA  1 
ATOM   545  C C   . GLY A 1 85  ? 3.594   -1.661  9.950   1.00 22.82 ? 66  GLY A C   1 
ATOM   546  O O   . GLY A 1 85  ? 2.701   -0.954  10.422  1.00 24.45 ? 66  GLY A O   1 
ATOM   547  N N   . LYS A 1 86  ? 4.889   -1.407  10.169  1.00 25.53 ? 67  LYS A N   1 
ATOM   548  C CA  . LYS A 1 86  ? 5.317   -0.345  11.119  1.00 27.33 ? 67  LYS A CA  1 
ATOM   549  C C   . LYS A 1 86  ? 5.109   1.087   10.609  1.00 26.32 ? 67  LYS A C   1 
ATOM   550  O O   . LYS A 1 86  ? 4.504   1.916   11.298  1.00 27.26 ? 67  LYS A O   1 
ATOM   551  C CB  . LYS A 1 86  ? 6.784   -0.526  11.534  1.00 31.25 ? 67  LYS A CB  1 
ATOM   552  C CG  . LYS A 1 86  ? 7.050   -1.804  12.319  1.00 34.57 ? 67  LYS A CG  1 
ATOM   553  C CD  . LYS A 1 86  ? 8.500   -1.908  12.801  1.00 38.02 ? 67  LYS A CD  1 
ATOM   554  C CE  . LYS A 1 86  ? 9.507   -2.096  11.666  1.00 38.92 ? 67  LYS A CE  1 
ATOM   555  N NZ  . LYS A 1 86  ? 9.237   -3.298  10.817  1.00 39.66 ? 67  LYS A NZ  1 
ATOM   556  N N   . ARG A 1 87  ? 5.613   1.378   9.412   1.00 25.56 ? 68  ARG A N   1 
ATOM   557  C CA  . ARG A 1 87  ? 5.519   2.737   8.845   1.00 26.13 ? 68  ARG A CA  1 
ATOM   558  C C   . ARG A 1 87  ? 4.072   3.165   8.582   1.00 25.03 ? 68  ARG A C   1 
ATOM   559  O O   . ARG A 1 87  ? 3.737   4.332   8.785   1.00 26.23 ? 68  ARG A O   1 
ATOM   560  C CB  . ARG A 1 87  ? 6.351   2.871   7.565   1.00 28.52 ? 68  ARG A CB  1 
ATOM   561  C CG  . ARG A 1 87  ? 6.732   4.293   7.189   1.00 31.46 ? 68  ARG A CG  1 
ATOM   562  C CD  . ARG A 1 87  ? 8.118   4.663   7.691   1.00 33.26 ? 68  ARG A CD  1 
ATOM   563  N NE  . ARG A 1 87  ? 8.560   5.952   7.153   1.00 36.34 ? 68  ARG A NE  1 
ATOM   564  C CZ  . ARG A 1 87  ? 9.007   6.162   5.910   1.00 37.28 ? 68  ARG A CZ  1 
ATOM   565  N NH1 . ARG A 1 87  ? 9.080   5.170   5.014   1.00 37.34 ? 68  ARG A NH1 1 
ATOM   566  N NH2 . ARG A 1 87  ? 9.381   7.387   5.551   1.00 37.56 ? 68  ARG A NH2 1 
ATOM   567  N N   . THR A 1 88  ? 3.223   2.240   8.121   1.00 23.76 ? 69  THR A N   1 
ATOM   568  C CA  . THR A 1 88  ? 1.773   2.514   7.990   1.00 22.41 ? 69  THR A CA  1 
ATOM   569  C C   . THR A 1 88  ? 1.085   2.758   9.352   1.00 23.45 ? 69  THR A C   1 
ATOM   570  O O   . THR A 1 88  ? 0.326   3.716   9.491   1.00 21.67 ? 69  THR A O   1 
ATOM   571  C CB  . THR A 1 88  ? 1.022   1.397   7.208   1.00 21.87 ? 69  THR A CB  1 
ATOM   572  O OG1 . THR A 1 88  ? 1.403   0.109   7.703   1.00 21.27 ? 69  THR A OG1 1 
ATOM   573  C CG2 . THR A 1 88  ? 1.345   1.468   5.719   1.00 21.26 ? 69  THR A CG2 1 
ATOM   574  N N   . SER A 1 89  ? 1.356   1.904   10.344  1.00 23.79 ? 70  SER A N   1 
ATOM   575  C CA  A SER A 1 89  ? 0.756   2.054   11.674  0.36 24.91 ? 70  SER A CA  1 
ATOM   576  C CA  B SER A 1 89  ? 0.760   2.050   11.678  0.64 25.10 ? 70  SER A CA  1 
ATOM   577  C C   . SER A 1 89  ? 1.179   3.372   12.321  1.00 25.39 ? 70  SER A C   1 
ATOM   578  O O   . SER A 1 89  ? 0.329   4.130   12.822  1.00 26.10 ? 70  SER A O   1 
ATOM   579  C CB  A SER A 1 89  ? 1.122   0.874   12.585  0.36 24.90 ? 70  SER A CB  1 
ATOM   580  C CB  B SER A 1 89  ? 1.152   0.879   12.592  0.64 25.14 ? 70  SER A CB  1 
ATOM   581  O OG  A SER A 1 89  ? 2.525   0.763   12.759  0.36 25.76 ? 70  SER A OG  1 
ATOM   582  O OG  B SER A 1 89  ? 0.642   -0.357  12.113  0.64 26.70 ? 70  SER A OG  1 
ATOM   583  N N   . ASN A 1 90  ? 2.482   3.649   12.286  1.00 26.13 ? 71  ASN A N   1 
ATOM   584  C CA  . ASN A 1 90  ? 3.036   4.879   12.887  1.00 27.26 ? 71  ASN A CA  1 
ATOM   585  C C   . ASN A 1 90  ? 2.712   6.188   12.158  1.00 26.45 ? 71  ASN A C   1 
ATOM   586  O O   . ASN A 1 90  ? 2.884   7.256   12.749  1.00 28.10 ? 71  ASN A O   1 
ATOM   587  C CB  . ASN A 1 90  ? 4.555   4.769   13.049  1.00 28.31 ? 71  ASN A CB  1 
ATOM   588  C CG  . ASN A 1 90  ? 4.961   3.640   13.975  1.00 30.00 ? 71  ASN A CG  1 
ATOM   589  O OD1 . ASN A 1 90  ? 4.177   3.202   14.824  1.00 33.01 ? 71  ASN A OD1 1 
ATOM   590  N ND2 . ASN A 1 90  ? 6.185   3.145   13.806  1.00 30.60 ? 71  ASN A ND2 1 
ATOM   591  N N   . ASN A 1 91  ? 2.275   6.121   10.896  1.00 23.95 ? 72  ASN A N   1 
ATOM   592  C CA  . ASN A 1 91  ? 1.884   7.319   10.123  1.00 22.36 ? 72  ASN A CA  1 
ATOM   593  C C   . ASN A 1 91  ? 0.417   7.274   9.694   1.00 21.22 ? 72  ASN A C   1 
ATOM   594  O O   . ASN A 1 91  ? 0.031   7.822   8.662   1.00 18.12 ? 72  ASN A O   1 
ATOM   595  C CB  . ASN A 1 91  ? 2.806   7.492   8.916   1.00 23.28 ? 72  ASN A CB  1 
ATOM   596  C CG  . ASN A 1 91  ? 4.230   7.789   9.319   1.00 23.77 ? 72  ASN A CG  1 
ATOM   597  O OD1 . ASN A 1 91  ? 4.560   8.922   9.681   1.00 26.11 ? 72  ASN A OD1 1 
ATOM   598  N ND2 . ASN A 1 91  ? 5.084   6.786   9.251   1.00 23.30 ? 72  ASN A ND2 1 
ATOM   599  N N   . ALA A 1 92  ? -0.408  6.641   10.513  1.00 20.51 ? 73  ALA A N   1 
ATOM   600  C CA  . ALA A 1 92  ? -1.795  6.407   10.173  1.00 21.25 ? 73  ALA A CA  1 
ATOM   601  C C   . ALA A 1 92  ? -2.528  7.724   9.943   1.00 21.08 ? 73  ALA A C   1 
ATOM   602  O O   . ALA A 1 92  ? -3.256  7.846   8.966   1.00 20.10 ? 73  ALA A O   1 
ATOM   603  C CB  . ALA A 1 92  ? -2.484  5.594   11.254  1.00 22.08 ? 73  ALA A CB  1 
ATOM   604  N N   . ASP A 1 93  ? -2.302  8.706   10.816  1.00 21.25 ? 74  ASP A N   1 
ATOM   605  C CA  . ASP A 1 93  ? -2.965  10.003  10.663  1.00 22.62 ? 74  ASP A CA  1 
ATOM   606  C C   . ASP A 1 93  ? -2.511  10.749  9.412   1.00 19.08 ? 74  ASP A C   1 
ATOM   607  O O   . ASP A 1 93  ? -3.332  11.380  8.774   1.00 19.01 ? 74  ASP A O   1 
ATOM   608  C CB  . ASP A 1 93  ? -2.793  10.907  11.892  1.00 26.14 ? 74  ASP A CB  1 
ATOM   609  C CG  . ASP A 1 93  ? -3.604  10.447  13.088  1.00 29.21 ? 74  ASP A CG  1 
ATOM   610  O OD1 . ASP A 1 93  ? -4.540  9.614   12.939  1.00 32.36 ? 74  ASP A OD1 1 
ATOM   611  O OD2 . ASP A 1 93  ? -3.287  10.934  14.194  1.00 34.47 ? 74  ASP A OD2 1 
ATOM   612  N N   . LYS A 1 94  ? -1.224  10.704  9.083   1.00 17.41 ? 75  LYS A N   1 
ATOM   613  C CA  . LYS A 1 94  ? -0.751  11.312  7.838   1.00 16.42 ? 75  LYS A CA  1 
ATOM   614  C C   . LYS A 1 94  ? -1.427  10.643  6.639   1.00 14.24 ? 75  LYS A C   1 
ATOM   615  O O   . LYS A 1 94  ? -1.913  11.330  5.737   1.00 12.57 ? 75  LYS A O   1 
ATOM   616  C CB  . LYS A 1 94  ? 0.765   11.215  7.663   1.00 18.43 ? 75  LYS A CB  1 
ATOM   617  C CG  . LYS A 1 94  ? 1.585   12.049  8.639   1.00 20.96 ? 75  LYS A CG  1 
ATOM   618  C CD  . LYS A 1 94  ? 3.059   11.822  8.368   1.00 23.73 ? 75  LYS A CD  1 
ATOM   619  C CE  . LYS A 1 94  ? 3.935   12.415  9.455   1.00 26.19 ? 75  LYS A CE  1 
ATOM   620  N NZ  . LYS A 1 94  ? 5.375   12.167  9.168   1.00 28.45 ? 75  LYS A NZ  1 
ATOM   621  N N   . LEU A 1 95  ? -1.437  9.309   6.638   1.00 12.71 ? 76  LEU A N   1 
ATOM   622  C CA  . LEU A 1 95  ? -2.021  8.567   5.517   1.00 12.26 ? 76  LEU A CA  1 
ATOM   623  C C   . LEU A 1 95  ? -3.512  8.778   5.371   1.00 12.18 ? 76  LEU A C   1 
ATOM   624  O O   . LEU A 1 95  ? -4.018  8.867   4.245   1.00 11.73 ? 76  LEU A O   1 
ATOM   625  C CB  . LEU A 1 95  ? -1.696  7.068   5.619   1.00 11.99 ? 76  LEU A CB  1 
ATOM   626  C CG  . LEU A 1 95  ? -0.213  6.720   5.435   1.00 12.22 ? 76  LEU A CG  1 
ATOM   627  C CD1 . LEU A 1 95  ? 0.036   5.266   5.829   1.00 12.54 ? 76  LEU A CD1 1 
ATOM   628  C CD2 . LEU A 1 95  ? 0.273   7.003   4.021   1.00 12.03 ? 76  LEU A CD2 1 
ATOM   629  N N   . ALA A 1 96  ? -4.209  8.886   6.502   1.00 12.46 ? 77  ALA A N   1 
ATOM   630  C CA  . ALA A 1 96  ? -5.628  9.186   6.487   1.00 12.70 ? 77  ALA A CA  1 
ATOM   631  C C   . ALA A 1 96  ? -5.911  10.518  5.787   1.00 12.75 ? 77  ALA A C   1 
ATOM   632  O O   . ALA A 1 96  ? -6.852  10.631  5.029   1.00 14.02 ? 77  ALA A O   1 
ATOM   633  C CB  . ALA A 1 96  ? -6.183  9.188   7.894   1.00 12.98 ? 77  ALA A CB  1 
ATOM   634  N N   . ALA A 1 97  ? -5.066  11.519  6.014   1.00 11.98 ? 78  ALA A N   1 
ATOM   635  C CA  . ALA A 1 97  ? -5.246  12.815  5.353   1.00 11.56 ? 78  ALA A CA  1 
ATOM   636  C C   . ALA A 1 97  ? -4.821  12.769  3.887   1.00 11.07 ? 78  ALA A C   1 
ATOM   637  O O   . ALA A 1 97  ? -5.521  13.272  3.005   1.00 10.14 ? 78  ALA A O   1 
ATOM   638  C CB  . ALA A 1 97  ? -4.468  13.873  6.101   1.00 11.67 ? 78  ALA A CB  1 
ATOM   639  N N   . ILE A 1 98  ? -3.668  12.156  3.628   1.00 10.68 ? 79  ILE A N   1 
ATOM   640  C CA  . ILE A 1 98  ? -3.134  12.093  2.261   1.00 10.80 ? 79  ILE A CA  1 
ATOM   641  C C   . ILE A 1 98  ? -4.139  11.478  1.270   1.00 10.34 ? 79  ILE A C   1 
ATOM   642  O O   . ILE A 1 98  ? -4.238  11.960  0.135   1.00 11.29 ? 79  ILE A O   1 
ATOM   643  C CB  . ILE A 1 98  ? -1.784  11.340  2.253   1.00 11.37 ? 79  ILE A CB  1 
ATOM   644  C CG1 . ILE A 1 98  ? -0.689  12.227  2.861   1.00 11.66 ? 79  ILE A CG1 1 
ATOM   645  C CG2 . ILE A 1 98  ? -1.363  10.874  0.853   1.00 11.30 ? 79  ILE A CG2 1 
ATOM   646  C CD1 . ILE A 1 98  ? 0.503   11.459  3.393   1.00 12.20 ? 79  ILE A CD1 1 
ATOM   647  N N   . ALA A 1 99  ? -4.860  10.441  1.697   1.00 10.08 ? 80  ALA A N   1 
ATOM   648  C CA  . ALA A 1 99  ? -5.821  9.769   0.809   1.00 10.20 ? 80  ALA A CA  1 
ATOM   649  C C   . ALA A 1 99  ? -7.261  10.231  0.979   1.00 10.76 ? 80  ALA A C   1 
ATOM   650  O O   . ALA A 1 99  ? -8.149  9.739   0.280   1.00 10.89 ? 80  ALA A O   1 
ATOM   651  C CB  . ALA A 1 99  ? -5.725  8.255   0.965   1.00 10.37 ? 80  ALA A CB  1 
ATOM   652  N N   . ALA A 1 100 ? -7.534  11.140  1.910   1.00 10.77 ? 81  ALA A N   1 
ATOM   653  C CA  . ALA A 1 100 ? -8.909  11.606  2.101   1.00 10.96 ? 81  ALA A CA  1 
ATOM   654  C C   . ALA A 1 100 ? -9.473  12.210  0.801   1.00 11.06 ? 81  ALA A C   1 
ATOM   655  O O   . ALA A 1 100 ? -8.766  12.905  0.095   1.00 10.70 ? 81  ALA A O   1 
ATOM   656  C CB  . ALA A 1 100 ? -8.975  12.638  3.226   1.00 10.97 ? 81  ALA A CB  1 
ATOM   657  N N   . PRO A 1 101 ? -10.753 11.983  0.471   1.00 11.73 ? 82  PRO A N   1 
ATOM   658  C CA  . PRO A 1 101 ? -11.753 11.352  1.326   1.00 12.16 ? 82  PRO A CA  1 
ATOM   659  C C   . PRO A 1 101 ? -12.064 9.882   0.957   1.00 12.46 ? 82  PRO A C   1 
ATOM   660  O O   . PRO A 1 101 ? -13.198 9.428   1.116   1.00 13.45 ? 82  PRO A O   1 
ATOM   661  C CB  . PRO A 1 101 ? -12.976 12.234  1.057   1.00 12.35 ? 82  PRO A CB  1 
ATOM   662  C CG  . PRO A 1 101 ? -12.872 12.529  -0.399  1.00 12.05 ? 82  PRO A CG  1 
ATOM   663  C CD  . PRO A 1 101 ? -11.383 12.646  -0.684  1.00 11.92 ? 82  PRO A CD  1 
ATOM   664  N N   . ALA A 1 102 ? -11.068 9.144   0.479   1.00 12.49 ? 83  ALA A N   1 
ATOM   665  C CA  . ALA A 1 102 ? -11.262 7.731   0.135   1.00 12.76 ? 83  ALA A CA  1 
ATOM   666  C C   . ALA A 1 102 ? -11.578 6.855   1.346   1.00 13.19 ? 83  ALA A C   1 
ATOM   667  O O   . ALA A 1 102 ? -11.361 7.254   2.506   1.00 13.62 ? 83  ALA A O   1 
ATOM   668  C CB  . ALA A 1 102 ? -10.015 7.179   -0.551  1.00 13.11 ? 83  ALA A CB  1 
ATOM   669  N N   . GLU A 1 103 ? -12.042 5.634   1.074   1.00 13.35 ? 84  GLU A N   1 
ATOM   670  C CA  . GLU A 1 103 ? -12.039 4.574   2.071   1.00 14.47 ? 84  GLU A CA  1 
ATOM   671  C C   . GLU A 1 103 ? -10.621 4.002   2.108   1.00 13.76 ? 84  GLU A C   1 
ATOM   672  O O   . GLU A 1 103 ? -10.132 3.507   1.098   1.00 13.63 ? 84  GLU A O   1 
ATOM   673  C CB  . GLU A 1 103 ? -13.060 3.486   1.726   1.00 15.71 ? 84  GLU A CB  1 
ATOM   674  C CG  . GLU A 1 103 ? -13.290 2.483   2.850   1.00 18.04 ? 84  GLU A CG  1 
ATOM   675  C CD  . GLU A 1 103 ? -14.311 1.409   2.510   1.00 20.25 ? 84  GLU A CD  1 
ATOM   676  O OE1 . GLU A 1 103 ? -14.665 1.234   1.321   1.00 21.83 ? 84  GLU A OE1 1 
ATOM   677  O OE2 . GLU A 1 103 ? -14.763 0.731   3.467   1.00 24.44 ? 84  GLU A OE2 1 
ATOM   678  N N   . ILE A 1 104 ? -9.968  4.081   3.263   1.00 13.10 ? 85  ILE A N   1 
ATOM   679  C CA  . ILE A 1 104 ? -8.538  3.842   3.382   1.00 13.06 ? 85  ILE A CA  1 
ATOM   680  C C   . ILE A 1 104 ? -8.259  2.640   4.281   1.00 13.34 ? 85  ILE A C   1 
ATOM   681  O O   . ILE A 1 104 ? -8.850  2.490   5.361   1.00 14.24 ? 85  ILE A O   1 
ATOM   682  C CB  . ILE A 1 104 ? -7.802  5.090   3.910   1.00 13.41 ? 85  ILE A CB  1 
ATOM   683  C CG1 . ILE A 1 104 ? -8.094  6.281   3.004   1.00 13.55 ? 85  ILE A CG1 1 
ATOM   684  C CG2 . ILE A 1 104 ? -6.308  4.836   4.012   1.00 13.84 ? 85  ILE A CG2 1 
ATOM   685  C CD1 . ILE A 1 104 ? -7.834  7.621   3.680   1.00 13.53 ? 85  ILE A CD1 1 
ATOM   686  N N   . PHE A 1 105 ? -7.328  1.800   3.834   1.00 12.66 ? 86  PHE A N   1 
ATOM   687  C CA  . PHE A 1 105 ? -6.897  0.604   4.548   1.00 13.50 ? 86  PHE A CA  1 
ATOM   688  C C   . PHE A 1 105 ? -5.393  0.552   4.632   1.00 13.22 ? 86  PHE A C   1 
ATOM   689  O O   . PHE A 1 105 ? -4.701  1.122   3.790   1.00 12.31 ? 86  PHE A O   1 
ATOM   690  C CB  . PHE A 1 105 ? -7.367  -0.669  3.820   1.00 14.66 ? 86  PHE A CB  1 
ATOM   691  C CG  . PHE A 1 105 ? -8.841  -0.689  3.521   1.00 15.71 ? 86  PHE A CG  1 
ATOM   692  C CD1 . PHE A 1 105 ? -9.350  -0.035  2.402   1.00 16.11 ? 86  PHE A CD1 1 
ATOM   693  C CD2 . PHE A 1 105 ? -9.719  -1.382  4.353   1.00 16.96 ? 86  PHE A CD2 1 
ATOM   694  C CE1 . PHE A 1 105 ? -10.706 -0.051  2.119   1.00 16.98 ? 86  PHE A CE1 1 
ATOM   695  C CE2 . PHE A 1 105 ? -11.080 -1.399  4.072   1.00 16.73 ? 86  PHE A CE2 1 
ATOM   696  C CZ  . PHE A 1 105 ? -11.571 -0.734  2.969   1.00 17.14 ? 86  PHE A CZ  1 
ATOM   697  N N   . LEU A 1 106 ? -4.898  -0.167  5.633   1.00 13.18 ? 87  LEU A N   1 
ATOM   698  C CA  . LEU A 1 106 ? -3.462  -0.453  5.785   1.00 13.82 ? 87  LEU A CA  1 
ATOM   699  C C   . LEU A 1 106 ? -3.286  -1.961  5.675   1.00 14.00 ? 87  LEU A C   1 
ATOM   700  O O   . LEU A 1 106 ? -3.960  -2.720  6.367   1.00 14.83 ? 87  LEU A O   1 
ATOM   701  C CB  . LEU A 1 106 ? -2.971  0.038   7.151   1.00 15.36 ? 87  LEU A CB  1 
ATOM   702  C CG  . LEU A 1 106 ? -3.265  1.512   7.468   1.00 16.53 ? 87  LEU A CG  1 
ATOM   703  C CD1 . LEU A 1 106 ? -2.807  1.846   8.881   1.00 17.73 ? 87  LEU A CD1 1 
ATOM   704  C CD2 . LEU A 1 106 ? -2.626  2.427   6.430   1.00 17.17 ? 87  LEU A CD2 1 
ATOM   705  N N   . LEU A 1 107 ? -2.395  -2.406  4.793   1.00 13.00 ? 88  LEU A N   1 
ATOM   706  C CA  . LEU A 1 107 ? -2.157  -3.830  4.608   1.00 13.08 ? 88  LEU A CA  1 
ATOM   707  C C   . LEU A 1 107 ? -1.514  -4.417  5.846   1.00 14.80 ? 88  LEU A C   1 
ATOM   708  O O   . LEU A 1 107 ? -0.458  -3.962  6.269   1.00 14.64 ? 88  LEU A O   1 
ATOM   709  C CB  . LEU A 1 107 ? -1.257  -4.062  3.391   1.00 12.62 ? 88  LEU A CB  1 
ATOM   710  C CG  . LEU A 1 107 ? -0.953  -5.521  3.019   1.00 12.07 ? 88  LEU A CG  1 
ATOM   711  C CD1 . LEU A 1 107 ? -2.227  -6.263  2.678   1.00 12.36 ? 88  LEU A CD1 1 
ATOM   712  C CD2 . LEU A 1 107 ? 0.006   -5.555  1.844   1.00 12.06 ? 88  LEU A CD2 1 
ATOM   713  N N   . GLU A 1 108 ? -2.159  -5.434  6.418   1.00 16.00 ? 89  GLU A N   1 
ATOM   714  C CA  A GLU A 1 108 ? -1.674  -6.011  7.672   0.48 17.13 ? 89  GLU A CA  1 
ATOM   715  C CA  B GLU A 1 108 ? -1.691  -6.048  7.657   0.52 17.39 ? 89  GLU A CA  1 
ATOM   716  C C   . GLU A 1 108 ? -0.324  -6.713  7.444   1.00 17.18 ? 89  GLU A C   1 
ATOM   717  O O   . GLU A 1 108 ? -0.180  -7.574  6.571   1.00 17.01 ? 89  GLU A O   1 
ATOM   718  C CB  A GLU A 1 108 ? -2.707  -6.937  8.339   0.48 18.13 ? 89  GLU A CB  1 
ATOM   719  C CB  B GLU A 1 108 ? -2.713  -7.066  8.172   0.52 18.76 ? 89  GLU A CB  1 
ATOM   720  C CG  A GLU A 1 108 ? -3.106  -8.147  7.528   0.48 19.25 ? 89  GLU A CG  1 
ATOM   721  C CG  B GLU A 1 108 ? -2.371  -7.606  9.556   0.52 20.41 ? 89  GLU A CG  1 
ATOM   722  C CD  A GLU A 1 108 ? -3.719  -9.272  8.347   0.48 19.79 ? 89  GLU A CD  1 
ATOM   723  C CD  B GLU A 1 108 ? -3.550  -8.245  10.258  0.52 21.98 ? 89  GLU A CD  1 
ATOM   724  O OE1 A GLU A 1 108 ? -4.863  -9.117  8.821   0.48 20.27 ? 89  GLU A OE1 1 
ATOM   725  O OE1 B GLU A 1 108 ? -4.239  -9.065  9.622   0.52 23.66 ? 89  GLU A OE1 1 
ATOM   726  O OE2 A GLU A 1 108 ? -3.067  -10.321 8.485   0.48 20.95 ? 89  GLU A OE2 1 
ATOM   727  O OE2 B GLU A 1 108 ? -3.786  -7.927  11.448  0.52 23.51 ? 89  GLU A OE2 1 
ATOM   728  N N   . ASP A 1 109 ? 0.666   -6.281  8.218   1.00 17.23 ? 90  ASP A N   1 
ATOM   729  C CA  . ASP A 1 109 ? 2.033   -6.778  8.169   1.00 17.13 ? 90  ASP A CA  1 
ATOM   730  C C   . ASP A 1 109 ? 2.752   -6.528  6.842   1.00 15.51 ? 90  ASP A C   1 
ATOM   731  O O   . ASP A 1 109 ? 3.769   -7.161  6.558   1.00 15.13 ? 90  ASP A O   1 
ATOM   732  C CB  . ASP A 1 109 ? 2.102   -8.267  8.564   1.00 19.36 ? 90  ASP A CB  1 
ATOM   733  C CG  . ASP A 1 109 ? 1.568   -8.531  9.963   1.00 21.81 ? 90  ASP A CG  1 
ATOM   734  O OD1 . ASP A 1 109 ? 1.804   -7.697  10.854  1.00 24.13 ? 90  ASP A OD1 1 
ATOM   735  O OD2 . ASP A 1 109 ? 0.913   -9.573  10.154  1.00 26.07 ? 90  ASP A OD2 1 
ATOM   736  N N   . GLY A 1 110 ? 2.265   -5.561  6.052   1.00 13.58 ? 91  GLY A N   1 
ATOM   737  C CA  . GLY A 1 110 ? 3.000   -5.111  4.875   1.00 13.02 ? 91  GLY A CA  1 
ATOM   738  C C   . GLY A 1 110 ? 3.232   -6.182  3.823   1.00 12.01 ? 91  GLY A C   1 
ATOM   739  O O   . GLY A 1 110 ? 2.504   -7.186  3.738   1.00 12.26 ? 91  GLY A O   1 
ATOM   740  N N   . ILE A 1 111 ? 4.245   -5.944  3.001   1.00 11.70 ? 92  ILE A N   1 
ATOM   741  C CA  . ILE A 1 111 ? 4.663   -6.927  2.028   1.00 11.62 ? 92  ILE A CA  1 
ATOM   742  C C   . ILE A 1 111 ? 5.125   -8.240  2.678   1.00 12.42 ? 92  ILE A C   1 
ATOM   743  O O   . ILE A 1 111 ? 4.912   -9.302  2.110   1.00 12.54 ? 92  ILE A O   1 
ATOM   744  C CB  . ILE A 1 111 ? 5.712   -6.376  1.043   1.00 11.44 ? 92  ILE A CB  1 
ATOM   745  C CG1 . ILE A 1 111 ? 5.869   -7.335  -0.133  1.00 11.38 ? 92  ILE A CG1 1 
ATOM   746  C CG2 . ILE A 1 111 ? 7.042   -6.103  1.729   1.00 11.57 ? 92  ILE A CG2 1 
ATOM   747  C CD1 . ILE A 1 111 ? 6.708   -6.798  -1.265  1.00 10.99 ? 92  ILE A CD1 1 
ATOM   748  N N   . ASP A 1 112 ? 5.704   -8.177  3.875   1.00 13.31 ? 93  ASP A N   1 
ATOM   749  C CA  . ASP A 1 112 ? 6.021   -9.414  4.605   1.00 13.97 ? 93  ASP A CA  1 
ATOM   750  C C   . ASP A 1 112 ? 4.782   -10.270 4.846   1.00 13.75 ? 93  ASP A C   1 
ATOM   751  O O   . ASP A 1 112 ? 4.817   -11.483 4.636   1.00 13.63 ? 93  ASP A O   1 
ATOM   752  C CB  . ASP A 1 112 ? 6.707   -9.112  5.935   1.00 14.84 ? 93  ASP A CB  1 
ATOM   753  C CG  . ASP A 1 112 ? 8.084   -8.509  5.765   1.00 15.09 ? 93  ASP A CG  1 
ATOM   754  O OD1 . ASP A 1 112 ? 8.611   -8.473  4.636   1.00 14.83 ? 93  ASP A OD1 1 
ATOM   755  O OD2 . ASP A 1 112 ? 8.650   -8.065  6.793   1.00 17.15 ? 93  ASP A OD2 1 
ATOM   756  N N   . GLY A 1 113 ? 3.690   -9.634  5.253   1.00 13.88 ? 94  GLY A N   1 
ATOM   757  C CA  . GLY A 1 113 ? 2.393   -10.302 5.399   1.00 13.99 ? 94  GLY A CA  1 
ATOM   758  C C   . GLY A 1 113 ? 1.856   -10.873 4.099   1.00 13.69 ? 94  GLY A C   1 
ATOM   759  O O   . GLY A 1 113 ? 1.323   -11.987 4.070   1.00 15.27 ? 94  GLY A O   1 
ATOM   760  N N   . TRP A 1 114 ? 1.984   -10.097 3.014   1.00 12.85 ? 95  TRP A N   1 
ATOM   761  C CA  . TRP A 1 114 ? 1.584   -10.541 1.679   1.00 12.27 ? 95  TRP A CA  1 
ATOM   762  C C   . TRP A 1 114 ? 2.334   -11.828 1.280   1.00 12.93 ? 95  TRP A C   1 
ATOM   763  O O   . TRP A 1 114 ? 1.718   -12.786 0.819   1.00 12.97 ? 95  TRP A O   1 
ATOM   764  C CB  . TRP A 1 114 ? 1.858   -9.394  0.678   1.00 11.89 ? 95  TRP A CB  1 
ATOM   765  C CG  . TRP A 1 114 ? 1.401   -9.600  -0.728  1.00 11.13 ? 95  TRP A CG  1 
ATOM   766  C CD1 . TRP A 1 114 ? 2.107   -10.190 -1.734  1.00 10.95 ? 95  TRP A CD1 1 
ATOM   767  C CD2 . TRP A 1 114 ? 0.156   -9.178  -1.308  1.00 10.81 ? 95  TRP A CD2 1 
ATOM   768  N NE1 . TRP A 1 114 ? 1.385   -10.178 -2.896  1.00 10.80 ? 95  TRP A NE1 1 
ATOM   769  C CE2 . TRP A 1 114 ? 0.192   -9.546  -2.668  1.00 10.94 ? 95  TRP A CE2 1 
ATOM   770  C CE3 . TRP A 1 114 ? -0.970  -8.489  -0.817  1.00 11.19 ? 95  TRP A CE3 1 
ATOM   771  C CZ2 . TRP A 1 114 ? -0.854  -9.263  -3.545  1.00 11.07 ? 95  TRP A CZ2 1 
ATOM   772  C CZ3 . TRP A 1 114 ? -2.019  -8.208  -1.708  1.00 11.43 ? 95  TRP A CZ3 1 
ATOM   773  C CH2 . TRP A 1 114 ? -1.951  -8.614  -3.037  1.00 11.40 ? 95  TRP A CH2 1 
ATOM   774  N N   . LYS A 1 115 ? 3.647   -11.840 1.500   1.00 13.06 ? 96  LYS A N   1 
ATOM   775  C CA  . LYS A 1 115 ? 4.475   -13.025 1.237   1.00 13.83 ? 96  LYS A CA  1 
ATOM   776  C C   . LYS A 1 115 ? 4.057   -14.212 2.096   1.00 14.83 ? 96  LYS A C   1 
ATOM   777  O O   . LYS A 1 115 ? 3.946   -15.325 1.571   1.00 14.71 ? 96  LYS A O   1 
ATOM   778  C CB  . LYS A 1 115 ? 5.962   -12.718 1.447   1.00 14.26 ? 96  LYS A CB  1 
ATOM   779  C CG  . LYS A 1 115 ? 6.548   -11.804 0.376   1.00 15.25 ? 96  LYS A CG  1 
ATOM   780  C CD  . LYS A 1 115 ? 7.818   -11.108 0.832   1.00 16.82 ? 96  LYS A CD  1 
ATOM   781  C CE  . LYS A 1 115 ? 9.005   -12.025 0.947   1.00 18.51 ? 96  LYS A CE  1 
ATOM   782  N NZ  . LYS A 1 115 ? 10.184  -11.274 1.451   1.00 18.15 ? 96  LYS A NZ  1 
ATOM   783  N N   . LYS A 1 116 ? 3.831   -13.973 3.391   1.00 16.32 ? 97  LYS A N   1 
ATOM   784  C CA  A LYS A 1 116 ? 3.456   -15.052 4.313   0.70 17.60 ? 97  LYS A CA  1 
ATOM   785  C CA  B LYS A 1 116 ? 3.420   -15.027 4.338   0.30 16.67 ? 97  LYS A CA  1 
ATOM   786  C C   . LYS A 1 116 ? 2.114   -15.691 3.912   1.00 17.28 ? 97  LYS A C   1 
ATOM   787  O O   . LYS A 1 116 ? 1.919   -16.891 4.135   1.00 18.30 ? 97  LYS A O   1 
ATOM   788  C CB  A LYS A 1 116 ? 3.435   -14.541 5.764   0.70 19.07 ? 97  LYS A CB  1 
ATOM   789  C CB  B LYS A 1 116 ? 3.266   -14.464 5.763   0.30 16.77 ? 97  LYS A CB  1 
ATOM   790  C CG  A LYS A 1 116 ? 3.553   -15.621 6.835   0.70 21.17 ? 97  LYS A CG  1 
ATOM   791  C CG  B LYS A 1 116 ? 2.750   -15.469 6.792   0.30 16.93 ? 97  LYS A CG  1 
ATOM   792  C CD  A LYS A 1 116 ? 3.986   -15.052 8.190   0.70 22.18 ? 97  LYS A CD  1 
ATOM   793  C CD  B LYS A 1 116 ? 2.638   -14.879 8.182   0.30 17.03 ? 97  LYS A CD  1 
ATOM   794  C CE  A LYS A 1 116 ? 5.503   -14.856 8.352   0.70 23.49 ? 97  LYS A CE  1 
ATOM   795  C CE  B LYS A 1 116 ? 2.184   -15.954 9.155   0.30 17.11 ? 97  LYS A CE  1 
ATOM   796  N NZ  A LYS A 1 116 ? 6.080   -13.556 7.876   0.70 23.09 ? 97  LYS A NZ  1 
ATOM   797  N NZ  B LYS A 1 116 ? 3.035   -17.165 9.007   0.30 17.30 ? 97  LYS A NZ  1 
ATOM   798  N N   . ALA A 1 117 ? 1.209   -14.911 3.301   1.00 16.34 ? 98  ALA A N   1 
ATOM   799  C CA  . ALA A 1 117 ? -0.074  -15.419 2.795   1.00 15.99 ? 98  ALA A CA  1 
ATOM   800  C C   . ALA A 1 117 ? 0.010   -16.206 1.481   1.00 15.86 ? 98  ALA A C   1 
ATOM   801  O O   . ALA A 1 117 ? -1.018  -16.692 0.993   1.00 17.30 ? 98  ALA A O   1 
ATOM   802  C CB  . ALA A 1 117 ? -1.057  -14.267 2.630   1.00 16.44 ? 98  ALA A CB  1 
ATOM   803  N N   . GLY A 1 118 ? 1.200   -16.276 0.873   1.00 14.77 ? 99  GLY A N   1 
ATOM   804  C CA  . GLY A 1 118 ? 1.410   -17.015 -0.353  1.00 14.30 ? 99  GLY A CA  1 
ATOM   805  C C   . GLY A 1 118 ? 0.990   -16.276 -1.598  1.00 14.11 ? 99  GLY A C   1 
ATOM   806  O O   . GLY A 1 118 ? 0.726   -16.885 -2.638  1.00 14.45 ? 99  GLY A O   1 
ATOM   807  N N   . LEU A 1 119 ? 0.946   -14.944 -1.513  1.00 13.70 ? 100 LEU A N   1 
ATOM   808  C CA  . LEU A 1 119 ? 0.610   -14.150 -2.688  1.00 13.80 ? 100 LEU A CA  1 
ATOM   809  C C   . LEU A 1 119 ? 1.880   -13.706 -3.424  1.00 13.52 ? 100 LEU A C   1 
ATOM   810  O O   . LEU A 1 119 ? 2.938   -13.562 -2.799  1.00 12.97 ? 100 LEU A O   1 
ATOM   811  C CB  . LEU A 1 119 ? -0.265  -12.966 -2.291  1.00 14.01 ? 100 LEU A CB  1 
ATOM   812  C CG  . LEU A 1 119 ? -1.584  -13.345 -1.595  1.00 14.56 ? 100 LEU A CG  1 
ATOM   813  C CD1 . LEU A 1 119 ? -2.435  -12.107 -1.349  1.00 14.99 ? 100 LEU A CD1 1 
ATOM   814  C CD2 . LEU A 1 119 ? -2.371  -14.376 -2.388  1.00 15.54 ? 100 LEU A CD2 1 
ATOM   815  N N   . PRO A 1 120 ? 1.781   -13.499 -4.753  1.00 13.73 ? 101 PRO A N   1 
ATOM   816  C CA  . PRO A 1 120 ? 2.998   -13.286 -5.539  1.00 13.90 ? 101 PRO A CA  1 
ATOM   817  C C   . PRO A 1 120 ? 3.712   -11.953 -5.318  1.00 13.57 ? 101 PRO A C   1 
ATOM   818  O O   . PRO A 1 120 ? 3.071   -10.910 -5.135  1.00 13.54 ? 101 PRO A O   1 
ATOM   819  C CB  . PRO A 1 120 ? 2.528   -13.375 -6.990  1.00 14.68 ? 101 PRO A CB  1 
ATOM   820  C CG  . PRO A 1 120 ? 1.151   -13.900 -6.958  1.00 15.24 ? 101 PRO A CG  1 
ATOM   821  C CD  . PRO A 1 120 ? 0.586   -13.605 -5.618  1.00 14.45 ? 101 PRO A CD  1 
ATOM   822  N N   . VAL A 1 121 ? 5.038   -12.005 -5.353  1.00 12.60 ? 102 VAL A N   1 
ATOM   823  C CA  . VAL A 1 121 ? 5.894   -10.822 -5.384  1.00 12.81 ? 102 VAL A CA  1 
ATOM   824  C C   . VAL A 1 121 ? 6.831   -10.909 -6.569  1.00 13.71 ? 102 VAL A C   1 
ATOM   825  O O   . VAL A 1 121 ? 7.022   -11.987 -7.128  1.00 13.92 ? 102 VAL A O   1 
ATOM   826  C CB  . VAL A 1 121 ? 6.699   -10.582 -4.091  1.00 12.58 ? 102 VAL A CB  1 
ATOM   827  C CG1 . VAL A 1 121 ? 5.753   -10.286 -2.943  1.00 12.45 ? 102 VAL A CG1 1 
ATOM   828  C CG2 . VAL A 1 121 ? 7.628   -11.746 -3.744  1.00 12.76 ? 102 VAL A CG2 1 
ATOM   829  N N   . ALA A 1 122 ? 7.397   -9.757  -6.930  1.00 13.63 ? 103 ALA A N   1 
ATOM   830  C CA  . ALA A 1 122 ? 8.382   -9.625  -8.003  1.00 14.81 ? 103 ALA A CA  1 
ATOM   831  C C   . ALA A 1 122 ? 9.731   -9.254  -7.378  1.00 16.16 ? 103 ALA A C   1 
ATOM   832  O O   . ALA A 1 122 ? 9.863   -8.190  -6.760  1.00 15.59 ? 103 ALA A O   1 
ATOM   833  C CB  . ALA A 1 122 ? 7.940   -8.569  -9.009  1.00 15.06 ? 103 ALA A CB  1 
ATOM   834  N N   . VAL A 1 123 ? 10.716  -10.153 -7.521  1.00 18.40 ? 104 VAL A N   1 
ATOM   835  C CA  . VAL A 1 123 ? 12.066  -10.032 -6.924  1.00 20.47 ? 104 VAL A CA  1 
ATOM   836  C C   . VAL A 1 123 ? 13.048  -9.694  -8.057  1.00 23.10 ? 104 VAL A C   1 
ATOM   837  O O   . VAL A 1 123 ? 12.973  -10.297 -9.132  1.00 23.51 ? 104 VAL A O   1 
ATOM   838  C CB  . VAL A 1 123 ? 12.477  -11.356 -6.220  1.00 21.30 ? 104 VAL A CB  1 
ATOM   839  C CG1 . VAL A 1 123 ? 13.909  -11.295 -5.690  1.00 22.03 ? 104 VAL A CG1 1 
ATOM   840  C CG2 . VAL A 1 123 ? 11.503  -11.692 -5.095  1.00 21.57 ? 104 VAL A CG2 1 
ATOM   841  N N   . ASN A 1 124 ? 13.947  -8.739  -7.824  1.00 25.30 ? 105 ASN A N   1 
ATOM   842  C CA  A ASN A 1 124 ? 14.913  -8.305  -8.848  0.44 26.85 ? 105 ASN A CA  1 
ATOM   843  C CA  B ASN A 1 124 ? 14.903  -8.307  -8.863  0.56 26.89 ? 105 ASN A CA  1 
ATOM   844  C C   . ASN A 1 124 ? 15.714  -9.465  -9.442  1.00 27.96 ? 105 ASN A C   1 
ATOM   845  O O   . ASN A 1 124 ? 16.134  -10.358 -8.718  1.00 30.37 ? 105 ASN A O   1 
ATOM   846  C CB  A ASN A 1 124 ? 15.858  -7.204  -8.314  0.44 27.72 ? 105 ASN A CB  1 
ATOM   847  C CB  B ASN A 1 124 ? 15.866  -7.250  -8.321  0.56 27.75 ? 105 ASN A CB  1 
ATOM   848  C CG  A ASN A 1 124 ? 16.653  -7.618  -7.074  0.44 28.12 ? 105 ASN A CG  1 
ATOM   849  C CG  B ASN A 1 124 ? 16.830  -6.739  -9.388  0.56 28.35 ? 105 ASN A CG  1 
ATOM   850  O OD1 A ASN A 1 124 ? 16.500  -8.717  -6.542  0.44 30.03 ? 105 ASN A OD1 1 
ATOM   851  O OD1 B ASN A 1 124 ? 16.404  -6.199  -10.408 0.56 28.92 ? 105 ASN A OD1 1 
ATOM   852  N ND2 A ASN A 1 124 ? 17.511  -6.716  -6.604  0.44 28.89 ? 105 ASN A ND2 1 
ATOM   853  N ND2 B ASN A 1 124 ? 18.126  -6.912  -9.160  0.56 29.07 ? 105 ASN A ND2 1 
HETATM 854  O O   . HOH B 2 .   ? -12.743 -0.865  -5.364  1.00 36.16 ? 201 HOH A O   1 
HETATM 855  O O   . HOH B 2 .   ? 11.211  -0.235  4.898   1.00 32.30 ? 202 HOH A O   1 
HETATM 856  O O   . HOH B 2 .   ? -20.184 -7.783  -7.574  1.00 38.83 ? 203 HOH A O   1 
HETATM 857  O O   . HOH B 2 .   ? 2.728   14.161  -5.503  1.00 28.32 ? 204 HOH A O   1 
HETATM 858  O O   . HOH B 2 .   ? -6.231  -7.005  9.196   1.00 32.75 ? 205 HOH A O   1 
HETATM 859  O O   . HOH B 2 .   ? -0.280  -1.578  8.646   1.00 31.65 ? 206 HOH A O   1 
HETATM 860  O O   . HOH B 2 .   ? 12.122  8.991   0.242   1.00 23.28 ? 207 HOH A O   1 
HETATM 861  O O   . HOH B 2 .   ? 2.090   8.293   -14.572 1.00 34.63 ? 208 HOH A O   1 
HETATM 862  O O   . HOH B 2 .   ? -8.301  1.291   -10.376 1.00 19.47 ? 209 HOH A O   1 
HETATM 863  O O   . HOH B 2 .   ? -15.920 3.045   -0.466  1.00 32.51 ? 210 HOH A O   1 
HETATM 864  O O   . HOH B 2 .   ? 4.696   -7.450  11.040  1.00 33.37 ? 211 HOH A O   1 
HETATM 865  O O   . HOH B 2 .   ? 8.125   -9.081  9.174   1.00 23.04 ? 212 HOH A O   1 
HETATM 866  O O   . HOH B 2 .   ? -0.810  -10.287 7.097   1.00 21.62 ? 213 HOH A O   1 
HETATM 867  O O   . HOH B 2 .   ? 6.377   -5.892  -11.337 1.00 26.62 ? 214 HOH A O   1 
HETATM 868  O O   . HOH B 2 .   ? -3.077  2.626   -10.436 1.00 25.59 ? 215 HOH A O   1 
HETATM 869  O O   . HOH B 2 .   ? 0.538   -10.434 -6.594  1.00 25.24 ? 216 HOH A O   1 
HETATM 870  O O   . HOH B 2 .   ? 4.306   -2.823  -8.642  1.00 15.50 ? 217 HOH A O   1 
HETATM 871  O O   . HOH B 2 .   ? 12.802  -2.804  2.970   1.00 26.01 ? 218 HOH A O   1 
HETATM 872  O O   . HOH B 2 .   ? 20.235  1.712   -1.831  1.00 25.07 ? 219 HOH A O   1 
HETATM 873  O O   . HOH B 2 .   ? -2.987  15.218  -9.231  1.00 31.13 ? 220 HOH A O   1 
HETATM 874  O O   . HOH B 2 .   ? -14.927 5.828   -1.078  1.00 25.84 ? 221 HOH A O   1 
HETATM 875  O O   . HOH B 2 .   ? 19.367  -2.110  -3.673  1.00 31.54 ? 222 HOH A O   1 
HETATM 876  O O   . HOH B 2 .   ? 4.853   7.254   -11.477 1.00 19.76 ? 223 HOH A O   1 
HETATM 877  O O   . HOH B 2 .   ? -15.268 0.502   -5.721  1.00 34.60 ? 224 HOH A O   1 
HETATM 878  O O   . HOH B 2 .   ? 8.747   10.941  5.353   1.00 36.33 ? 225 HOH A O   1 
HETATM 879  O O   . HOH B 2 .   ? 1.520   -2.159  5.541   1.00 13.77 ? 226 HOH A O   1 
HETATM 880  O O   . HOH B 2 .   ? -9.222  -7.957  6.319   1.00 19.86 ? 227 HOH A O   1 
HETATM 881  O O   . HOH B 2 .   ? 10.826  -6.763  0.591   1.00 19.40 ? 228 HOH A O   1 
HETATM 882  O O   . HOH B 2 .   ? -8.402  9.874   -2.558  1.00 17.48 ? 229 HOH A O   1 
HETATM 883  O O   . HOH B 2 .   ? -4.787  -13.155 3.823   1.00 19.09 ? 230 HOH A O   1 
HETATM 884  O O   . HOH B 2 .   ? 11.275  -7.367  7.000   1.00 25.23 ? 231 HOH A O   1 
HETATM 885  O O   . HOH B 2 .   ? 9.716   5.644   1.974   1.00 15.65 ? 232 HOH A O   1 
HETATM 886  O O   . HOH B 2 .   ? -0.159  -12.907 6.176   1.00 19.67 ? 233 HOH A O   1 
HETATM 887  O O   . HOH B 2 .   ? 8.783   15.131  2.737   1.00 22.05 ? 234 HOH A O   1 
HETATM 888  O O   . HOH B 2 .   ? 11.503  -6.334  -8.262  1.00 19.46 ? 235 HOH A O   1 
HETATM 889  O O   . HOH B 2 .   ? -6.408  -8.787  -6.993  1.00 25.61 ? 236 HOH A O   1 
HETATM 890  O O   . HOH B 2 .   ? 10.874  -9.870  3.972   1.00 25.86 ? 237 HOH A O   1 
HETATM 891  O O   . HOH B 2 .   ? 11.557  12.544  -0.957  1.00 32.52 ? 238 HOH A O   1 
HETATM 892  O O   . HOH B 2 .   ? 17.300  -1.500  -5.446  1.00 23.67 ? 239 HOH A O   1 
HETATM 893  O O   . HOH B 2 .   ? -8.401  -12.906 5.272   1.00 36.09 ? 240 HOH A O   1 
HETATM 894  O O   . HOH B 2 .   ? 16.004  3.566   1.043   1.00 25.41 ? 241 HOH A O   1 
HETATM 895  O O   . HOH B 2 .   ? 0.143   -4.313  10.066  1.00 28.80 ? 242 HOH A O   1 
HETATM 896  O O   . HOH B 2 .   ? -14.924 -2.818  -3.418  1.00 27.89 ? 243 HOH A O   1 
HETATM 897  O O   . HOH B 2 .   ? 14.545  -3.894  1.039   1.00 33.33 ? 244 HOH A O   1 
HETATM 898  O O   . HOH B 2 .   ? -9.336  9.951   6.028   1.00 18.69 ? 245 HOH A O   1 
HETATM 899  O O   . HOH B 2 .   ? 3.360   5.388   -8.958  1.00 17.93 ? 246 HOH A O   1 
HETATM 900  O O   . HOH B 2 .   ? 6.902   15.659  -5.695  1.00 22.19 ? 247 HOH A O   1 
HETATM 901  O O   . HOH B 2 .   ? 5.289   -14.652 -1.830  1.00 29.75 ? 248 HOH A O   1 
HETATM 902  O O   . HOH B 2 .   ? 4.202   -4.004  -11.604 1.00 28.67 ? 249 HOH A O   1 
HETATM 903  O O   . HOH B 2 .   ? 0.746   19.218  -4.831  1.00 31.52 ? 250 HOH A O   1 
HETATM 904  O O   . HOH B 2 .   ? 2.902   3.245   -10.603 1.00 31.86 ? 251 HOH A O   1 
HETATM 905  O O   . HOH B 2 .   ? -2.674  14.082  -0.736  1.00 14.04 ? 252 HOH A O   1 
HETATM 906  O O   . HOH B 2 .   ? 10.181  -13.596 -2.158  1.00 21.57 ? 253 HOH A O   1 
HETATM 907  O O   . HOH B 2 .   ? -3.920  15.550  -3.845  1.00 38.59 ? 254 HOH A O   1 
HETATM 908  O O   . HOH B 2 .   ? 3.035   15.232  6.717   1.00 23.20 ? 255 HOH A O   1 
HETATM 909  O O   . HOH B 2 .   ? 10.971  3.219   3.594   1.00 28.78 ? 256 HOH A O   1 
HETATM 910  O O   . HOH B 2 .   ? -2.507  -0.234  -7.417  1.00 11.83 ? 257 HOH A O   1 
HETATM 911  O O   . HOH B 2 .   ? -13.487 0.499   5.944   1.00 31.55 ? 258 HOH A O   1 
HETATM 912  O O   . HOH B 2 .   ? 4.085   -11.608 8.196   1.00 34.00 ? 259 HOH A O   1 
HETATM 913  O O   . HOH B 2 .   ? 4.959   -3.275  -3.569  1.00 9.10  ? 260 HOH A O   1 
HETATM 914  O O   . HOH B 2 .   ? -13.158 0.646   -9.521  1.00 23.99 ? 261 HOH A O   1 
HETATM 915  O O   . HOH B 2 .   ? -11.500 2.326   6.288   1.00 31.58 ? 262 HOH A O   1 
HETATM 916  O O   . HOH B 2 .   ? 1.887   16.574  4.383   1.00 17.84 ? 263 HOH A O   1 
HETATM 917  O O   . HOH B 2 .   ? -4.970  -1.184  -8.485  1.00 20.49 ? 264 HOH A O   1 
HETATM 918  O O   . HOH B 2 .   ? 7.213   -12.917 5.025   1.00 20.95 ? 265 HOH A O   1 
HETATM 919  O O   . HOH B 2 .   ? 7.490   -2.266  8.756   1.00 23.34 ? 266 HOH A O   1 
HETATM 920  O O   . HOH B 2 .   ? -8.208  -13.009 -2.362  1.00 23.97 ? 267 HOH A O   1 
HETATM 921  O O   . HOH B 2 .   ? 17.322  0.351   1.581   1.00 32.37 ? 268 HOH A O   1 
HETATM 922  O O   . HOH B 2 .   ? 7.424   17.680  3.112   1.00 34.97 ? 269 HOH A O   1 
HETATM 923  O O   . HOH B 2 .   ? 13.428  -11.346 -1.469  1.00 36.94 ? 270 HOH A O   1 
HETATM 924  O O   . HOH B 2 .   ? -10.855 9.349   -3.679  1.00 18.11 ? 271 HOH A O   1 
HETATM 925  O O   . HOH B 2 .   ? 12.721  6.535   -3.743  1.00 25.29 ? 272 HOH A O   1 
HETATM 926  O O   . HOH B 2 .   ? -6.346  14.339  0.449   1.00 12.53 ? 273 HOH A O   1 
HETATM 927  O O   . HOH B 2 .   ? -2.345  -18.294 -0.945  1.00 35.00 ? 274 HOH A O   1 
HETATM 928  O O   . HOH B 2 .   ? -4.551  -12.697 7.984   1.00 38.33 ? 275 HOH A O   1 
HETATM 929  O O   . HOH B 2 .   ? -12.249 -7.429  0.499   1.00 22.44 ? 276 HOH A O   1 
HETATM 930  O O   . HOH B 2 .   ? 0.205   -19.686 -2.798  1.00 21.72 ? 277 HOH A O   1 
HETATM 931  O O   . HOH B 2 .   ? -8.666  10.110  -9.851  1.00 35.37 ? 278 HOH A O   1 
HETATM 932  O O   . HOH B 2 .   ? -13.571 4.137   -10.175 1.00 27.45 ? 279 HOH A O   1 
HETATM 933  O O   . HOH B 2 .   ? 9.719   8.296   2.724   1.00 22.18 ? 280 HOH A O   1 
HETATM 934  O O   . HOH B 2 .   ? 12.563  -4.979  -0.648  1.00 18.08 ? 281 HOH A O   1 
HETATM 935  O O   . HOH B 2 .   ? 1.705   -1.451  -10.939 1.00 31.89 ? 282 HOH A O   1 
HETATM 936  O O   . HOH B 2 .   ? 0.193   -19.088 3.467   1.00 29.71 ? 283 HOH A O   1 
HETATM 937  O O   . HOH B 2 .   ? -14.011 -7.156  -1.812  1.00 36.16 ? 284 HOH A O   1 
HETATM 938  O O   . HOH B 2 .   ? -12.507 -10.964 -6.577  1.00 40.31 ? 285 HOH A O   1 
HETATM 939  O O   . HOH B 2 .   ? -0.881  8.432   13.305  1.00 29.14 ? 286 HOH A O   1 
HETATM 940  O O   . HOH B 2 .   ? 6.526   0.948   15.650  1.00 34.17 ? 287 HOH A O   1 
HETATM 941  O O   . HOH B 2 .   ? -15.017 2.228   -7.862  1.00 23.52 ? 288 HOH A O   1 
HETATM 942  O O   . HOH B 2 .   ? -1.447  16.025  -5.057  1.00 29.57 ? 289 HOH A O   1 
HETATM 943  O O   . HOH B 2 .   ? 13.372  -4.490  -10.254 1.00 30.20 ? 290 HOH A O   1 
HETATM 944  O O   . HOH B 2 .   ? 9.571   -12.877 -8.195  1.00 28.57 ? 291 HOH A O   1 
HETATM 945  O O   . HOH B 2 .   ? -2.510  5.018   -11.929 1.00 38.94 ? 292 HOH A O   1 
HETATM 946  O O   . HOH B 2 .   ? 5.853   -12.411 -9.757  1.00 28.33 ? 293 HOH A O   1 
HETATM 947  O O   . HOH B 2 .   ? 0.489   15.768  1.856   1.00 15.35 ? 294 HOH A O   1 
HETATM 948  O O   . HOH B 2 .   ? -15.299 7.396   1.153   1.00 26.07 ? 295 HOH A O   1 
HETATM 949  O O   . HOH B 2 .   ? -12.063 8.146   -7.714  1.00 25.64 ? 296 HOH A O   1 
HETATM 950  O O   . HOH B 2 .   ? -7.072  -5.637  -10.524 1.00 27.74 ? 297 HOH A O   1 
HETATM 951  O O   . HOH B 2 .   ? -5.874  7.638   11.233  1.00 30.16 ? 298 HOH A O   1 
HETATM 952  O O   . HOH B 2 .   ? 4.895   1.636   -9.326  1.00 19.52 ? 299 HOH A O   1 
HETATM 953  O O   . HOH B 2 .   ? 12.890  -13.128 -9.919  1.00 38.12 ? 300 HOH A O   1 
HETATM 954  O O   . HOH B 2 .   ? 0.459   10.288  11.468  1.00 28.15 ? 301 HOH A O   1 
HETATM 955  O O   . HOH B 2 .   ? 17.055  -3.858  -7.183  1.00 30.48 ? 302 HOH A O   1 
HETATM 956  O O   . HOH B 2 .   ? 4.411   -3.607  12.344  1.00 42.82 ? 303 HOH A O   1 
HETATM 957  O O   . HOH B 2 .   ? -10.429 -5.342  6.533   1.00 34.10 ? 304 HOH A O   1 
HETATM 958  O O   . HOH B 2 .   ? 4.941   19.280  3.442   1.00 33.35 ? 305 HOH A O   1 
HETATM 959  O O   . HOH B 2 .   ? -8.377  -2.753  11.887  1.00 28.43 ? 306 HOH A O   1 
HETATM 960  O O   . HOH B 2 .   ? -11.320 5.363   5.590   1.00 22.61 ? 307 HOH A O   1 
HETATM 961  O O   . HOH B 2 .   ? -6.026  12.478  9.444   1.00 28.67 ? 308 HOH A O   1 
HETATM 962  O O   . HOH B 2 .   ? 8.314   -2.246  -11.545 1.00 34.32 ? 309 HOH A O   1 
HETATM 963  O O   . HOH B 2 .   ? 8.661   0.048   5.485   1.00 22.73 ? 310 HOH A O   1 
HETATM 964  O O   . HOH B 2 .   ? -5.784  0.241   -10.647 1.00 32.16 ? 311 HOH A O   1 
HETATM 965  O O   . HOH B 2 .   ? -1.658  12.197  -11.633 1.00 23.74 ? 312 HOH A O   1 
HETATM 966  O O   . HOH B 2 .   ? 1.022   19.142  -1.200  1.00 21.81 ? 313 HOH A O   1 
HETATM 967  O O   . HOH B 2 .   ? 15.653  4.847   -3.517  1.00 12.08 ? 314 HOH A O   1 
HETATM 968  O O   . HOH B 2 .   ? -8.629  3.908   -11.253 1.00 33.78 ? 315 HOH A O   1 
HETATM 969  O O   . HOH B 2 .   ? 0.400   -10.863 -9.329  1.00 32.90 ? 316 HOH A O   1 
HETATM 970  O O   . HOH B 2 .   ? 8.776   -12.000 9.102   1.00 42.00 ? 317 HOH A O   1 
HETATM 971  O O   . HOH B 2 .   ? 15.448  -3.121  -11.389 1.00 31.69 ? 318 HOH A O   1 
HETATM 972  O O   . HOH B 2 .   ? 11.366  -4.856  8.672   1.00 38.80 ? 319 HOH A O   1 
HETATM 973  O O   . HOH B 2 .   ? 6.939   -15.366 3.774   1.00 27.82 ? 320 HOH A O   1 
HETATM 974  O O   . HOH B 2 .   ? -10.165 -2.846  -11.728 1.00 22.45 ? 321 HOH A O   1 
HETATM 975  O O   . HOH B 2 .   ? 12.883  -7.855  2.479   1.00 37.05 ? 322 HOH A O   1 
HETATM 976  O O   . HOH B 2 .   ? -5.196  5.179   7.943   1.00 34.37 ? 323 HOH A O   1 
HETATM 977  O O   . HOH B 2 .   ? 0.734   15.709  -7.227  1.00 31.35 ? 324 HOH A O   1 
HETATM 978  O O   . HOH B 2 .   ? -8.065  13.118  7.293   1.00 28.40 ? 325 HOH A O   1 
HETATM 979  O O   . HOH B 2 .   ? 13.016  -6.478  5.125   1.00 33.53 ? 326 HOH A O   1 
HETATM 980  O O   . HOH B 2 .   ? -9.471  -11.990 -5.023  1.00 33.32 ? 327 HOH A O   1 
HETATM 981  O O   . HOH B 2 .   ? 17.353  -2.618  -9.645  1.00 25.34 ? 328 HOH A O   1 
HETATM 982  O O   . HOH B 2 .   ? 10.027  14.776  -1.607  1.00 26.32 ? 329 HOH A O   1 
HETATM 983  O O   . HOH B 2 .   ? -15.821 -5.036  -1.925  1.00 25.31 ? 330 HOH A O   1 
HETATM 984  O O   . HOH B 2 .   ? 11.211  -7.271  -10.793 1.00 34.43 ? 331 HOH A O   1 
HETATM 985  O O   . HOH B 2 .   ? -13.287 9.956   -2.755  1.00 22.65 ? 332 HOH A O   1 
HETATM 986  O O   . HOH B 2 .   ? -6.473  -7.997  -9.589  1.00 23.43 ? 333 HOH A O   1 
HETATM 987  O O   . HOH B 2 .   ? 1.938   -21.051 9.337   1.00 38.80 ? 334 HOH A O   1 
HETATM 988  O O   . HOH B 2 .   ? 8.999   -6.628  -12.502 1.00 37.92 ? 335 HOH A O   1 
HETATM 989  O O   . HOH B 2 .   ? 10.775  15.952  0.900   1.00 31.54 ? 336 HOH A O   1 
HETATM 990  O O   . HOH B 2 .   ? 5.475   -9.634  9.603   1.00 42.21 ? 337 HOH A O   1 
HETATM 991  O O   . HOH B 2 .   ? -2.923  -13.742 5.814   1.00 27.87 ? 338 HOH A O   1 
HETATM 992  O O   . HOH B 2 .   ? 10.908  -3.360  -11.356 1.00 33.42 ? 339 HOH A O   1 
HETATM 993  O O   . HOH B 2 .   ? 8.838   15.789  -3.625  1.00 27.56 ? 340 HOH A O   1 
HETATM 994  O O   . HOH B 2 .   ? 14.054  -3.790  5.314   1.00 36.85 ? 341 HOH A O   1 
HETATM 995  O O   . HOH B 2 .   ? 5.371   5.538   -14.855 1.00 28.91 ? 342 HOH A O   1 
HETATM 996  O O   . HOH B 2 .   ? 8.418   -15.841 1.405   1.00 22.69 ? 343 HOH A O   1 
HETATM 997  O O   . HOH B 2 .   ? 9.649   -7.813  11.234  1.00 36.74 ? 344 HOH A O   1 
HETATM 998  O O   . HOH B 2 .   ? 12.057  -2.232  6.908   1.00 33.88 ? 345 HOH A O   1 
HETATM 999  O O   . HOH B 2 .   ? -2.592  -16.626 5.387   1.00 34.41 ? 346 HOH A O   1 
HETATM 1000 O O   . HOH B 2 .   ? 5.745   -8.473  -12.044 1.00 28.60 ? 347 HOH A O   1 
# 
